data_2WBX
# 
_entry.id   2WBX 
# 
_audit_conform.dict_name       mmcif_pdbx.dic 
_audit_conform.dict_version    5.382 
_audit_conform.dict_location   http://mmcif.pdb.org/dictionaries/ascii/mmcif_pdbx.dic 
# 
loop_
_database_2.database_id 
_database_2.database_code 
_database_2.pdbx_database_accession 
_database_2.pdbx_DOI 
PDB   2WBX         pdb_00002wbx 10.2210/pdb2wbx/pdb 
PDBE  EBI-38964    ?            ?                   
WWPDB D_1290038964 ?            ?                   
# 
_pdbx_database_related.db_name        PDB 
_pdbx_database_related.db_id          2WCP 
_pdbx_database_related.content_type   unspecified 
_pdbx_database_related.details        'CRYSTAL STRUCTURE OF MOUSE CADHERIN-23 EC1-2' 
# 
_pdbx_database_status.status_code                     REL 
_pdbx_database_status.entry_id                        2WBX 
_pdbx_database_status.deposit_site                    PDBE 
_pdbx_database_status.process_site                    PDBE 
_pdbx_database_status.SG_entry                        . 
_pdbx_database_status.recvd_initial_deposition_date   2009-03-05 
_pdbx_database_status.pdb_format_compatible           Y 
_pdbx_database_status.status_code_sf                  REL 
_pdbx_database_status.status_code_mr                  ? 
_pdbx_database_status.status_code_cs                  ? 
_pdbx_database_status.methods_development_category    ? 
_pdbx_database_status.status_code_nmr_data            ? 
# 
loop_
_audit_author.name 
_audit_author.pdbx_ordinal 
'Sotomayor, M.' 1 
'Weihofen, W.'  2 
'Gaudet, R.'    3 
'Corey, D.P.'   4 
# 
_citation.id                        primary 
_citation.title                     'Structural Determinants of Cadherin-23 Function in Hearing and Deafness.' 
_citation.journal_abbrev            Neuron 
_citation.journal_volume            66 
_citation.page_first                85 
_citation.page_last                 ? 
_citation.year                      2010 
_citation.journal_id_ASTM           NERNET 
_citation.country                   US 
_citation.journal_id_ISSN           0896-6273 
_citation.journal_id_CSD            2038 
_citation.book_publisher            ? 
_citation.pdbx_database_id_PubMed   20399731 
_citation.pdbx_database_id_DOI      10.1016/J.NEURON.2010.03.028 
# 
loop_
_citation_author.citation_id 
_citation_author.name 
_citation_author.ordinal 
_citation_author.identifier_ORCID 
primary 'Sotomayor, M.' 1 ? 
primary 'Weihofen, W.'  2 ? 
primary 'Gaudet, R.'    3 ? 
primary 'Corey, D.P.'   4 ? 
# 
_cell.entry_id           2WBX 
_cell.length_a           45.891 
_cell.length_b           49.540 
_cell.length_c           45.883 
_cell.angle_alpha        90.00 
_cell.angle_beta         98.97 
_cell.angle_gamma        90.00 
_cell.Z_PDB              4 
_cell.pdbx_unique_axis   ? 
# 
_symmetry.entry_id                         2WBX 
_symmetry.space_group_name_H-M             'C 1 2 1' 
_symmetry.pdbx_full_space_group_name_H-M   ? 
_symmetry.cell_setting                     ? 
_symmetry.Int_Tables_number                5 
# 
loop_
_entity.id 
_entity.type 
_entity.src_method 
_entity.pdbx_description 
_entity.formula_weight 
_entity.pdbx_number_of_molecules 
_entity.pdbx_ec 
_entity.pdbx_mutation 
_entity.pdbx_fragment 
_entity.details 
1 polymer     man CADHERIN-23   11548.818 1   ? ? 'EC1, RESIDUES 24-124' 
;CDH23 ECTODOMAIN 1 (EC1) CONSTRUCT DOES NOT CONTAIN PREDICTED SIGNAL SEQUENCE. THE N-TEMRINAL METHIONINE IS A CLONING ARTIFACT. ASPARTATE 102 WAS SELECTED AS THE C-TERMINAL RESIDUE OF ECTODOMAIN 1 (EC1) AND IS FOLLOWED BY A 6-HIS-TAG.
;
2 non-polymer syn 'CALCIUM ION' 40.078    1   ? ? ?                      ? 
3 water       nat water         18.015    105 ? ? ?                      ? 
# 
_entity_name_com.entity_id   1 
_entity_name_com.name        OTOCADHERIN 
# 
_entity_poly.entity_id                      1 
_entity_poly.type                           'polypeptide(L)' 
_entity_poly.nstd_linkage                   no 
_entity_poly.nstd_monomer                   no 
_entity_poly.pdbx_seq_one_letter_code       
;MQVNRLPFFTNHFFDTYLLISEDTPVGSSVTQLLARDMDNDPLVFGVSGEEASRFFAVEPDTGVVWLRQPLDRETKSEFT
VEFSVSDHQGVITRKVNIQVGD
;
_entity_poly.pdbx_seq_one_letter_code_can   
;MQVNRLPFFTNHFFDTYLLISEDTPVGSSVTQLLARDMDNDPLVFGVSGEEASRFFAVEPDTGVVWLRQPLDRETKSEFT
VEFSVSDHQGVITRKVNIQVGD
;
_entity_poly.pdbx_strand_id                 A 
_entity_poly.pdbx_target_identifier         ? 
# 
loop_
_entity_poly_seq.entity_id 
_entity_poly_seq.num 
_entity_poly_seq.mon_id 
_entity_poly_seq.hetero 
1 1   MET n 
1 2   GLN n 
1 3   VAL n 
1 4   ASN n 
1 5   ARG n 
1 6   LEU n 
1 7   PRO n 
1 8   PHE n 
1 9   PHE n 
1 10  THR n 
1 11  ASN n 
1 12  HIS n 
1 13  PHE n 
1 14  PHE n 
1 15  ASP n 
1 16  THR n 
1 17  TYR n 
1 18  LEU n 
1 19  LEU n 
1 20  ILE n 
1 21  SER n 
1 22  GLU n 
1 23  ASP n 
1 24  THR n 
1 25  PRO n 
1 26  VAL n 
1 27  GLY n 
1 28  SER n 
1 29  SER n 
1 30  VAL n 
1 31  THR n 
1 32  GLN n 
1 33  LEU n 
1 34  LEU n 
1 35  ALA n 
1 36  ARG n 
1 37  ASP n 
1 38  MET n 
1 39  ASP n 
1 40  ASN n 
1 41  ASP n 
1 42  PRO n 
1 43  LEU n 
1 44  VAL n 
1 45  PHE n 
1 46  GLY n 
1 47  VAL n 
1 48  SER n 
1 49  GLY n 
1 50  GLU n 
1 51  GLU n 
1 52  ALA n 
1 53  SER n 
1 54  ARG n 
1 55  PHE n 
1 56  PHE n 
1 57  ALA n 
1 58  VAL n 
1 59  GLU n 
1 60  PRO n 
1 61  ASP n 
1 62  THR n 
1 63  GLY n 
1 64  VAL n 
1 65  VAL n 
1 66  TRP n 
1 67  LEU n 
1 68  ARG n 
1 69  GLN n 
1 70  PRO n 
1 71  LEU n 
1 72  ASP n 
1 73  ARG n 
1 74  GLU n 
1 75  THR n 
1 76  LYS n 
1 77  SER n 
1 78  GLU n 
1 79  PHE n 
1 80  THR n 
1 81  VAL n 
1 82  GLU n 
1 83  PHE n 
1 84  SER n 
1 85  VAL n 
1 86  SER n 
1 87  ASP n 
1 88  HIS n 
1 89  GLN n 
1 90  GLY n 
1 91  VAL n 
1 92  ILE n 
1 93  THR n 
1 94  ARG n 
1 95  LYS n 
1 96  VAL n 
1 97  ASN n 
1 98  ILE n 
1 99  GLN n 
1 100 VAL n 
1 101 GLY n 
1 102 ASP n 
# 
_entity_src_gen.entity_id                          1 
_entity_src_gen.pdbx_src_id                        1 
_entity_src_gen.pdbx_alt_source_flag               sample 
_entity_src_gen.pdbx_seq_type                      ? 
_entity_src_gen.pdbx_beg_seq_num                   ? 
_entity_src_gen.pdbx_end_seq_num                   ? 
_entity_src_gen.gene_src_common_name               MOUSE 
_entity_src_gen.gene_src_genus                     ? 
_entity_src_gen.pdbx_gene_src_gene                 ? 
_entity_src_gen.gene_src_species                   ? 
_entity_src_gen.gene_src_strain                    ? 
_entity_src_gen.gene_src_tissue                    ? 
_entity_src_gen.gene_src_tissue_fraction           ? 
_entity_src_gen.gene_src_details                   ? 
_entity_src_gen.pdbx_gene_src_fragment             ? 
_entity_src_gen.pdbx_gene_src_scientific_name      'MUS MUSCULUS' 
_entity_src_gen.pdbx_gene_src_ncbi_taxonomy_id     10090 
_entity_src_gen.pdbx_gene_src_variant              ? 
_entity_src_gen.pdbx_gene_src_cell_line            ? 
_entity_src_gen.pdbx_gene_src_atcc                 ? 
_entity_src_gen.pdbx_gene_src_organ                ? 
_entity_src_gen.pdbx_gene_src_organelle            ? 
_entity_src_gen.pdbx_gene_src_cell                 ? 
_entity_src_gen.pdbx_gene_src_cellular_location    ? 
_entity_src_gen.host_org_common_name               ? 
_entity_src_gen.pdbx_host_org_scientific_name      'ESCHERICHIA COLI' 
_entity_src_gen.pdbx_host_org_ncbi_taxonomy_id     469008 
_entity_src_gen.host_org_genus                     ? 
_entity_src_gen.pdbx_host_org_gene                 ? 
_entity_src_gen.pdbx_host_org_organ                ? 
_entity_src_gen.host_org_species                   ? 
_entity_src_gen.pdbx_host_org_tissue               ? 
_entity_src_gen.pdbx_host_org_tissue_fraction      ? 
_entity_src_gen.pdbx_host_org_strain               'BL21(DE3)' 
_entity_src_gen.pdbx_host_org_variant              ? 
_entity_src_gen.pdbx_host_org_cell_line            ? 
_entity_src_gen.pdbx_host_org_atcc                 ? 
_entity_src_gen.pdbx_host_org_culture_collection   ? 
_entity_src_gen.pdbx_host_org_cell                 ? 
_entity_src_gen.pdbx_host_org_organelle            ? 
_entity_src_gen.pdbx_host_org_cellular_location    ? 
_entity_src_gen.pdbx_host_org_vector_type          ? 
_entity_src_gen.pdbx_host_org_vector               ? 
_entity_src_gen.host_org_details                   ? 
_entity_src_gen.expression_system_id               ? 
_entity_src_gen.plasmid_name                       PET21A 
_entity_src_gen.plasmid_details                    ? 
_entity_src_gen.pdbx_description                   ? 
# 
loop_
_struct_ref.id 
_struct_ref.db_name 
_struct_ref.db_code 
_struct_ref.entity_id 
_struct_ref.pdbx_seq_one_letter_code 
_struct_ref.pdbx_align_begin 
_struct_ref.pdbx_db_accession 
_struct_ref.pdbx_db_isoform 
1 PDB 2WBX        1 ? ? 2WBX   ? 
2 UNP CAD23_MOUSE 1 ? ? Q99PF4 ? 
# 
loop_
_struct_ref_seq.align_id 
_struct_ref_seq.ref_id 
_struct_ref_seq.pdbx_PDB_id_code 
_struct_ref_seq.pdbx_strand_id 
_struct_ref_seq.seq_align_beg 
_struct_ref_seq.pdbx_seq_align_beg_ins_code 
_struct_ref_seq.seq_align_end 
_struct_ref_seq.pdbx_seq_align_end_ins_code 
_struct_ref_seq.pdbx_db_accession 
_struct_ref_seq.db_align_beg 
_struct_ref_seq.pdbx_db_align_beg_ins_code 
_struct_ref_seq.db_align_end 
_struct_ref_seq.pdbx_db_align_end_ins_code 
_struct_ref_seq.pdbx_auth_seq_align_beg 
_struct_ref_seq.pdbx_auth_seq_align_end 
1 1 2WBX A 1 ? 1   ? 2WBX   1  ? 1   ? 1 1   
2 2 2WBX A 2 ? 102 ? Q99PF4 24 ? 124 ? 2 102 
# 
loop_
_chem_comp.id 
_chem_comp.type 
_chem_comp.mon_nstd_flag 
_chem_comp.name 
_chem_comp.pdbx_synonyms 
_chem_comp.formula 
_chem_comp.formula_weight 
ALA 'L-peptide linking' y ALANINE         ? 'C3 H7 N O2'     89.093  
ARG 'L-peptide linking' y ARGININE        ? 'C6 H15 N4 O2 1' 175.209 
ASN 'L-peptide linking' y ASPARAGINE      ? 'C4 H8 N2 O3'    132.118 
ASP 'L-peptide linking' y 'ASPARTIC ACID' ? 'C4 H7 N O4'     133.103 
CA  non-polymer         . 'CALCIUM ION'   ? 'Ca 2'           40.078  
GLN 'L-peptide linking' y GLUTAMINE       ? 'C5 H10 N2 O3'   146.144 
GLU 'L-peptide linking' y 'GLUTAMIC ACID' ? 'C5 H9 N O4'     147.129 
GLY 'peptide linking'   y GLYCINE         ? 'C2 H5 N O2'     75.067  
HIS 'L-peptide linking' y HISTIDINE       ? 'C6 H10 N3 O2 1' 156.162 
HOH non-polymer         . WATER           ? 'H2 O'           18.015  
ILE 'L-peptide linking' y ISOLEUCINE      ? 'C6 H13 N O2'    131.173 
LEU 'L-peptide linking' y LEUCINE         ? 'C6 H13 N O2'    131.173 
LYS 'L-peptide linking' y LYSINE          ? 'C6 H15 N2 O2 1' 147.195 
MET 'L-peptide linking' y METHIONINE      ? 'C5 H11 N O2 S'  149.211 
PHE 'L-peptide linking' y PHENYLALANINE   ? 'C9 H11 N O2'    165.189 
PRO 'L-peptide linking' y PROLINE         ? 'C5 H9 N O2'     115.130 
SER 'L-peptide linking' y SERINE          ? 'C3 H7 N O3'     105.093 
THR 'L-peptide linking' y THREONINE       ? 'C4 H9 N O3'     119.119 
TRP 'L-peptide linking' y TRYPTOPHAN      ? 'C11 H12 N2 O2'  204.225 
TYR 'L-peptide linking' y TYROSINE        ? 'C9 H11 N O3'    181.189 
VAL 'L-peptide linking' y VALINE          ? 'C5 H11 N O2'    117.146 
# 
_exptl.entry_id          2WBX 
_exptl.method            'X-RAY DIFFRACTION' 
_exptl.crystals_number   1 
# 
_exptl_crystal.id                    1 
_exptl_crystal.density_meas          ? 
_exptl_crystal.density_Matthews      2.3 
_exptl_crystal.density_percent_sol   47.5 
_exptl_crystal.description           NONE 
# 
_exptl_crystal_grow.crystal_id      1 
_exptl_crystal_grow.method          ? 
_exptl_crystal_grow.temp            ? 
_exptl_crystal_grow.temp_details    ? 
_exptl_crystal_grow.pH              6.0 
_exptl_crystal_grow.pdbx_pH_range   ? 
_exptl_crystal_grow.pdbx_details    '0.1 M SODIUM CACODYLATE PH 6.0 40% MPD' 
# 
_diffrn.id                     1 
_diffrn.ambient_temp           100 
_diffrn.ambient_temp_details   ? 
_diffrn.crystal_id             1 
# 
_diffrn_detector.diffrn_id              1 
_diffrn_detector.detector               CCD 
_diffrn_detector.type                   'ADSC CCD' 
_diffrn_detector.pdbx_collection_date   2008-10-08 
_diffrn_detector.details                ? 
# 
_diffrn_radiation.diffrn_id                        1 
_diffrn_radiation.wavelength_id                    1 
_diffrn_radiation.pdbx_monochromatic_or_laue_m_l   M 
_diffrn_radiation.monochromator                    ? 
_diffrn_radiation.pdbx_diffrn_protocol             'SINGLE WAVELENGTH' 
_diffrn_radiation.pdbx_scattering_type             x-ray 
# 
_diffrn_radiation_wavelength.id           1 
_diffrn_radiation_wavelength.wavelength   0.97918 
_diffrn_radiation_wavelength.wt           1.0 
# 
_diffrn_source.diffrn_id                   1 
_diffrn_source.source                      SYNCHROTRON 
_diffrn_source.type                        'APS BEAMLINE 24-ID-E' 
_diffrn_source.pdbx_synchrotron_site       APS 
_diffrn_source.pdbx_synchrotron_beamline   24-ID-E 
_diffrn_source.pdbx_wavelength             0.97918 
_diffrn_source.pdbx_wavelength_list        ? 
# 
_reflns.pdbx_diffrn_id               1 
_reflns.pdbx_ordinal                 1 
_reflns.entry_id                     2WBX 
_reflns.observed_criterion_sigma_I   2.0 
_reflns.observed_criterion_sigma_F   ? 
_reflns.d_resolution_low             30.00 
_reflns.d_resolution_high            1.50 
_reflns.number_obs                   16290 
_reflns.number_all                   ? 
_reflns.percent_possible_obs         99.8 
_reflns.pdbx_Rmerge_I_obs            0.05 
_reflns.pdbx_Rsym_value              ? 
_reflns.pdbx_netI_over_sigmaI        18.70 
_reflns.B_iso_Wilson_estimate        18.6 
_reflns.pdbx_redundancy              3.4 
# 
_reflns_shell.pdbx_diffrn_id         1 
_reflns_shell.pdbx_ordinal           1 
_reflns_shell.d_res_high             1.50 
_reflns_shell.d_res_low              1.53 
_reflns_shell.percent_possible_all   99.8 
_reflns_shell.Rmerge_I_obs           0.49 
_reflns_shell.pdbx_Rsym_value        ? 
_reflns_shell.meanI_over_sigI_obs    2.50 
_reflns_shell.pdbx_redundancy        3.3 
# 
_refine.pdbx_refine_id                           'X-RAY DIFFRACTION' 
_refine.entry_id                                 2WBX 
_refine.pdbx_diffrn_id                           1 
_refine.pdbx_TLS_residual_ADP_flag               'LIKELY RESIDUAL' 
_refine.ls_number_reflns_obs                     15473 
_refine.ls_number_reflns_all                     ? 
_refine.pdbx_ls_sigma_I                          ? 
_refine.pdbx_ls_sigma_F                          . 
_refine.pdbx_data_cutoff_high_absF               ? 
_refine.pdbx_data_cutoff_low_absF                ? 
_refine.pdbx_data_cutoff_high_rms_absF           ? 
_refine.ls_d_res_low                             25.54 
_refine.ls_d_res_high                            1.50 
_refine.ls_percent_reflns_obs                    99.66 
_refine.ls_R_factor_obs                          0.17343 
_refine.ls_R_factor_all                          ? 
_refine.ls_R_factor_R_work                       0.17218 
_refine.ls_R_factor_R_free                       0.19870 
_refine.ls_R_factor_R_free_error                 ? 
_refine.ls_R_factor_R_free_error_details         ? 
_refine.ls_percent_reflns_R_free                 5.0 
_refine.ls_number_reflns_R_free                  811 
_refine.ls_number_parameters                     ? 
_refine.ls_number_restraints                     ? 
_refine.occupancy_min                            ? 
_refine.occupancy_max                            ? 
_refine.correlation_coeff_Fo_to_Fc               0.967 
_refine.correlation_coeff_Fo_to_Fc_free          0.952 
_refine.B_iso_mean                               11.759 
_refine.aniso_B[1][1]                            0.07 
_refine.aniso_B[2][2]                            0.52 
_refine.aniso_B[3][3]                            -0.80 
_refine.aniso_B[1][2]                            0.00 
_refine.aniso_B[1][3]                            -0.67 
_refine.aniso_B[2][3]                            0.00 
_refine.solvent_model_details                    'BABINET MODEL WITH MASK' 
_refine.solvent_model_param_ksol                 ? 
_refine.solvent_model_param_bsol                 ? 
_refine.pdbx_solvent_vdw_probe_radii             1.20 
_refine.pdbx_solvent_ion_probe_radii             0.80 
_refine.pdbx_solvent_shrinkage_radii             0.80 
_refine.pdbx_ls_cross_valid_method               THROUGHOUT 
_refine.details                                  'HYDROGENS HAVE BEEN ADDED IN THE RIDING POSITIONS. U VALUES RESIDUAL ONLY' 
_refine.pdbx_starting_model                      'PDB ENTRY 1FF5' 
_refine.pdbx_method_to_determine_struct          'MOLECULAR REPLACEMENT' 
_refine.pdbx_isotropic_thermal_model             ? 
_refine.pdbx_stereochemistry_target_values       'MAXIMUM LIKELIHOOD' 
_refine.pdbx_stereochem_target_val_spec_case     ? 
_refine.pdbx_R_Free_selection_details            RANDOM 
_refine.pdbx_overall_ESU_R                       0.075 
_refine.pdbx_overall_ESU_R_Free                  0.075 
_refine.overall_SU_ML                            0.047 
_refine.pdbx_overall_phase_error                 ? 
_refine.overall_SU_B                             2.559 
_refine.overall_SU_R_Cruickshank_DPI             ? 
_refine.pdbx_overall_SU_R_free_Cruickshank_DPI   ? 
_refine.pdbx_overall_SU_R_Blow_DPI               ? 
_refine.pdbx_overall_SU_R_free_Blow_DPI          ? 
# 
_refine_hist.pdbx_refine_id                   'X-RAY DIFFRACTION' 
_refine_hist.cycle_id                         LAST 
_refine_hist.pdbx_number_atoms_protein        815 
_refine_hist.pdbx_number_atoms_nucleic_acid   0 
_refine_hist.pdbx_number_atoms_ligand         1 
_refine_hist.number_atoms_solvent             105 
_refine_hist.number_atoms_total               921 
_refine_hist.d_res_high                       1.50 
_refine_hist.d_res_low                        25.54 
# 
loop_
_refine_ls_restr.type 
_refine_ls_restr.dev_ideal 
_refine_ls_restr.dev_ideal_target 
_refine_ls_restr.weight 
_refine_ls_restr.number 
_refine_ls_restr.pdbx_refine_id 
_refine_ls_restr.pdbx_restraint_function 
r_bond_refined_d             0.012  0.022  ? 863  'X-RAY DIFFRACTION' ? 
r_bond_other_d               0.011  0.020  ? 579  'X-RAY DIFFRACTION' ? 
r_angle_refined_deg          1.368  1.945  ? 1183 'X-RAY DIFFRACTION' ? 
r_angle_other_deg            0.869  3.000  ? 1412 'X-RAY DIFFRACTION' ? 
r_dihedral_angle_1_deg       6.036  5.000  ? 113  'X-RAY DIFFRACTION' ? 
r_dihedral_angle_2_deg       39.557 24.000 ? 45   'X-RAY DIFFRACTION' ? 
r_dihedral_angle_3_deg       11.230 15.000 ? 141  'X-RAY DIFFRACTION' ? 
r_dihedral_angle_4_deg       16.238 15.000 ? 7    'X-RAY DIFFRACTION' ? 
r_chiral_restr               0.084  0.200  ? 135  'X-RAY DIFFRACTION' ? 
r_gen_planes_refined         0.007  0.021  ? 986  'X-RAY DIFFRACTION' ? 
r_gen_planes_other           0.001  0.020  ? 188  'X-RAY DIFFRACTION' ? 
r_nbd_refined                ?      ?      ? ?    'X-RAY DIFFRACTION' ? 
r_nbd_other                  ?      ?      ? ?    'X-RAY DIFFRACTION' ? 
r_nbtor_refined              ?      ?      ? ?    'X-RAY DIFFRACTION' ? 
r_nbtor_other                ?      ?      ? ?    'X-RAY DIFFRACTION' ? 
r_xyhbond_nbd_refined        ?      ?      ? ?    'X-RAY DIFFRACTION' ? 
r_xyhbond_nbd_other          ?      ?      ? ?    'X-RAY DIFFRACTION' ? 
r_metal_ion_refined          ?      ?      ? ?    'X-RAY DIFFRACTION' ? 
r_metal_ion_other            ?      ?      ? ?    'X-RAY DIFFRACTION' ? 
r_symmetry_vdw_refined       ?      ?      ? ?    'X-RAY DIFFRACTION' ? 
r_symmetry_vdw_other         ?      ?      ? ?    'X-RAY DIFFRACTION' ? 
r_symmetry_hbond_refined     ?      ?      ? ?    'X-RAY DIFFRACTION' ? 
r_symmetry_hbond_other       ?      ?      ? ?    'X-RAY DIFFRACTION' ? 
r_symmetry_metal_ion_refined ?      ?      ? ?    'X-RAY DIFFRACTION' ? 
r_symmetry_metal_ion_other   ?      ?      ? ?    'X-RAY DIFFRACTION' ? 
r_mcbond_it                  0.839  1.500  ? 527  'X-RAY DIFFRACTION' ? 
r_mcbond_other               ?      ?      ? ?    'X-RAY DIFFRACTION' ? 
r_mcangle_it                 1.569  2.000  ? 870  'X-RAY DIFFRACTION' ? 
r_mcangle_other              ?      ?      ? ?    'X-RAY DIFFRACTION' ? 
r_scbond_it                  2.492  3.000  ? 336  'X-RAY DIFFRACTION' ? 
r_scbond_other               ?      ?      ? ?    'X-RAY DIFFRACTION' ? 
r_scangle_it                 4.014  4.500  ? 307  'X-RAY DIFFRACTION' ? 
r_scangle_other              ?      ?      ? ?    'X-RAY DIFFRACTION' ? 
r_long_range_B_refined       ?      ?      ? ?    'X-RAY DIFFRACTION' ? 
r_long_range_B_other         ?      ?      ? ?    'X-RAY DIFFRACTION' ? 
r_rigid_bond_restr           ?      ?      ? ?    'X-RAY DIFFRACTION' ? 
r_sphericity_free            ?      ?      ? ?    'X-RAY DIFFRACTION' ? 
r_sphericity_bonded          ?      ?      ? ?    'X-RAY DIFFRACTION' ? 
# 
_refine_ls_shell.pdbx_refine_id                   'X-RAY DIFFRACTION' 
_refine_ls_shell.pdbx_total_number_of_bins_used   20 
_refine_ls_shell.d_res_high                       1.500 
_refine_ls_shell.d_res_low                        1.539 
_refine_ls_shell.number_reflns_R_work             1114 
_refine_ls_shell.R_factor_R_work                  0.219 
_refine_ls_shell.percent_reflns_obs               98.50 
_refine_ls_shell.R_factor_R_free                  0.256 
_refine_ls_shell.R_factor_R_free_error            ? 
_refine_ls_shell.percent_reflns_R_free            ? 
_refine_ls_shell.number_reflns_R_free             67 
_refine_ls_shell.number_reflns_all                ? 
_refine_ls_shell.R_factor_all                     ? 
# 
_struct.entry_id                  2WBX 
_struct.title                     'Crystal structure of mouse cadherin-23 EC1' 
_struct.pdbx_model_details        ? 
_struct.pdbx_CASP_flag            ? 
_struct.pdbx_model_type_details   ? 
# 
_struct_keywords.entry_id        2WBX 
_struct_keywords.pdbx_keywords   'CELL ADHESION' 
_struct_keywords.text            'CELL ADHESION, HEARING, DEAFNESS' 
# 
loop_
_struct_asym.id 
_struct_asym.pdbx_blank_PDB_chainid_flag 
_struct_asym.pdbx_modified 
_struct_asym.entity_id 
_struct_asym.details 
A N N 1 ? 
B N N 2 ? 
C N N 3 ? 
# 
_struct_biol.id   1 
# 
loop_
_struct_conf.conf_type_id 
_struct_conf.id 
_struct_conf.pdbx_PDB_helix_id 
_struct_conf.beg_label_comp_id 
_struct_conf.beg_label_asym_id 
_struct_conf.beg_label_seq_id 
_struct_conf.pdbx_beg_PDB_ins_code 
_struct_conf.end_label_comp_id 
_struct_conf.end_label_asym_id 
_struct_conf.end_label_seq_id 
_struct_conf.pdbx_end_PDB_ins_code 
_struct_conf.beg_auth_comp_id 
_struct_conf.beg_auth_asym_id 
_struct_conf.beg_auth_seq_id 
_struct_conf.end_auth_comp_id 
_struct_conf.end_auth_asym_id 
_struct_conf.end_auth_seq_id 
_struct_conf.pdbx_PDB_helix_class 
_struct_conf.details 
_struct_conf.pdbx_PDB_helix_length 
HELX_P HELX_P1 1 ASN A 11 ? THR A 16 ? ASN A 11 THR A 16 5 ? 6 
HELX_P HELX_P2 2 GLY A 49 ? PHE A 55 ? GLY A 49 PHE A 55 1 ? 7 
# 
_struct_conf_type.id          HELX_P 
_struct_conf_type.criteria    ? 
_struct_conf_type.reference   ? 
# 
loop_
_struct_conn.id 
_struct_conn.conn_type_id 
_struct_conn.pdbx_leaving_atom_flag 
_struct_conn.pdbx_PDB_id 
_struct_conn.ptnr1_label_asym_id 
_struct_conn.ptnr1_label_comp_id 
_struct_conn.ptnr1_label_seq_id 
_struct_conn.ptnr1_label_atom_id 
_struct_conn.pdbx_ptnr1_label_alt_id 
_struct_conn.pdbx_ptnr1_PDB_ins_code 
_struct_conn.pdbx_ptnr1_standard_comp_id 
_struct_conn.ptnr1_symmetry 
_struct_conn.ptnr2_label_asym_id 
_struct_conn.ptnr2_label_comp_id 
_struct_conn.ptnr2_label_seq_id 
_struct_conn.ptnr2_label_atom_id 
_struct_conn.pdbx_ptnr2_label_alt_id 
_struct_conn.pdbx_ptnr2_PDB_ins_code 
_struct_conn.ptnr1_auth_asym_id 
_struct_conn.ptnr1_auth_comp_id 
_struct_conn.ptnr1_auth_seq_id 
_struct_conn.ptnr2_auth_asym_id 
_struct_conn.ptnr2_auth_comp_id 
_struct_conn.ptnr2_auth_seq_id 
_struct_conn.ptnr2_symmetry 
_struct_conn.pdbx_ptnr3_label_atom_id 
_struct_conn.pdbx_ptnr3_label_seq_id 
_struct_conn.pdbx_ptnr3_label_comp_id 
_struct_conn.pdbx_ptnr3_label_asym_id 
_struct_conn.pdbx_ptnr3_label_alt_id 
_struct_conn.pdbx_ptnr3_PDB_ins_code 
_struct_conn.details 
_struct_conn.pdbx_dist_value 
_struct_conn.pdbx_value_order 
_struct_conn.pdbx_role 
metalc1 metalc ? ? A ASN 4  OD1 ? ? ? 1_555 B CA . CA ? ? A ASN 4  A CA 1103 1_555 ? ? ? ? ? ? ? 2.334 ? ? 
metalc2 metalc ? ? A ARG 5  O   ? ? ? 1_555 B CA . CA ? ? A ARG 5  A CA 1103 1_555 ? ? ? ? ? ? ? 2.349 ? ? 
metalc3 metalc ? ? A ASP 37 OD1 ? ? ? 1_555 B CA . CA ? ? A ASP 37 A CA 1103 1_555 ? ? ? ? ? ? ? 2.415 ? ? 
metalc4 metalc ? ? A ASP 37 OD2 ? ? ? 1_555 B CA . CA ? ? A ASP 37 A CA 1103 1_555 ? ? ? ? ? ? ? 2.612 ? ? 
metalc5 metalc ? ? A ASP 39 OD2 ? ? ? 1_555 B CA . CA ? ? A ASP 39 A CA 1103 1_555 ? ? ? ? ? ? ? 2.379 ? ? 
metalc6 metalc ? ? A ASP 41 OD2 ? ? ? 1_555 B CA . CA ? ? A ASP 41 A CA 1103 1_555 ? ? ? ? ? ? ? 2.332 ? ? 
metalc7 metalc ? ? A ASP 87 OD2 ? ? ? 1_555 B CA . CA ? ? A ASP 87 A CA 1103 1_555 ? ? ? ? ? ? ? 2.388 ? ? 
# 
_struct_conn_type.id          metalc 
_struct_conn_type.criteria    ? 
_struct_conn_type.reference   ? 
# 
loop_
_struct_sheet.id 
_struct_sheet.type 
_struct_sheet.number_strands 
_struct_sheet.details 
AA ? 2 ? 
AB ? 4 ? 
AC ? 3 ? 
# 
loop_
_struct_sheet_order.sheet_id 
_struct_sheet_order.range_id_1 
_struct_sheet_order.range_id_2 
_struct_sheet_order.offset 
_struct_sheet_order.sense 
AA 1 2 ? anti-parallel 
AB 1 2 ? parallel      
AB 2 3 ? anti-parallel 
AB 3 4 ? anti-parallel 
AC 1 2 ? anti-parallel 
AC 2 3 ? anti-parallel 
# 
loop_
_struct_sheet_range.sheet_id 
_struct_sheet_range.id 
_struct_sheet_range.beg_label_comp_id 
_struct_sheet_range.beg_label_asym_id 
_struct_sheet_range.beg_label_seq_id 
_struct_sheet_range.pdbx_beg_PDB_ins_code 
_struct_sheet_range.end_label_comp_id 
_struct_sheet_range.end_label_asym_id 
_struct_sheet_range.end_label_seq_id 
_struct_sheet_range.pdbx_end_PDB_ins_code 
_struct_sheet_range.beg_auth_comp_id 
_struct_sheet_range.beg_auth_asym_id 
_struct_sheet_range.beg_auth_seq_id 
_struct_sheet_range.end_auth_comp_id 
_struct_sheet_range.end_auth_asym_id 
_struct_sheet_range.end_auth_seq_id 
AA 1 PHE A 8  ? PHE A 9   ? PHE A 8  PHE A 9   
AA 2 ALA A 35 ? ARG A 36  ? ALA A 35 ARG A 36  
AB 1 LEU A 18 ? SER A 21  ? LEU A 18 SER A 21  
AB 2 VAL A 91 ? GLY A 101 ? VAL A 91 GLY A 101 
AB 3 GLU A 78 ? SER A 86  ? GLU A 78 SER A 86  
AB 4 VAL A 44 ? SER A 48  ? VAL A 44 SER A 48  
AC 1 SER A 29 ? GLN A 32  ? SER A 29 GLN A 32  
AC 2 VAL A 64 ? LEU A 67  ? VAL A 64 LEU A 67  
AC 3 PHE A 56 ? VAL A 58  ? PHE A 56 VAL A 58  
# 
loop_
_pdbx_struct_sheet_hbond.sheet_id 
_pdbx_struct_sheet_hbond.range_id_1 
_pdbx_struct_sheet_hbond.range_id_2 
_pdbx_struct_sheet_hbond.range_1_label_atom_id 
_pdbx_struct_sheet_hbond.range_1_label_comp_id 
_pdbx_struct_sheet_hbond.range_1_label_asym_id 
_pdbx_struct_sheet_hbond.range_1_label_seq_id 
_pdbx_struct_sheet_hbond.range_1_PDB_ins_code 
_pdbx_struct_sheet_hbond.range_1_auth_atom_id 
_pdbx_struct_sheet_hbond.range_1_auth_comp_id 
_pdbx_struct_sheet_hbond.range_1_auth_asym_id 
_pdbx_struct_sheet_hbond.range_1_auth_seq_id 
_pdbx_struct_sheet_hbond.range_2_label_atom_id 
_pdbx_struct_sheet_hbond.range_2_label_comp_id 
_pdbx_struct_sheet_hbond.range_2_label_asym_id 
_pdbx_struct_sheet_hbond.range_2_label_seq_id 
_pdbx_struct_sheet_hbond.range_2_PDB_ins_code 
_pdbx_struct_sheet_hbond.range_2_auth_atom_id 
_pdbx_struct_sheet_hbond.range_2_auth_comp_id 
_pdbx_struct_sheet_hbond.range_2_auth_asym_id 
_pdbx_struct_sheet_hbond.range_2_auth_seq_id 
AA 1 2 N PHE A 8  ? N PHE A 8  O ARG A 36 ? O ARG A 36 
AB 1 2 N LEU A 18 ? N LEU A 18 O ASN A 97 ? O ASN A 97 
AB 2 3 N ILE A 98 ? N ILE A 98 O PHE A 79 ? O PHE A 79 
AB 3 4 N SER A 86 ? N SER A 86 O VAL A 44 ? O VAL A 44 
AC 1 2 N VAL A 30 ? N VAL A 30 O VAL A 65 ? O VAL A 65 
AC 2 3 N TRP A 66 ? N TRP A 66 O ALA A 57 ? O ALA A 57 
# 
_struct_site.id                   AC1 
_struct_site.pdbx_evidence_code   Software 
_struct_site.pdbx_auth_asym_id    A 
_struct_site.pdbx_auth_comp_id    CA 
_struct_site.pdbx_auth_seq_id     1103 
_struct_site.pdbx_auth_ins_code   ? 
_struct_site.pdbx_num_residues    6 
_struct_site.details              'BINDING SITE FOR RESIDUE CA A 1103' 
# 
loop_
_struct_site_gen.id 
_struct_site_gen.site_id 
_struct_site_gen.pdbx_num_res 
_struct_site_gen.label_comp_id 
_struct_site_gen.label_asym_id 
_struct_site_gen.label_seq_id 
_struct_site_gen.pdbx_auth_ins_code 
_struct_site_gen.auth_comp_id 
_struct_site_gen.auth_asym_id 
_struct_site_gen.auth_seq_id 
_struct_site_gen.label_atom_id 
_struct_site_gen.label_alt_id 
_struct_site_gen.symmetry 
_struct_site_gen.details 
1 AC1 6 ASN A 4  ? ASN A 4  . ? 1_555 ? 
2 AC1 6 ARG A 5  ? ARG A 5  . ? 1_555 ? 
3 AC1 6 ASP A 37 ? ASP A 37 . ? 1_555 ? 
4 AC1 6 ASP A 39 ? ASP A 39 . ? 1_555 ? 
5 AC1 6 ASP A 41 ? ASP A 41 . ? 1_555 ? 
6 AC1 6 ASP A 87 ? ASP A 87 . ? 1_555 ? 
# 
_atom_sites.entry_id                    2WBX 
_atom_sites.fract_transf_matrix[1][1]   -0.01189383 
_atom_sites.fract_transf_matrix[1][2]   0.01125187 
_atom_sites.fract_transf_matrix[1][3]   0.01478558 
_atom_sites.fract_transf_matrix[2][1]   0.01507854 
_atom_sites.fract_transf_matrix[2][2]   -0.00157474 
_atom_sites.fract_transf_matrix[2][3]   0.01332788 
_atom_sites.fract_transf_matrix[3][1]   0.00662386 
_atom_sites.fract_transf_matrix[3][2]   0.02042376 
_atom_sites.fract_transf_matrix[3][3]   -0.00508078 
_atom_sites.fract_transf_vector[1]      -0.203437 
_atom_sites.fract_transf_vector[2]      0.684250 
_atom_sites.fract_transf_vector[3]      -0.230898 
# 
loop_
_atom_type.symbol 
C  
CA 
N  
O  
S  
# 
loop_
_atom_site.group_PDB 
_atom_site.id 
_atom_site.type_symbol 
_atom_site.label_atom_id 
_atom_site.label_alt_id 
_atom_site.label_comp_id 
_atom_site.label_asym_id 
_atom_site.label_entity_id 
_atom_site.label_seq_id 
_atom_site.pdbx_PDB_ins_code 
_atom_site.Cartn_x 
_atom_site.Cartn_y 
_atom_site.Cartn_z 
_atom_site.occupancy 
_atom_site.B_iso_or_equiv 
_atom_site.pdbx_formal_charge 
_atom_site.auth_seq_id 
_atom_site.auth_comp_id 
_atom_site.auth_asym_id 
_atom_site.auth_atom_id 
_atom_site.pdbx_PDB_model_num 
ATOM   1   N  N   . MET A 1 1   ? -3.807  30.794  -11.898 1.00 21.31 ? 1    MET A N   1 
ATOM   2   C  CA  . MET A 1 1   ? -3.701  29.798  -10.800 1.00 21.62 ? 1    MET A CA  1 
ATOM   3   C  C   . MET A 1 1   ? -3.267  28.477  -11.376 1.00 21.72 ? 1    MET A C   1 
ATOM   4   O  O   . MET A 1 1   ? -3.507  28.189  -12.577 1.00 21.18 ? 1    MET A O   1 
ATOM   5   C  CB  . MET A 1 1   ? -5.030  29.642  -10.046 1.00 22.35 ? 1    MET A CB  1 
ATOM   6   C  CG  . MET A 1 1   ? -6.098  28.788  -10.758 1.00 24.13 ? 1    MET A CG  1 
ATOM   7   S  SD  . MET A 1 1   ? -6.928  29.697  -12.069 1.00 26.85 ? 1    MET A SD  1 
ATOM   8   C  CE  . MET A 1 1   ? -7.940  30.786  -11.076 1.00 28.25 ? 1    MET A CE  1 
ATOM   9   N  N   . GLN A 1 2   ? -2.624  27.665  -10.535 1.00 21.25 ? 2    GLN A N   1 
ATOM   10  C  CA  . GLN A 1 2   ? -2.091  26.371  -10.985 1.00 21.64 ? 2    GLN A CA  1 
ATOM   11  C  C   . GLN A 1 2   ? -3.228  25.389  -11.257 1.00 19.98 ? 2    GLN A C   1 
ATOM   12  O  O   . GLN A 1 2   ? -4.342  25.528  -10.728 1.00 19.46 ? 2    GLN A O   1 
ATOM   13  C  CB  . GLN A 1 2   ? -1.039  25.780  -10.031 1.00 23.00 ? 2    GLN A CB  1 
ATOM   14  C  CG  . GLN A 1 2   ? -1.350  25.909  -8.550  1.00 28.00 ? 2    GLN A CG  1 
ATOM   15  C  CD  . GLN A 1 2   ? -0.381  25.181  -7.626  1.00 33.10 ? 2    GLN A CD  1 
ATOM   16  O  OE1 . GLN A 1 2   ? 0.069   25.751  -6.619  1.00 38.08 ? 2    GLN A OE1 1 
ATOM   17  N  NE2 . GLN A 1 2   ? -0.067  23.917  -7.949  1.00 35.72 ? 2    GLN A NE2 1 
ATOM   18  N  N   . VAL A 1 3   ? -2.946  24.447  -12.153 1.00 16.68 ? 3    VAL A N   1 
ATOM   19  C  CA  . VAL A 1 3   ? -3.960  23.553  -12.648 1.00 15.88 ? 3    VAL A CA  1 
ATOM   20  C  C   . VAL A 1 3   ? -3.511  22.136  -12.334 1.00 14.57 ? 3    VAL A C   1 
ATOM   21  O  O   . VAL A 1 3   ? -2.557  21.620  -12.946 1.00 13.32 ? 3    VAL A O   1 
ATOM   22  C  CB  . VAL A 1 3   ? -4.184  23.759  -14.159 1.00 15.76 ? 3    VAL A CB  1 
ATOM   23  C  CG1 . VAL A 1 3   ? -5.258  22.779  -14.651 1.00 18.35 ? 3    VAL A CG1 1 
ATOM   24  C  CG2 . VAL A 1 3   ? -4.579  25.217  -14.452 1.00 17.08 ? 3    VAL A CG2 1 
ATOM   25  N  N   . ASN A 1 4   ? -4.163  21.533  -11.345 1.00 13.86 ? 4    ASN A N   1 
ATOM   26  C  CA  . ASN A 1 4   ? -3.734  20.205  -10.888 1.00 13.74 ? 4    ASN A CA  1 
ATOM   27  C  C   . ASN A 1 4   ? -4.851  19.505  -10.184 1.00 14.35 ? 4    ASN A C   1 
ATOM   28  O  O   . ASN A 1 4   ? -5.599  20.114  -9.413  1.00 16.34 ? 4    ASN A O   1 
ATOM   29  C  CB  . ASN A 1 4   ? -2.526  20.271  -9.963  1.00 12.73 ? 4    ASN A CB  1 
ATOM   30  C  CG  . ASN A 1 4   ? -1.995  18.884  -9.617  1.00 11.29 ? 4    ASN A CG  1 
ATOM   31  O  OD1 . ASN A 1 4   ? -1.728  18.114  -10.485 1.00 11.43 ? 4    ASN A OD1 1 
ATOM   32  N  ND2 . ASN A 1 4   ? -1.906  18.563  -8.350  1.00 12.89 ? 4    ASN A ND2 1 
ATOM   33  N  N   . ARG A 1 5   ? -4.948  18.213  -10.461 1.00 13.84 ? 5    ARG A N   1 
ATOM   34  C  CA  . ARG A 1 5   ? -5.803  17.342  -9.687  1.00 13.12 ? 5    ARG A CA  1 
ATOM   35  C  C   . ARG A 1 5   ? -4.936  16.332  -8.996  1.00 12.06 ? 5    ARG A C   1 
ATOM   36  O  O   . ARG A 1 5   ? -3.941  15.851  -9.551  1.00 11.93 ? 5    ARG A O   1 
ATOM   37  C  CB  . ARG A 1 5   ? -6.788  16.704  -10.619 1.00 13.57 ? 5    ARG A CB  1 
ATOM   38  C  CG  . ARG A 1 5   ? -7.762  17.802  -11.051 1.00 16.23 ? 5    ARG A CG  1 
ATOM   39  C  CD  . ARG A 1 5   ? -8.299  17.683  -12.397 1.00 16.26 ? 5    ARG A CD  1 
ATOM   40  N  NE  . ARG A 1 5   ? -7.336  17.587  -13.489 1.00 13.52 ? 5    ARG A NE  1 
ATOM   41  C  CZ  . ARG A 1 5   ? -7.708  17.253  -14.720 1.00 12.27 ? 5    ARG A CZ  1 
ATOM   42  N  NH1 . ARG A 1 5   ? -6.809  17.150  -15.675 1.00 10.74 ? 5    ARG A NH1 1 
ATOM   43  N  NH2 . ARG A 1 5   ? -8.987  17.001  -14.942 1.00 10.94 ? 5    ARG A NH2 1 
ATOM   44  N  N   . LEU A 1 6   ? -5.275  16.041  -7.750  1.00 11.93 ? 6    LEU A N   1 
ATOM   45  C  CA  . LEU A 1 6   ? -4.507  15.070  -6.999  1.00 11.23 ? 6    LEU A CA  1 
ATOM   46  C  C   . LEU A 1 6   ? -4.832  13.657  -7.480  1.00 11.00 ? 6    LEU A C   1 
ATOM   47  O  O   . LEU A 1 6   ? -5.920  13.388  -7.963  1.00 11.18 ? 6    LEU A O   1 
ATOM   48  C  CB  . LEU A 1 6   ? -4.748  15.191  -5.502  1.00 12.30 ? 6    LEU A CB  1 
ATOM   49  C  CG  . LEU A 1 6   ? -4.261  16.496  -4.833  1.00 14.55 ? 6    LEU A CG  1 
ATOM   50  C  CD1 . LEU A 1 6   ? -4.455  16.443  -3.303  1.00 16.94 ? 6    LEU A CD1 1 
ATOM   51  C  CD2 . LEU A 1 6   ? -2.820  16.768  -5.114  1.00 17.40 ? 6    LEU A CD2 1 
ATOM   52  N  N   . PRO A 1 7   ? -3.872  12.752  -7.333  1.00 10.36 ? 7    PRO A N   1 
ATOM   53  C  CA  . PRO A 1 7   ? -4.121  11.361  -7.728  1.00 10.25 ? 7    PRO A CA  1 
ATOM   54  C  C   . PRO A 1 7   ? -5.084  10.689  -6.741  1.00 10.13 ? 7    PRO A C   1 
ATOM   55  O  O   . PRO A 1 7   ? -5.329  11.195  -5.633  1.00 12.23 ? 7    PRO A O   1 
ATOM   56  C  CB  . PRO A 1 7   ? -2.733  10.738  -7.660  1.00 10.90 ? 7    PRO A CB  1 
ATOM   57  C  CG  . PRO A 1 7   ? -2.017  11.582  -6.605  1.00 12.15 ? 7    PRO A CG  1 
ATOM   58  C  CD  . PRO A 1 7   ? -2.476  12.952  -6.893  1.00 11.04 ? 7    PRO A CD  1 
ATOM   59  N  N   . PHE A 1 8   ? -5.607  9.542   -7.144  1.00 10.24 ? 8    PHE A N   1 
ATOM   60  C  CA  . PHE A 1 8   ? -6.425  8.727   -6.254  1.00 9.89  ? 8    PHE A CA  1 
ATOM   61  C  C   . PHE A 1 8   ? -6.134  7.267   -6.523  1.00 9.69  ? 8    PHE A C   1 
ATOM   62  O  O   . PHE A 1 8   ? -5.805  6.863   -7.640  1.00 10.05 ? 8    PHE A O   1 
ATOM   63  C  CB  . PHE A 1 8   ? -7.911  9.021   -6.424  1.00 10.32 ? 8    PHE A CB  1 
ATOM   64  C  CG  . PHE A 1 8   ? -8.400  8.916   -7.845  1.00 10.88 ? 8    PHE A CG  1 
ATOM   65  C  CD1 . PHE A 1 8   ? -8.879  7.712   -8.364  1.00 12.37 ? 8    PHE A CD1 1 
ATOM   66  C  CD2 . PHE A 1 8   ? -8.413  10.033  -8.661  1.00 13.59 ? 8    PHE A CD2 1 
ATOM   67  C  CE1 . PHE A 1 8   ? -9.354  7.619   -9.676  1.00 13.31 ? 8    PHE A CE1 1 
ATOM   68  C  CE2 . PHE A 1 8   ? -8.886  9.941   -9.985  1.00 12.42 ? 8    PHE A CE2 1 
ATOM   69  C  CZ  . PHE A 1 8   ? -9.352  8.739   -10.483 1.00 13.26 ? 8    PHE A CZ  1 
ATOM   70  N  N   . PHE A 1 9   ? -6.245  6.461   -5.483  1.00 9.14  ? 9    PHE A N   1 
ATOM   71  C  CA  . PHE A 1 9   ? -6.054  5.028   -5.611  1.00 9.26  ? 9    PHE A CA  1 
ATOM   72  C  C   . PHE A 1 9   ? -7.251  4.372   -6.291  1.00 9.98  ? 9    PHE A C   1 
ATOM   73  O  O   . PHE A 1 9   ? -8.395  4.832   -6.139  1.00 12.05 ? 9    PHE A O   1 
ATOM   74  C  CB  . PHE A 1 9   ? -5.914  4.400   -4.231  1.00 8.84  ? 9    PHE A CB  1 
ATOM   75  C  CG  . PHE A 1 9   ? -4.586  4.636   -3.562  1.00 8.08  ? 9    PHE A CG  1 
ATOM   76  C  CD1 . PHE A 1 9   ? -3.450  4.027   -4.026  1.00 7.83  ? 9    PHE A CD1 1 
ATOM   77  C  CD2 . PHE A 1 9   ? -4.508  5.388   -2.400  1.00 8.37  ? 9    PHE A CD2 1 
ATOM   78  C  CE1 . PHE A 1 9   ? -2.259  4.151   -3.382  1.00 8.78  ? 9    PHE A CE1 1 
ATOM   79  C  CE2 . PHE A 1 9   ? -3.300  5.540   -1.745  1.00 9.01  ? 9    PHE A CE2 1 
ATOM   80  C  CZ  . PHE A 1 9   ? -2.177  4.907   -2.236  1.00 9.59  ? 9    PHE A CZ  1 
ATOM   81  N  N   . THR A 1 10  ? -6.984  3.289   -7.012  1.00 10.17 ? 10   THR A N   1 
ATOM   82  C  CA  . THR A 1 10  ? -8.076  2.556   -7.680  1.00 11.18 ? 10   THR A CA  1 
ATOM   83  C  C   . THR A 1 10  ? -8.209  1.103   -7.222  1.00 11.71 ? 10   THR A C   1 
ATOM   84  O  O   . THR A 1 10  ? -9.152  0.428   -7.623  1.00 13.62 ? 10   THR A O   1 
ATOM   85  C  CB  . THR A 1 10  ? -7.896  2.610   -9.201  1.00 12.14 ? 10   THR A CB  1 
ATOM   86  O  OG1 . THR A 1 10  ? -6.657  1.992   -9.573  1.00 15.50 ? 10   THR A OG1 1 
ATOM   87  C  CG2 . THR A 1 10  ? -7.966  4.053   -9.732  1.00 12.13 ? 10   THR A CG2 1 
ATOM   88  N  N   . ASN A 1 11  ? -7.315  0.625   -6.366  1.00 11.79 ? 11   ASN A N   1 
ATOM   89  C  CA  . ASN A 1 11  ? -7.466  -0.738  -5.857  1.00 12.65 ? 11   ASN A CA  1 
ATOM   90  C  C   . ASN A 1 11  ? -8.752  -0.916  -5.078  1.00 13.31 ? 11   ASN A C   1 
ATOM   91  O  O   . ASN A 1 11  ? -9.087  -0.117  -4.204  1.00 12.85 ? 11   ASN A O   1 
ATOM   92  C  CB  . ASN A 1 11  ? -6.335  -1.157  -4.935  1.00 13.20 ? 11   ASN A CB  1 
ATOM   93  C  CG  . ASN A 1 11  ? -4.974  -0.993  -5.565  1.00 13.12 ? 11   ASN A CG  1 
ATOM   94  O  OD1 . ASN A 1 11  ? -4.432  -1.926  -6.182  1.00 17.69 ? 11   ASN A OD1 1 
ATOM   95  N  ND2 . ASN A 1 11  ? -4.403  0.162   -5.404  1.00 9.85  ? 11   ASN A ND2 1 
ATOM   96  N  N   . HIS A 1 12  ? -9.473  -1.991  -5.370  1.00 14.96 ? 12   HIS A N   1 
ATOM   97  C  CA  . HIS A 1 12  ? -10.707 -2.250  -4.641  1.00 15.67 ? 12   HIS A CA  1 
ATOM   98  C  C   . HIS A 1 12  ? -10.485 -2.610  -3.182  1.00 14.38 ? 12   HIS A C   1 
ATOM   99  O  O   . HIS A 1 12  ? -11.368 -2.399  -2.341  1.00 14.67 ? 12   HIS A O   1 
ATOM   100 C  CB  . HIS A 1 12  ? -11.518 -3.324  -5.345  1.00 16.59 ? 12   HIS A CB  1 
ATOM   101 C  CG  . HIS A 1 12  ? -12.060 -2.883  -6.665  1.00 21.64 ? 12   HIS A CG  1 
ATOM   102 N  ND1 . HIS A 1 12  ? -12.220 -1.551  -6.997  1.00 27.42 ? 12   HIS A ND1 1 
ATOM   103 C  CD2 . HIS A 1 12  ? -12.493 -3.592  -7.734  1.00 25.64 ? 12   HIS A CD2 1 
ATOM   104 C  CE1 . HIS A 1 12  ? -12.738 -1.461  -8.211  1.00 28.83 ? 12   HIS A CE1 1 
ATOM   105 N  NE2 . HIS A 1 12  ? -12.906 -2.684  -8.682  1.00 28.20 ? 12   HIS A NE2 1 
ATOM   106 N  N   . PHE A 1 13  ? -9.312  -3.136  -2.856  1.00 13.12 ? 13   PHE A N   1 
ATOM   107 C  CA  . PHE A 1 13  ? -9.054  -3.527  -1.483  1.00 12.60 ? 13   PHE A CA  1 
ATOM   108 C  C   . PHE A 1 13  ? -9.103  -2.393  -0.482  1.00 12.26 ? 13   PHE A C   1 
ATOM   109 O  O   . PHE A 1 13  ? -9.296  -2.637  0.692   1.00 13.51 ? 13   PHE A O   1 
ATOM   110 C  CB  . PHE A 1 13  ? -7.760  -4.347  -1.343  1.00 13.20 ? 13   PHE A CB  1 
ATOM   111 C  CG  . PHE A 1 13  ? -6.493  -3.598  -1.626  1.00 13.02 ? 13   PHE A CG  1 
ATOM   112 C  CD1 . PHE A 1 13  ? -6.030  -2.598  -0.780  1.00 14.92 ? 13   PHE A CD1 1 
ATOM   113 C  CD2 . PHE A 1 13  ? -5.723  -3.944  -2.710  1.00 15.11 ? 13   PHE A CD2 1 
ATOM   114 C  CE1 . PHE A 1 13  ? -4.833  -1.923  -1.040  1.00 14.97 ? 13   PHE A CE1 1 
ATOM   115 C  CE2 . PHE A 1 13  ? -4.533  -3.280  -2.972  1.00 14.09 ? 13   PHE A CE2 1 
ATOM   116 C  CZ  . PHE A 1 13  ? -4.095  -2.270  -2.143  1.00 13.43 ? 13   PHE A CZ  1 
ATOM   117 N  N   . PHE A 1 14  ? -8.918  -1.158  -0.931  1.00 10.24 ? 14   PHE A N   1 
ATOM   118 C  CA  . PHE A 1 14  ? -9.041  -0.013  -0.039  1.00 10.02 ? 14   PHE A CA  1 
ATOM   119 C  C   . PHE A 1 14  ? -10.454 0.103   0.551   1.00 11.09 ? 14   PHE A C   1 
ATOM   120 O  O   . PHE A 1 14  ? -10.637 0.722   1.597   1.00 12.60 ? 14   PHE A O   1 
ATOM   121 C  CB  . PHE A 1 14  ? -8.715  1.282   -0.784  1.00 9.73  ? 14   PHE A CB  1 
ATOM   122 C  CG  . PHE A 1 14  ? -7.245  1.528   -0.936  1.00 6.48  ? 14   PHE A CG  1 
ATOM   123 C  CD1 . PHE A 1 14  ? -6.487  1.921   0.164   1.00 7.65  ? 14   PHE A CD1 1 
ATOM   124 C  CD2 . PHE A 1 14  ? -6.619  1.337   -2.151  1.00 5.01  ? 14   PHE A CD2 1 
ATOM   125 C  CE1 . PHE A 1 14  ? -5.106  2.147   0.021   1.00 6.23  ? 14   PHE A CE1 1 
ATOM   126 C  CE2 . PHE A 1 14  ? -5.238  1.555   -2.292  1.00 6.61  ? 14   PHE A CE2 1 
ATOM   127 C  CZ  . PHE A 1 14  ? -4.497  1.948   -1.196  1.00 5.68  ? 14   PHE A CZ  1 
ATOM   128 N  N   . ASP A 1 15  ? -11.435 -0.493  -0.121  1.00 10.88 ? 15   ASP A N   1 
ATOM   129 C  CA  . ASP A 1 15  ? -12.811 -0.471  0.374   1.00 10.86 ? 15   ASP A CA  1 
ATOM   130 C  C   . ASP A 1 15  ? -13.233 -1.766  1.046   1.00 10.35 ? 15   ASP A C   1 
ATOM   131 O  O   . ASP A 1 15  ? -14.330 -1.857  1.562   1.00 9.66  ? 15   ASP A O   1 
ATOM   132 C  CB  . ASP A 1 15  ? -13.766 -0.144  -0.761  1.00 11.05 ? 15   ASP A CB  1 
ATOM   133 C  CG  . ASP A 1 15  ? -13.431 1.188   -1.423  1.00 14.39 ? 15   ASP A CG  1 
ATOM   134 O  OD1 . ASP A 1 15  ? -12.945 2.105   -0.709  1.00 18.91 ? 15   ASP A OD1 1 
ATOM   135 O  OD2 . ASP A 1 15  ? -13.615 1.294   -2.652  1.00 20.59 ? 15   ASP A OD2 1 
ATOM   136 N  N   . THR A 1 16  ? -12.369 -2.774  1.008   1.00 9.27  ? 16   THR A N   1 
ATOM   137 C  CA  . THR A 1 16  ? -12.622 -4.035  1.689   1.00 9.27  ? 16   THR A CA  1 
ATOM   138 C  C   . THR A 1 16  ? -11.450 -4.296  2.627   1.00 8.45  ? 16   THR A C   1 
ATOM   139 O  O   . THR A 1 16  ? -11.364 -3.696  3.697   1.00 9.04  ? 16   THR A O   1 
ATOM   140 C  CB  . THR A 1 16  ? -12.877 -5.175  0.676   1.00 9.03  ? 16   THR A CB  1 
ATOM   141 O  OG1 . THR A 1 16  ? -11.808 -5.254  -0.271  1.00 12.28 ? 16   THR A OG1 1 
ATOM   142 C  CG2 . THR A 1 16  ? -14.189 -4.920  -0.090  1.00 10.31 ? 16   THR A CG2 1 
ATOM   143 N  N   . TYR A 1 17  ? -10.545 -5.174  2.219   1.00 8.82  ? 17   TYR A N   1 
ATOM   144 C  CA  . TYR A 1 17  ? -9.362  -5.510  3.000   1.00 8.88  ? 17   TYR A CA  1 
ATOM   145 C  C   . TYR A 1 17  ? -8.428  -6.187  2.036   1.00 8.57  ? 17   TYR A C   1 
ATOM   146 O  O   . TYR A 1 17  ? -8.847  -6.636  0.967   1.00 8.17  ? 17   TYR A O   1 
ATOM   147 C  CB  . TYR A 1 17  ? -9.725  -6.496  4.118   1.00 9.38  ? 17   TYR A CB  1 
ATOM   148 C  CG  . TYR A 1 17  ? -10.499 -7.679  3.593   1.00 8.81  ? 17   TYR A CG  1 
ATOM   149 C  CD1 . TYR A 1 17  ? -9.843  -8.811  3.125   1.00 8.55  ? 17   TYR A CD1 1 
ATOM   150 C  CD2 . TYR A 1 17  ? -11.896 -7.643  3.512   1.00 9.16  ? 17   TYR A CD2 1 
ATOM   151 C  CE1 . TYR A 1 17  ? -10.541 -9.884  2.605   1.00 10.00 ? 17   TYR A CE1 1 
ATOM   152 C  CE2 . TYR A 1 17  ? -12.611 -8.708  2.992   1.00 11.19 ? 17   TYR A CE2 1 
ATOM   153 C  CZ  . TYR A 1 17  ? -11.933 -9.831  2.544   1.00 11.69 ? 17   TYR A CZ  1 
ATOM   154 O  OH  . TYR A 1 17  ? -12.644 -10.897 2.033   1.00 13.99 ? 17   TYR A OH  1 
ATOM   155 N  N   . LEU A 1 18  ? -7.159  -6.263  2.431   1.00 8.78  ? 18   LEU A N   1 
ATOM   156 C  CA  . LEU A 1 18  ? -6.155  -6.995  1.676   1.00 10.11 ? 18   LEU A CA  1 
ATOM   157 C  C   . LEU A 1 18  ? -5.875  -8.260  2.470   1.00 10.13 ? 18   LEU A C   1 
ATOM   158 O  O   . LEU A 1 18  ? -5.481  -8.195  3.631   1.00 11.10 ? 18   LEU A O   1 
ATOM   159 C  CB  . LEU A 1 18  ? -4.888  -6.161  1.529   1.00 9.66  ? 18   LEU A CB  1 
ATOM   160 C  CG  . LEU A 1 18  ? -3.718  -6.747  0.726   1.00 10.83 ? 18   LEU A CG  1 
ATOM   161 C  CD1 . LEU A 1 18  ? -4.132  -7.048  -0.697  1.00 11.63 ? 18   LEU A CD1 1 
ATOM   162 C  CD2 . LEU A 1 18  ? -2.526  -5.782  0.749   1.00 12.83 ? 18   LEU A CD2 1 
ATOM   163 N  N   . LEU A 1 19  ? -6.084  -9.406  1.838   1.00 10.77 ? 19   LEU A N   1 
ATOM   164 C  CA  . LEU A 1 19  ? -5.808  -10.689 2.459   1.00 10.65 ? 19   LEU A CA  1 
ATOM   165 C  C   . LEU A 1 19  ? -4.419  -11.140 2.051   1.00 10.09 ? 19   LEU A C   1 
ATOM   166 O  O   . LEU A 1 19  ? -4.037  -11.059 0.862   1.00 10.69 ? 19   LEU A O   1 
ATOM   167 C  CB  . LEU A 1 19  ? -6.864  -11.711 2.030   1.00 10.94 ? 19   LEU A CB  1 
ATOM   168 C  CG  . LEU A 1 19  ? -6.833  -13.106 2.646   1.00 11.80 ? 19   LEU A CG  1 
ATOM   169 C  CD1 . LEU A 1 19  ? -6.799  -13.045 4.154   1.00 11.09 ? 19   LEU A CD1 1 
ATOM   170 C  CD2 . LEU A 1 19  ? -8.055  -13.887 2.159   1.00 13.25 ? 19   LEU A CD2 1 
ATOM   171 N  N   . ILE A 1 20  ? -3.641  -11.531 3.050   1.00 8.82  ? 20   ILE A N   1 
ATOM   172 C  CA  . ILE A 1 20  ? -2.307  -12.070 2.820   1.00 9.22  ? 20   ILE A CA  1 
ATOM   173 C  C   . ILE A 1 20  ? -2.189  -13.333 3.670   1.00 9.49  ? 20   ILE A C   1 
ATOM   174 O  O   . ILE A 1 20  ? -2.368  -13.287 4.881   1.00 9.35  ? 20   ILE A O   1 
ATOM   175 C  CB  . ILE A 1 20  ? -1.204  -11.053 3.197   1.00 9.07  ? 20   ILE A CB  1 
ATOM   176 C  CG1 . ILE A 1 20  ? -1.416  -9.716  2.469   1.00 9.05  ? 20   ILE A CG1 1 
ATOM   177 C  CG2 . ILE A 1 20  ? 0.177   -11.604 2.844   1.00 9.27  ? 20   ILE A CG2 1 
ATOM   178 C  CD1 . ILE A 1 20  ? -0.400  -8.585  2.860   1.00 10.99 ? 20   ILE A CD1 1 
ATOM   179 N  N   . SER A 1 21  ? -1.892  -14.465 3.036   1.00 10.05 ? 21   SER A N   1 
ATOM   180 C  CA  A SER A 1 21  ? -1.697  -15.715 3.766   0.50 10.73 ? 21   SER A CA  1 
ATOM   181 C  CA  B SER A 1 21  ? -1.703  -15.710 3.776   0.50 10.16 ? 21   SER A CA  1 
ATOM   182 C  C   . SER A 1 21  ? -0.507  -15.599 4.717   1.00 10.74 ? 21   SER A C   1 
ATOM   183 O  O   . SER A 1 21  ? 0.530   -15.032 4.365   1.00 10.02 ? 21   SER A O   1 
ATOM   184 C  CB  A SER A 1 21  ? -1.469  -16.872 2.790   0.50 11.03 ? 21   SER A CB  1 
ATOM   185 C  CB  B SER A 1 21  ? -1.498  -16.886 2.821   0.50 10.37 ? 21   SER A CB  1 
ATOM   186 O  OG  A SER A 1 21  ? -0.347  -16.628 1.955   0.50 13.09 ? 21   SER A OG  1 
ATOM   187 O  OG  B SER A 1 21  ? -1.114  -18.050 3.534   0.50 8.91  ? 21   SER A OG  1 
ATOM   188 N  N   . GLU A 1 22  ? -0.645  -16.135 5.922   1.00 11.17 ? 22   GLU A N   1 
ATOM   189 C  CA  . GLU A 1 22  ? 0.460   -16.126 6.869   1.00 12.40 ? 22   GLU A CA  1 
ATOM   190 C  C   . GLU A 1 22  ? 1.620   -17.005 6.377   1.00 12.05 ? 22   GLU A C   1 
ATOM   191 O  O   . GLU A 1 22  ? 2.739   -16.894 6.880   1.00 12.79 ? 22   GLU A O   1 
ATOM   192 C  CB  . GLU A 1 22  ? 0.005   -16.541 8.264   1.00 13.05 ? 22   GLU A CB  1 
ATOM   193 C  CG  . GLU A 1 22  ? -0.294  -18.007 8.397   1.00 15.21 ? 22   GLU A CG  1 
ATOM   194 C  CD  . GLU A 1 22  ? -0.782  -18.399 9.779   1.00 16.96 ? 22   GLU A CD  1 
ATOM   195 O  OE1 . GLU A 1 22  ? -1.609  -19.326 9.834   1.00 20.16 ? 22   GLU A OE1 1 
ATOM   196 O  OE2 . GLU A 1 22  ? -0.322  -17.822 10.799  1.00 18.06 ? 22   GLU A OE2 1 
ATOM   197 N  N   . ASP A 1 23  ? 1.360   -17.841 5.374   1.00 11.61 ? 23   ASP A N   1 
ATOM   198 C  CA  . ASP A 1 23  ? 2.408   -18.648 4.759   1.00 11.56 ? 23   ASP A CA  1 
ATOM   199 C  C   . ASP A 1 23  ? 3.057   -17.943 3.576   1.00 10.27 ? 23   ASP A C   1 
ATOM   200 O  O   . ASP A 1 23  ? 3.772   -18.558 2.780   1.00 10.06 ? 23   ASP A O   1 
ATOM   201 C  CB  . ASP A 1 23  ? 1.844   -19.996 4.319   1.00 12.18 ? 23   ASP A CB  1 
ATOM   202 C  CG  . ASP A 1 23  ? 1.266   -20.796 5.482   1.00 15.07 ? 23   ASP A CG  1 
ATOM   203 O  OD1 . ASP A 1 23  ? 1.910   -20.848 6.562   1.00 18.44 ? 23   ASP A OD1 1 
ATOM   204 O  OD2 . ASP A 1 23  ? 0.163   -21.373 5.322   1.00 19.50 ? 23   ASP A OD2 1 
ATOM   205 N  N   . THR A 1 24  ? 2.816   -16.637 3.459   1.00 9.12  ? 24   THR A N   1 
ATOM   206 C  CA  . THR A 1 24  ? 3.452   -15.851 2.431   1.00 8.65  ? 24   THR A CA  1 
ATOM   207 C  C   . THR A 1 24  ? 4.926   -15.682 2.770   1.00 8.21  ? 24   THR A C   1 
ATOM   208 O  O   . THR A 1 24  ? 5.269   -15.174 3.835   1.00 5.86  ? 24   THR A O   1 
ATOM   209 C  CB  . THR A 1 24  ? 2.790   -14.473 2.321   1.00 8.79  ? 24   THR A CB  1 
ATOM   210 O  OG1 . THR A 1 24  ? 1.442   -14.642 1.874   1.00 9.81  ? 24   THR A OG1 1 
ATOM   211 C  CG2 . THR A 1 24  ? 3.522   -13.619 1.328   1.00 7.97  ? 24   THR A CG2 1 
ATOM   212 N  N   . PRO A 1 25  ? 5.808   -16.141 1.870   1.00 10.25 ? 25   PRO A N   1 
ATOM   213 C  CA  . PRO A 1 25  ? 7.233   -16.007 2.108   1.00 10.15 ? 25   PRO A CA  1 
ATOM   214 C  C   . PRO A 1 25  ? 7.722   -14.557 2.151   1.00 10.22 ? 25   PRO A C   1 
ATOM   215 O  O   . PRO A 1 25  ? 7.258   -13.693 1.416   1.00 9.50  ? 25   PRO A O   1 
ATOM   216 C  CB  . PRO A 1 25  ? 7.858   -16.732 0.909   1.00 11.02 ? 25   PRO A CB  1 
ATOM   217 C  CG  . PRO A 1 25  ? 6.855   -17.638 0.416   1.00 12.67 ? 25   PRO A CG  1 
ATOM   218 C  CD  . PRO A 1 25  ? 5.538   -16.984 0.687   1.00 10.73 ? 25   PRO A CD  1 
ATOM   219 N  N   . VAL A 1 26  ? 8.676   -14.281 3.025   1.00 10.88 ? 26   VAL A N   1 
ATOM   220 C  CA  . VAL A 1 26  ? 9.344   -12.984 2.990   1.00 10.84 ? 26   VAL A CA  1 
ATOM   221 C  C   . VAL A 1 26  ? 9.974   -12.791 1.610   1.00 10.29 ? 26   VAL A C   1 
ATOM   222 O  O   . VAL A 1 26  ? 10.577  -13.702 1.021   1.00 9.78  ? 26   VAL A O   1 
ATOM   223 C  CB  . VAL A 1 26  ? 10.410  -12.885 4.106   1.00 12.31 ? 26   VAL A CB  1 
ATOM   224 C  CG1 . VAL A 1 26  ? 11.253  -11.608 3.950   1.00 14.13 ? 26   VAL A CG1 1 
ATOM   225 C  CG2 . VAL A 1 26  ? 9.741   -12.990 5.483   1.00 14.95 ? 26   VAL A CG2 1 
ATOM   226 N  N   . GLY A 1 27  ? 9.827   -11.566 1.097   1.00 9.99  ? 27   GLY A N   1 
ATOM   227 C  CA  . GLY A 1 27  ? 10.215  -11.219 -0.271  1.00 10.16 ? 27   GLY A CA  1 
ATOM   228 C  C   . GLY A 1 27  ? 9.125   -11.283 -1.319  1.00 11.17 ? 27   GLY A C   1 
ATOM   229 O  O   . GLY A 1 27  ? 9.336   -10.829 -2.431  1.00 13.30 ? 27   GLY A O   1 
ATOM   230 N  N   . SER A 1 28  ? 7.991   -11.873 -0.969  1.00 10.71 ? 28   SER A N   1 
ATOM   231 C  CA  A SER A 1 28  ? 6.858   -12.005 -1.885  0.50 10.06 ? 28   SER A CA  1 
ATOM   232 C  CA  B SER A 1 28  ? 6.897   -12.007 -1.910  0.50 11.52 ? 28   SER A CA  1 
ATOM   233 C  C   . SER A 1 28  ? 6.215   -10.661 -2.128  1.00 10.55 ? 28   SER A C   1 
ATOM   234 O  O   . SER A 1 28  ? 6.062   -9.862  -1.206  1.00 10.93 ? 28   SER A O   1 
ATOM   235 C  CB  A SER A 1 28  ? 5.767   -12.907 -1.307  0.50 9.83  ? 28   SER A CB  1 
ATOM   236 C  CB  B SER A 1 28  ? 5.885   -13.012 -1.385  0.50 11.61 ? 28   SER A CB  1 
ATOM   237 O  OG  A SER A 1 28  ? 6.242   -14.191 -0.983  0.50 6.77  ? 28   SER A OG  1 
ATOM   238 O  OG  B SER A 1 28  ? 5.490   -12.635 -0.085  0.50 16.99 ? 28   SER A OG  1 
ATOM   239 N  N   . SER A 1 29  ? 5.806   -10.421 -3.355  1.00 11.51 ? 29   SER A N   1 
ATOM   240 C  CA  . SER A 1 29  ? 4.918   -9.302  -3.599  1.00 12.99 ? 29   SER A CA  1 
ATOM   241 C  C   . SER A 1 29  ? 3.542   -9.682  -3.083  1.00 13.26 ? 29   SER A C   1 
ATOM   242 O  O   . SER A 1 29  ? 3.058   -10.796 -3.318  1.00 15.87 ? 29   SER A O   1 
ATOM   243 C  CB  . SER A 1 29  ? 4.890   -8.950  -5.080  1.00 14.37 ? 29   SER A CB  1 
ATOM   244 O  OG  . SER A 1 29  ? 4.571   -10.056 -5.862  1.00 20.32 ? 29   SER A OG  1 
ATOM   245 N  N   . VAL A 1 30  ? 2.928   -8.793  -2.329  1.00 13.09 ? 30   VAL A N   1 
ATOM   246 C  CA  . VAL A 1 30  ? 1.599   -9.049  -1.769  1.00 13.20 ? 30   VAL A CA  1 
ATOM   247 C  C   . VAL A 1 30  ? 0.473   -8.282  -2.471  1.00 13.05 ? 30   VAL A C   1 
ATOM   248 O  O   . VAL A 1 30  ? -0.689  -8.676  -2.364  1.00 13.30 ? 30   VAL A O   1 
ATOM   249 C  CB  . VAL A 1 30  ? 1.560   -8.783  -0.259  1.00 13.04 ? 30   VAL A CB  1 
ATOM   250 C  CG1 . VAL A 1 30  ? 2.552   -9.710  0.477   1.00 14.72 ? 30   VAL A CG1 1 
ATOM   251 C  CG2 . VAL A 1 30  ? 1.871   -7.316  0.027   1.00 12.51 ? 30   VAL A CG2 1 
ATOM   252 N  N   . THR A 1 31  ? 0.817   -7.227  -3.196  1.00 12.62 ? 31   THR A N   1 
ATOM   253 C  CA  . THR A 1 31  ? -0.140  -6.526  -4.043  1.00 12.20 ? 31   THR A CA  1 
ATOM   254 C  C   . THR A 1 31  ? 0.619   -5.533  -4.912  1.00 12.32 ? 31   THR A C   1 
ATOM   255 O  O   . THR A 1 31  ? 1.843   -5.437  -4.835  1.00 12.20 ? 31   THR A O   1 
ATOM   256 C  CB  . THR A 1 31  ? -1.228  -5.807  -3.192  1.00 13.29 ? 31   THR A CB  1 
ATOM   257 O  OG1 . THR A 1 31  ? -2.315  -5.397  -4.044  1.00 13.91 ? 31   THR A OG1 1 
ATOM   258 C  CG2 . THR A 1 31  ? -0.662  -4.604  -2.420  1.00 11.52 ? 31   THR A CG2 1 
ATOM   259 N  N   . GLN A 1 32  ? -0.098  -4.819  -5.757  1.00 12.55 ? 32   GLN A N   1 
ATOM   260 C  CA  . GLN A 1 32  ? 0.475   -3.697  -6.467  1.00 12.47 ? 32   GLN A CA  1 
ATOM   261 C  C   . GLN A 1 32  ? -0.527  -2.563  -6.350  1.00 11.46 ? 32   GLN A C   1 
ATOM   262 O  O   . GLN A 1 32  ? -1.682  -2.670  -6.764  1.00 12.18 ? 32   GLN A O   1 
ATOM   263 C  CB  . GLN A 1 32  ? 0.777   -4.024  -7.925  1.00 13.73 ? 32   GLN A CB  1 
ATOM   264 C  CG  . GLN A 1 32  ? 1.294   -2.840  -8.709  1.00 14.14 ? 32   GLN A CG  1 
ATOM   265 C  CD  . GLN A 1 32  ? 1.591   -3.143  -10.167 1.00 17.62 ? 32   GLN A CD  1 
ATOM   266 O  OE1 . GLN A 1 32  ? 1.017   -4.065  -10.755 1.00 22.85 ? 32   GLN A OE1 1 
ATOM   267 N  NE2 . GLN A 1 32  ? 2.493   -2.370  -10.760 1.00 18.44 ? 32   GLN A NE2 1 
ATOM   268 N  N   . LEU A 1 33  ? -0.062  -1.476  -5.761  1.00 10.95 ? 33   LEU A N   1 
ATOM   269 C  CA  . LEU A 1 33  ? -0.874  -0.276  -5.640  1.00 10.88 ? 33   LEU A CA  1 
ATOM   270 C  C   . LEU A 1 33  ? -1.111  0.287   -7.034  1.00 10.63 ? 33   LEU A C   1 
ATOM   271 O  O   . LEU A 1 33  ? -0.210  0.307   -7.860  1.00 12.49 ? 33   LEU A O   1 
ATOM   272 C  CB  . LEU A 1 33  ? -0.151  0.763   -4.786  1.00 10.19 ? 33   LEU A CB  1 
ATOM   273 C  CG  . LEU A 1 33  ? 0.175   0.349   -3.356  1.00 9.86  ? 33   LEU A CG  1 
ATOM   274 C  CD1 . LEU A 1 33  ? 0.941   1.448   -2.655  1.00 11.36 ? 33   LEU A CD1 1 
ATOM   275 C  CD2 . LEU A 1 33  ? -1.059  -0.005  -2.559  1.00 12.85 ? 33   LEU A CD2 1 
ATOM   276 N  N   . LEU A 1 34  ? -2.347  0.720   -7.275  1.00 11.12 ? 34   LEU A N   1 
ATOM   277 C  CA  . LEU A 1 34  ? -2.801  1.293   -8.555  1.00 10.85 ? 34   LEU A CA  1 
ATOM   278 C  C   . LEU A 1 34  ? -3.429  2.660   -8.288  1.00 9.91  ? 34   LEU A C   1 
ATOM   279 O  O   . LEU A 1 34  ? -4.162  2.835   -7.319  1.00 9.90  ? 34   LEU A O   1 
ATOM   280 C  CB  . LEU A 1 34  ? -3.799  0.364   -9.247  1.00 10.94 ? 34   LEU A CB  1 
ATOM   281 C  CG  . LEU A 1 34  ? -3.253  -1.005  -9.632  1.00 12.46 ? 34   LEU A CG  1 
ATOM   282 C  CD1 . LEU A 1 34  ? -4.400  -1.882  -10.046 1.00 12.09 ? 34   LEU A CD1 1 
ATOM   283 C  CD2 . LEU A 1 34  ? -2.169  -0.928  -10.724 1.00 13.93 ? 34   LEU A CD2 1 
ATOM   284 N  N   . ALA A 1 35  ? -3.085  3.647   -9.110  1.00 10.50 ? 35   ALA A N   1 
ATOM   285 C  CA  . ALA A 1 35  ? -3.627  4.984   -8.950  1.00 9.26  ? 35   ALA A CA  1 
ATOM   286 C  C   . ALA A 1 35  ? -3.778  5.666   -10.299 1.00 10.20 ? 35   ALA A C   1 
ATOM   287 O  O   . ALA A 1 35  ? -3.183  5.209   -11.281 1.00 12.48 ? 35   ALA A O   1 
ATOM   288 C  CB  . ALA A 1 35  ? -2.757  5.835   -7.969  1.00 9.63  ? 35   ALA A CB  1 
ATOM   289 N  N   . ARG A 1 36  ? -4.619  6.698   -10.315 1.00 10.08 ? 36   ARG A N   1 
ATOM   290 C  CA  A ARG A 1 36  ? -4.784  7.524   -11.502 0.50 11.32 ? 36   ARG A CA  1 
ATOM   291 C  CA  B ARG A 1 36  ? -4.850  7.528   -11.497 0.50 10.38 ? 36   ARG A CA  1 
ATOM   292 C  C   . ARG A 1 36  ? -4.605  8.988   -11.138 1.00 11.12 ? 36   ARG A C   1 
ATOM   293 O  O   . ARG A 1 36  ? -5.072  9.451   -10.115 1.00 11.96 ? 36   ARG A O   1 
ATOM   294 C  CB  A ARG A 1 36  ? -6.131  7.274   -12.159 0.50 12.18 ? 36   ARG A CB  1 
ATOM   295 C  CB  B ARG A 1 36  ? -6.279  7.363   -11.980 0.50 10.75 ? 36   ARG A CB  1 
ATOM   296 C  CG  A ARG A 1 36  ? -6.130  7.621   -13.629 0.50 15.41 ? 36   ARG A CG  1 
ATOM   297 C  CG  B ARG A 1 36  ? -6.636  8.292   -13.104 0.50 9.86  ? 36   ARG A CG  1 
ATOM   298 C  CD  A ARG A 1 36  ? -6.693  8.989   -13.863 0.50 18.78 ? 36   ARG A CD  1 
ATOM   299 C  CD  B ARG A 1 36  ? -6.027  7.863   -14.456 0.50 12.25 ? 36   ARG A CD  1 
ATOM   300 N  NE  A ARG A 1 36  ? -6.584  9.427   -15.254 0.50 19.34 ? 36   ARG A NE  1 
ATOM   301 N  NE  B ARG A 1 36  ? -6.352  8.823   -15.505 0.50 14.56 ? 36   ARG A NE  1 
ATOM   302 C  CZ  A ARG A 1 36  ? -7.435  9.094   -16.224 0.50 19.61 ? 36   ARG A CZ  1 
ATOM   303 C  CZ  B ARG A 1 36  ? -5.472  9.402   -16.317 0.50 14.85 ? 36   ARG A CZ  1 
ATOM   304 N  NH1 A ARG A 1 36  ? -8.479  8.312   -15.973 0.50 19.67 ? 36   ARG A NH1 1 
ATOM   305 N  NH1 B ARG A 1 36  ? -4.175  9.099   -16.255 0.50 14.53 ? 36   ARG A NH1 1 
ATOM   306 N  NH2 A ARG A 1 36  ? -7.248  9.563   -17.448 0.50 20.00 ? 36   ARG A NH2 1 
ATOM   307 N  NH2 B ARG A 1 36  ? -5.912  10.285  -17.213 0.50 16.69 ? 36   ARG A NH2 1 
ATOM   308 N  N   . ASP A 1 37  ? -3.860  9.692   -11.972 1.00 11.05 ? 37   ASP A N   1 
ATOM   309 C  CA  . ASP A 1 37  ? -3.745  11.136  -11.898 1.00 10.70 ? 37   ASP A CA  1 
ATOM   310 C  C   . ASP A 1 37  ? -4.405  11.688  -13.168 1.00 10.29 ? 37   ASP A C   1 
ATOM   311 O  O   . ASP A 1 37  ? -3.955  11.380  -14.286 1.00 10.61 ? 37   ASP A O   1 
ATOM   312 C  CB  . ASP A 1 37  ? -2.296  11.565  -11.824 1.00 10.95 ? 37   ASP A CB  1 
ATOM   313 C  CG  . ASP A 1 37  ? -2.150  13.044  -11.542 1.00 10.18 ? 37   ASP A CG  1 
ATOM   314 O  OD1 . ASP A 1 37  ? -1.863  13.437  -10.395 1.00 10.49 ? 37   ASP A OD1 1 
ATOM   315 O  OD2 . ASP A 1 37  ? -2.332  13.849  -12.491 1.00 11.11 ? 37   ASP A OD2 1 
ATOM   316 N  N   . MET A 1 38  ? -5.461  12.489  -13.019 1.00 9.79  ? 38   MET A N   1 
ATOM   317 C  CA  . MET A 1 38  ? -6.189  12.963  -14.197 1.00 10.20 ? 38   MET A CA  1 
ATOM   318 C  C   . MET A 1 38  ? -5.396  13.880  -15.097 1.00 10.05 ? 38   MET A C   1 
ATOM   319 O  O   . MET A 1 38  ? -5.813  14.124  -16.222 1.00 11.14 ? 38   MET A O   1 
ATOM   320 C  CB  . MET A 1 38  ? -7.493  13.646  -13.790 1.00 10.61 ? 38   MET A CB  1 
ATOM   321 C  CG  . MET A 1 38  ? -8.485  12.722  -13.108 1.00 14.30 ? 38   MET A CG  1 
ATOM   322 S  SD  . MET A 1 38  ? -8.955  11.247  -14.045 1.00 26.36 ? 38   MET A SD  1 
ATOM   323 C  CE  . MET A 1 38  ? -9.127  11.987  -15.608 1.00 16.84 ? 38   MET A CE  1 
ATOM   324 N  N   . ASP A 1 39  ? -4.294  14.426  -14.581 1.00 9.30  ? 39   ASP A N   1 
ATOM   325 C  CA  . ASP A 1 39  ? -3.369  15.240  -15.369 1.00 8.98  ? 39   ASP A CA  1 
ATOM   326 C  C   . ASP A 1 39  ? -2.283  14.409  -16.038 1.00 8.49  ? 39   ASP A C   1 
ATOM   327 O  O   . ASP A 1 39  ? -1.433  14.949  -16.761 1.00 8.27  ? 39   ASP A O   1 
ATOM   328 C  CB  . ASP A 1 39  ? -2.704  16.327  -14.505 1.00 8.21  ? 39   ASP A CB  1 
ATOM   329 C  CG  . ASP A 1 39  ? -3.664  17.000  -13.574 1.00 10.35 ? 39   ASP A CG  1 
ATOM   330 O  OD1 . ASP A 1 39  ? -4.588  17.690  -14.089 1.00 11.46 ? 39   ASP A OD1 1 
ATOM   331 O  OD2 . ASP A 1 39  ? -3.464  16.836  -12.344 1.00 8.61  ? 39   ASP A OD2 1 
ATOM   332 N  N   . ASN A 1 40  ? -2.299  13.090  -15.814 1.00 8.72  ? 40   ASN A N   1 
ATOM   333 C  CA  . ASN A 1 40  ? -1.228  12.189  -16.259 1.00 8.92  ? 40   ASN A CA  1 
ATOM   334 C  C   . ASN A 1 40  ? 0.128   12.520  -15.632 1.00 8.68  ? 40   ASN A C   1 
ATOM   335 O  O   . ASN A 1 40  ? 1.174   12.195  -16.193 1.00 10.24 ? 40   ASN A O   1 
ATOM   336 C  CB  . ASN A 1 40  ? -1.085  12.177  -17.788 1.00 8.76  ? 40   ASN A CB  1 
ATOM   337 C  CG  . ASN A 1 40  ? -2.379  11.969  -18.482 1.00 9.36  ? 40   ASN A CG  1 
ATOM   338 O  OD1 . ASN A 1 40  ? -3.175  11.107  -18.095 1.00 10.73 ? 40   ASN A OD1 1 
ATOM   339 N  ND2 . ASN A 1 40  ? -2.608  12.747  -19.543 1.00 10.59 ? 40   ASN A ND2 1 
ATOM   340 N  N   . ASP A 1 41  ? 0.117   13.157  -14.460 1.00 9.16  ? 41   ASP A N   1 
ATOM   341 C  CA  . ASP A 1 41  ? 1.373   13.455  -13.774 1.00 9.53  ? 41   ASP A CA  1 
ATOM   342 C  C   . ASP A 1 41  ? 2.039   12.176  -13.284 1.00 9.18  ? 41   ASP A C   1 
ATOM   343 O  O   . ASP A 1 41  ? 1.344   11.234  -12.850 1.00 10.92 ? 41   ASP A O   1 
ATOM   344 C  CB  . ASP A 1 41  ? 1.116   14.357  -12.580 1.00 9.53  ? 41   ASP A CB  1 
ATOM   345 C  CG  . ASP A 1 41  ? 0.651   15.759  -12.957 1.00 11.08 ? 41   ASP A CG  1 
ATOM   346 O  OD1 . ASP A 1 41  ? 1.127   16.303  -13.981 1.00 11.51 ? 41   ASP A OD1 1 
ATOM   347 O  OD2 . ASP A 1 41  ? -0.151  16.346  -12.183 1.00 9.92  ? 41   ASP A OD2 1 
ATOM   348 N  N   . PRO A 1 42  ? 3.381   12.128  -13.310 1.00 10.67 ? 42   PRO A N   1 
ATOM   349 C  CA  . PRO A 1 42  ? 4.110   11.013  -12.701 1.00 10.80 ? 42   PRO A CA  1 
ATOM   350 C  C   . PRO A 1 42  ? 3.773   10.873  -11.214 1.00 9.97  ? 42   PRO A C   1 
ATOM   351 O  O   . PRO A 1 42  ? 3.673   11.871  -10.493 1.00 11.61 ? 42   PRO A O   1 
ATOM   352 C  CB  . PRO A 1 42  ? 5.583   11.392  -12.889 1.00 11.59 ? 42   PRO A CB  1 
ATOM   353 C  CG  . PRO A 1 42  ? 5.575   12.381  -13.969 1.00 13.07 ? 42   PRO A CG  1 
ATOM   354 C  CD  . PRO A 1 42  ? 4.264   13.064  -14.001 1.00 11.38 ? 42   PRO A CD  1 
ATOM   355 N  N   . LEU A 1 43  ? 3.606   9.641   -10.788 1.00 10.36 ? 43   LEU A N   1 
ATOM   356 C  CA  . LEU A 1 43  ? 3.179   9.356   -9.413  1.00 11.07 ? 43   LEU A CA  1 
ATOM   357 C  C   . LEU A 1 43  ? 4.235   8.573   -8.635  1.00 10.76 ? 43   LEU A C   1 
ATOM   358 O  O   . LEU A 1 43  ? 4.968   7.742   -9.206  1.00 11.69 ? 43   LEU A O   1 
ATOM   359 C  CB  . LEU A 1 43  ? 1.897   8.546   -9.431  1.00 12.03 ? 43   LEU A CB  1 
ATOM   360 C  CG  . LEU A 1 43  ? 0.681   9.230   -10.057 1.00 11.38 ? 43   LEU A CG  1 
ATOM   361 C  CD1 . LEU A 1 43  ? -0.496  8.295   -9.935  1.00 12.66 ? 43   LEU A CD1 1 
ATOM   362 C  CD2 . LEU A 1 43  ? 0.431   10.608  -9.411  1.00 12.16 ? 43   LEU A CD2 1 
ATOM   363 N  N   . VAL A 1 44  ? 4.311   8.836   -7.332  1.00 10.37 ? 44   VAL A N   1 
ATOM   364 C  CA  . VAL A 1 44  ? 5.125   8.023   -6.436  1.00 11.37 ? 44   VAL A CA  1 
ATOM   365 C  C   . VAL A 1 44  ? 4.286   7.442   -5.331  1.00 10.69 ? 44   VAL A C   1 
ATOM   366 O  O   . VAL A 1 44  ? 3.400   8.090   -4.819  1.00 10.76 ? 44   VAL A O   1 
ATOM   367 C  CB  . VAL A 1 44  ? 6.323   8.785   -5.879  1.00 13.22 ? 44   VAL A CB  1 
ATOM   368 C  CG1 . VAL A 1 44  ? 7.269   9.139   -7.006  1.00 15.16 ? 44   VAL A CG1 1 
ATOM   369 C  CG2 . VAL A 1 44  ? 5.942   9.979   -5.152  1.00 14.45 ? 44   VAL A CG2 1 
ATOM   370 N  N   . PHE A 1 45  ? 4.530   6.168   -5.060  1.00 9.37  ? 45   PHE A N   1 
ATOM   371 C  CA  . PHE A 1 45  ? 3.813   5.405   -4.092  1.00 9.67  ? 45   PHE A CA  1 
ATOM   372 C  C   . PHE A 1 45  ? 4.686   5.218   -2.862  1.00 9.87  ? 45   PHE A C   1 
ATOM   373 O  O   . PHE A 1 45  ? 5.936   5.164   -2.946  1.00 11.18 ? 45   PHE A O   1 
ATOM   374 C  CB  . PHE A 1 45  ? 3.510   4.037   -4.679  1.00 9.70  ? 45   PHE A CB  1 
ATOM   375 C  CG  . PHE A 1 45  ? 2.535   4.044   -5.814  1.00 9.53  ? 45   PHE A CG  1 
ATOM   376 C  CD1 . PHE A 1 45  ? 1.175   4.108   -5.565  1.00 9.70  ? 45   PHE A CD1 1 
ATOM   377 C  CD2 . PHE A 1 45  ? 2.967   4.001   -7.129  1.00 10.88 ? 45   PHE A CD2 1 
ATOM   378 C  CE1 . PHE A 1 45  ? 0.275   4.089   -6.602  1.00 9.60  ? 45   PHE A CE1 1 
ATOM   379 C  CE2 . PHE A 1 45  ? 2.082   4.002   -8.166  1.00 11.64 ? 45   PHE A CE2 1 
ATOM   380 C  CZ  . PHE A 1 45  ? 0.729   4.038   -7.904  1.00 11.39 ? 45   PHE A CZ  1 
ATOM   381 N  N   . GLY A 1 46  ? 4.019   5.074   -1.729  1.00 9.84  ? 46   GLY A N   1 
ATOM   382 C  CA  . GLY A 1 46  ? 4.702   4.853   -0.450  1.00 10.25 ? 46   GLY A CA  1 
ATOM   383 C  C   . GLY A 1 46  ? 3.856   4.178   0.591   1.00 9.85  ? 46   GLY A C   1 
ATOM   384 O  O   . GLY A 1 46  ? 2.672   3.902   0.405   1.00 10.05 ? 46   GLY A O   1 
ATOM   385 N  N   . VAL A 1 47  ? 4.524   3.864   1.693   1.00 10.26 ? 47   VAL A N   1 
ATOM   386 C  CA  . VAL A 1 47  ? 3.902   3.361   2.900   1.00 11.25 ? 47   VAL A CA  1 
ATOM   387 C  C   . VAL A 1 47  ? 4.339   4.268   4.028   1.00 12.77 ? 47   VAL A C   1 
ATOM   388 O  O   . VAL A 1 47  ? 5.443   4.809   4.024   1.00 13.24 ? 47   VAL A O   1 
ATOM   389 C  CB  . VAL A 1 47  ? 4.233   1.879   3.175   1.00 10.73 ? 47   VAL A CB  1 
ATOM   390 C  CG1 . VAL A 1 47  ? 5.710   1.626   3.391   1.00 12.06 ? 47   VAL A CG1 1 
ATOM   391 C  CG2 . VAL A 1 47  ? 3.457   1.384   4.411   1.00 12.09 ? 47   VAL A CG2 1 
ATOM   392 N  N   . SER A 1 48  ? 3.408   4.547   4.935   1.00 14.22 ? 48   SER A N   1 
ATOM   393 C  CA  A SER A 1 48  ? 3.765   5.345   6.101   0.50 15.75 ? 48   SER A CA  1 
ATOM   394 C  CA  B SER A 1 48  ? 3.627   5.419   6.090   0.50 15.53 ? 48   SER A CA  1 
ATOM   395 C  C   . SER A 1 48  ? 3.388   4.620   7.373   1.00 15.57 ? 48   SER A C   1 
ATOM   396 O  O   . SER A 1 48  ? 2.477   3.788   7.401   1.00 17.39 ? 48   SER A O   1 
ATOM   397 C  CB  A SER A 1 48  ? 3.142   6.739   6.051   0.50 15.66 ? 48   SER A CB  1 
ATOM   398 C  CB  B SER A 1 48  ? 2.645   6.594   6.002   0.50 15.17 ? 48   SER A CB  1 
ATOM   399 O  OG  A SER A 1 48  ? 1.749   6.670   5.896   0.50 18.30 ? 48   SER A OG  1 
ATOM   400 O  OG  B SER A 1 48  ? 2.813   7.555   7.021   0.50 17.01 ? 48   SER A OG  1 
ATOM   401 N  N   . GLY A 1 49  ? 4.161   4.903   8.418   1.00 15.28 ? 49   GLY A N   1 
ATOM   402 C  CA  . GLY A 1 49  ? 4.007   4.289   9.701   1.00 14.89 ? 49   GLY A CA  1 
ATOM   403 C  C   . GLY A 1 49  ? 5.215   3.461   10.024  1.00 14.87 ? 49   GLY A C   1 
ATOM   404 O  O   . GLY A 1 49  ? 5.728   2.736   9.168   1.00 14.06 ? 49   GLY A O   1 
ATOM   405 N  N   . GLU A 1 50  ? 5.654   3.531   11.264  1.00 14.98 ? 50   GLU A N   1 
ATOM   406 C  CA  . GLU A 1 50  ? 6.805   2.763   11.724  1.00 16.03 ? 50   GLU A CA  1 
ATOM   407 C  C   . GLU A 1 50  ? 6.620   1.253   11.564  1.00 15.94 ? 50   GLU A C   1 
ATOM   408 O  O   . GLU A 1 50  ? 7.449   0.594   10.936  1.00 16.39 ? 50   GLU A O   1 
ATOM   409 C  CB  . GLU A 1 50  ? 7.110   3.121   13.180  1.00 17.21 ? 50   GLU A CB  1 
ATOM   410 C  CG  . GLU A 1 50  ? 8.246   2.357   13.807  1.00 21.79 ? 50   GLU A CG  1 
ATOM   411 C  CD  . GLU A 1 50  ? 8.641   2.888   15.191  1.00 27.23 ? 50   GLU A CD  1 
ATOM   412 O  OE1 . GLU A 1 50  ? 8.484   4.111   15.449  1.00 31.29 ? 50   GLU A OE1 1 
ATOM   413 O  OE2 . GLU A 1 50  ? 9.132   2.079   16.023  1.00 32.12 ? 50   GLU A OE2 1 
ATOM   414 N  N   . GLU A 1 51  ? 5.529   0.702   12.091  1.00 15.36 ? 51   GLU A N   1 
ATOM   415 C  CA  . GLU A 1 51  ? 5.281   -0.731  12.009  1.00 15.55 ? 51   GLU A CA  1 
ATOM   416 C  C   . GLU A 1 51  ? 5.041   -1.155  10.579  1.00 14.17 ? 51   GLU A C   1 
ATOM   417 O  O   . GLU A 1 51  ? 5.621   -2.161  10.124  1.00 15.04 ? 51   GLU A O   1 
ATOM   418 C  CB  . GLU A 1 51  ? 4.046   -1.116  12.839  1.00 16.21 ? 51   GLU A CB  1 
ATOM   419 C  CG  . GLU A 1 51  ? 3.762   -2.626  12.869  1.00 19.90 ? 51   GLU A CG  1 
ATOM   420 C  CD  . GLU A 1 51  ? 2.377   -3.005  13.440  1.00 23.15 ? 51   GLU A CD  1 
ATOM   421 O  OE1 . GLU A 1 51  ? 1.357   -2.325  13.152  1.00 26.11 ? 51   GLU A OE1 1 
ATOM   422 O  OE2 . GLU A 1 51  ? 2.315   -4.033  14.145  1.00 27.94 ? 51   GLU A OE2 1 
ATOM   423 N  N   . ALA A 1 52  ? 4.213   -0.397  9.866   1.00 12.91 ? 52   ALA A N   1 
ATOM   424 C  CA  . ALA A 1 52  ? 3.854   -0.748  8.494   1.00 12.58 ? 52   ALA A CA  1 
ATOM   425 C  C   . ALA A 1 52  ? 5.119   -0.852  7.654   1.00 12.67 ? 52   ALA A C   1 
ATOM   426 O  O   . ALA A 1 52  ? 5.298   -1.806  6.913   1.00 13.97 ? 52   ALA A O   1 
ATOM   427 C  CB  . ALA A 1 52  ? 2.904   0.270   7.880   1.00 13.47 ? 52   ALA A CB  1 
ATOM   428 N  N   . SER A 1 53  ? 5.992   0.135   7.786   1.00 11.78 ? 53   SER A N   1 
ATOM   429 C  CA  . SER A 1 53  ? 7.228   0.186   7.001   1.00 10.98 ? 53   SER A CA  1 
ATOM   430 C  C   . SER A 1 53  ? 8.214   -0.944  7.351   1.00 10.98 ? 53   SER A C   1 
ATOM   431 O  O   . SER A 1 53  ? 8.979   -1.363  6.480   1.00 11.04 ? 53   SER A O   1 
ATOM   432 C  CB  . SER A 1 53  ? 7.907   1.532   7.187   1.00 10.53 ? 53   SER A CB  1 
ATOM   433 O  OG  . SER A 1 53  ? 7.083   2.591   6.712   1.00 12.77 ? 53   SER A OG  1 
ATOM   434 N  N   . ARG A 1 54  ? 8.199   -1.452  8.579   1.00 11.37 ? 54   ARG A N   1 
ATOM   435 C  CA  . ARG A 1 54  ? 9.036   -2.583  8.960   1.00 11.86 ? 54   ARG A CA  1 
ATOM   436 C  C   . ARG A 1 54  ? 8.543   -3.852  8.292   1.00 11.82 ? 54   ARG A C   1 
ATOM   437 O  O   . ARG A 1 54  ? 9.342   -4.764  8.033   1.00 13.29 ? 54   ARG A O   1 
ATOM   438 C  CB  . ARG A 1 54  ? 9.065   -2.772  10.476  1.00 12.43 ? 54   ARG A CB  1 
ATOM   439 C  CG  . ARG A 1 54  ? 10.009  -1.814  11.174  1.00 16.64 ? 54   ARG A CG  1 
ATOM   440 C  CD  . ARG A 1 54  ? 10.314  -2.313  12.580  1.00 20.77 ? 54   ARG A CD  1 
ATOM   441 N  NE  . ARG A 1 54  ? 9.072   -2.435  13.338  1.00 24.42 ? 54   ARG A NE  1 
ATOM   442 C  CZ  . ARG A 1 54  ? 8.597   -1.522  14.172  1.00 26.93 ? 54   ARG A CZ  1 
ATOM   443 N  NH1 . ARG A 1 54  ? 9.287   -0.408  14.406  1.00 28.07 ? 54   ARG A NH1 1 
ATOM   444 N  NH2 . ARG A 1 54  ? 7.439   -1.738  14.799  1.00 28.27 ? 54   ARG A NH2 1 
ATOM   445 N  N   . PHE A 1 55  ? 7.236   -3.929  8.032   1.00 11.11 ? 55   PHE A N   1 
ATOM   446 C  CA  . PHE A 1 55  ? 6.631   -5.154  7.460   1.00 12.29 ? 55   PHE A CA  1 
ATOM   447 C  C   . PHE A 1 55  ? 6.462   -5.136  5.948   1.00 11.00 ? 55   PHE A C   1 
ATOM   448 O  O   . PHE A 1 55  ? 6.426   -6.201  5.325   1.00 11.84 ? 55   PHE A O   1 
ATOM   449 C  CB  . PHE A 1 55  ? 5.283   -5.484  8.129   1.00 12.78 ? 55   PHE A CB  1 
ATOM   450 C  CG  . PHE A 1 55  ? 5.421   -6.191  9.443   1.00 15.05 ? 55   PHE A CG  1 
ATOM   451 C  CD1 . PHE A 1 55  ? 5.596   -5.467  10.607  1.00 15.61 ? 55   PHE A CD1 1 
ATOM   452 C  CD2 . PHE A 1 55  ? 5.389   -7.577  9.523   1.00 16.15 ? 55   PHE A CD2 1 
ATOM   453 C  CE1 . PHE A 1 55  ? 5.715   -6.098  11.831  1.00 15.79 ? 55   PHE A CE1 1 
ATOM   454 C  CE2 . PHE A 1 55  ? 5.513   -8.200  10.745  1.00 16.90 ? 55   PHE A CE2 1 
ATOM   455 C  CZ  . PHE A 1 55  ? 5.680   -7.456  11.891  1.00 15.32 ? 55   PHE A CZ  1 
ATOM   456 N  N   . PHE A 1 56  ? 6.357   -3.950  5.363   1.00 11.33 ? 56   PHE A N   1 
ATOM   457 C  CA  . PHE A 1 56  ? 5.967   -3.810  3.960   1.00 11.02 ? 56   PHE A CA  1 
ATOM   458 C  C   . PHE A 1 56  ? 6.852   -2.779  3.300   1.00 11.16 ? 56   PHE A C   1 
ATOM   459 O  O   . PHE A 1 56  ? 7.073   -1.697  3.867   1.00 11.99 ? 56   PHE A O   1 
ATOM   460 C  CB  . PHE A 1 56  ? 4.495   -3.391  3.859   1.00 11.49 ? 56   PHE A CB  1 
ATOM   461 C  CG  . PHE A 1 56  ? 3.551   -4.401  4.439   1.00 12.82 ? 56   PHE A CG  1 
ATOM   462 C  CD1 . PHE A 1 56  ? 3.308   -5.618  3.811   1.00 11.55 ? 56   PHE A CD1 1 
ATOM   463 C  CD2 . PHE A 1 56  ? 2.938   -4.153  5.654   1.00 13.97 ? 56   PHE A CD2 1 
ATOM   464 C  CE1 . PHE A 1 56  ? 2.450   -6.554  4.370   1.00 13.38 ? 56   PHE A CE1 1 
ATOM   465 C  CE2 . PHE A 1 56  ? 2.097   -5.084  6.217   1.00 13.76 ? 56   PHE A CE2 1 
ATOM   466 C  CZ  . PHE A 1 56  ? 1.851   -6.291  5.568   1.00 15.11 ? 56   PHE A CZ  1 
ATOM   467 N  N   . ALA A 1 57  ? 7.365   -3.127  2.130   1.00 10.87 ? 57   ALA A N   1 
ATOM   468 C  CA  . ALA A 1 57  ? 8.167   -2.241  1.307   1.00 11.24 ? 57   ALA A CA  1 
ATOM   469 C  C   . ALA A 1 57  ? 7.420   -1.917  0.036   1.00 10.93 ? 57   ALA A C   1 
ATOM   470 O  O   . ALA A 1 57  ? 6.863   -2.811  -0.576  1.00 11.63 ? 57   ALA A O   1 
ATOM   471 C  CB  . ALA A 1 57  ? 9.518   -2.908  0.931   1.00 11.41 ? 57   ALA A CB  1 
ATOM   472 N  N   . VAL A 1 58  ? 7.494   -0.658  -0.410  1.00 10.32 ? 58   VAL A N   1 
ATOM   473 C  CA  . VAL A 1 58  ? 6.780   -0.222  -1.609  1.00 10.89 ? 58   VAL A CA  1 
ATOM   474 C  C   . VAL A 1 58  ? 7.768   0.264   -2.638  1.00 10.79 ? 58   VAL A C   1 
ATOM   475 O  O   . VAL A 1 58  ? 8.665   1.045   -2.340  1.00 12.34 ? 58   VAL A O   1 
ATOM   476 C  CB  . VAL A 1 58  ? 5.780   0.891   -1.257  1.00 10.75 ? 58   VAL A CB  1 
ATOM   477 C  CG1 . VAL A 1 58  ? 5.059   1.383   -2.476  1.00 11.99 ? 58   VAL A CG1 1 
ATOM   478 C  CG2 . VAL A 1 58  ? 4.761   0.418   -0.214  1.00 11.99 ? 58   VAL A CG2 1 
ATOM   479 N  N   . GLU A 1 59  ? 7.576   -0.188  -3.866  1.00 10.96 ? 59   GLU A N   1 
ATOM   480 C  CA  . GLU A 1 59  ? 8.349   0.302   -5.004  1.00 10.83 ? 59   GLU A CA  1 
ATOM   481 C  C   . GLU A 1 59  ? 7.746   1.655   -5.392  1.00 10.67 ? 59   GLU A C   1 
ATOM   482 O  O   . GLU A 1 59  ? 6.565   1.749   -5.723  1.00 10.38 ? 59   GLU A O   1 
ATOM   483 C  CB  . GLU A 1 59  ? 8.260   -0.681  -6.171  1.00 10.63 ? 59   GLU A CB  1 
ATOM   484 C  CG  . GLU A 1 59  ? 9.531   -0.810  -7.015  1.00 12.08 ? 59   GLU A CG  1 
ATOM   485 C  CD  . GLU A 1 59  ? 9.910   0.384   -7.829  1.00 16.69 ? 59   GLU A CD  1 
ATOM   486 O  OE1 . GLU A 1 59  ? 11.079  0.392   -8.302  1.00 22.14 ? 59   GLU A OE1 1 
ATOM   487 O  OE2 . GLU A 1 59  ? 9.100   1.269   -8.105  1.00 14.94 ? 59   GLU A OE2 1 
ATOM   488 N  N   . PRO A 1 60  ? 8.543   2.737   -5.346  1.00 9.59  ? 60   PRO A N   1 
ATOM   489 C  CA  . PRO A 1 60  ? 7.934   4.043   -5.469  1.00 9.83  ? 60   PRO A CA  1 
ATOM   490 C  C   . PRO A 1 60  ? 7.315   4.314   -6.826  1.00 9.99  ? 60   PRO A C   1 
ATOM   491 O  O   . PRO A 1 60  ? 6.355   5.098   -6.914  1.00 10.50 ? 60   PRO A O   1 
ATOM   492 C  CB  . PRO A 1 60  ? 9.098   4.996   -5.135  1.00 10.43 ? 60   PRO A CB  1 
ATOM   493 C  CG  . PRO A 1 60  ? 10.295  4.227   -5.473  1.00 9.87  ? 60   PRO A CG  1 
ATOM   494 C  CD  . PRO A 1 60  ? 9.987   2.846   -5.029  1.00 10.11 ? 60   PRO A CD  1 
ATOM   495 N  N   . ASP A 1 61  ? 7.841   3.708   -7.888  1.00 9.75  ? 61   ASP A N   1 
ATOM   496 C  CA  . ASP A 1 61  ? 7.368   3.983   -9.230  1.00 9.84  ? 61   ASP A CA  1 
ATOM   497 C  C   . ASP A 1 61  ? 6.300   3.004   -9.690  1.00 8.70  ? 61   ASP A C   1 
ATOM   498 O  O   . ASP A 1 61  ? 5.340   3.419   -10.341 1.00 10.21 ? 61   ASP A O   1 
ATOM   499 C  CB  . ASP A 1 61  ? 8.538   4.012   -10.213 1.00 10.74 ? 61   ASP A CB  1 
ATOM   500 C  CG  . ASP A 1 61  ? 9.540   5.077   -9.849  1.00 14.33 ? 61   ASP A CG  1 
ATOM   501 O  OD1 . ASP A 1 61  ? 9.130   6.231   -9.623  1.00 18.81 ? 61   ASP A OD1 1 
ATOM   502 O  OD2 . ASP A 1 61  ? 10.738  4.741   -9.729  1.00 19.60 ? 61   ASP A OD2 1 
ATOM   503 N  N   . THR A 1 62  ? 6.455   1.738   -9.353  1.00 7.65  ? 62   THR A N   1 
ATOM   504 C  CA  . THR A 1 62  ? 5.527   0.723   -9.839  1.00 8.34  ? 62   THR A CA  1 
ATOM   505 C  C   . THR A 1 62  ? 4.373   0.446   -8.872  1.00 8.38  ? 62   THR A C   1 
ATOM   506 O  O   . THR A 1 62  ? 3.323   -0.063  -9.280  1.00 8.80  ? 62   THR A O   1 
ATOM   507 C  CB  . THR A 1 62  ? 6.217   -0.597  -10.121 1.00 8.96  ? 62   THR A CB  1 
ATOM   508 O  OG1 . THR A 1 62  ? 6.677   -1.159  -8.894  1.00 8.44  ? 62   THR A OG1 1 
ATOM   509 C  CG2 . THR A 1 62  ? 7.398   -0.413  -11.101 1.00 9.73  ? 62   THR A CG2 1 
ATOM   510 N  N   . GLY A 1 63  ? 4.558   0.800   -7.610  1.00 7.94  ? 63   GLY A N   1 
ATOM   511 C  CA  . GLY A 1 63  ? 3.549   0.506   -6.589  1.00 7.69  ? 63   GLY A CA  1 
ATOM   512 C  C   . GLY A 1 63  ? 3.513   -0.931  -6.100  1.00 7.77  ? 63   GLY A C   1 
ATOM   513 O  O   . GLY A 1 63  ? 2.705   -1.271  -5.242  1.00 7.34  ? 63   GLY A O   1 
ATOM   514 N  N   . VAL A 1 64  ? 4.440   -1.770  -6.540  1.00 7.12  ? 64   VAL A N   1 
ATOM   515 C  CA  . VAL A 1 64  ? 4.522   -3.139  -6.006  1.00 6.61  ? 64   VAL A CA  1 
ATOM   516 C  C   . VAL A 1 64  ? 4.829   -3.089  -4.503  1.00 6.92  ? 64   VAL A C   1 
ATOM   517 O  O   . VAL A 1 64  ? 5.634   -2.297  -4.058  1.00 6.40  ? 64   VAL A O   1 
ATOM   518 C  CB  . VAL A 1 64  ? 5.560   -3.998  -6.777  1.00 7.51  ? 64   VAL A CB  1 
ATOM   519 C  CG1 . VAL A 1 64  ? 5.743   -5.383  -6.111  1.00 8.53  ? 64   VAL A CG1 1 
ATOM   520 C  CG2 . VAL A 1 64  ? 5.112   -4.136  -8.223  1.00 7.75  ? 64   VAL A CG2 1 
ATOM   521 N  N   . VAL A 1 65  ? 4.197   -3.964  -3.714  1.00 7.10  ? 65   VAL A N   1 
ATOM   522 C  CA  . VAL A 1 65  ? 4.376   -4.009  -2.273  1.00 6.64  ? 65   VAL A CA  1 
ATOM   523 C  C   . VAL A 1 65  ? 4.897   -5.402  -1.937  1.00 6.85  ? 65   VAL A C   1 
ATOM   524 O  O   . VAL A 1 65  ? 4.317   -6.401  -2.341  1.00 7.75  ? 65   VAL A O   1 
ATOM   525 C  CB  . VAL A 1 65  ? 3.046   -3.758  -1.508  1.00 6.34  ? 65   VAL A CB  1 
ATOM   526 C  CG1 . VAL A 1 65  ? 3.278   -3.759  -0.006  1.00 7.78  ? 65   VAL A CG1 1 
ATOM   527 C  CG2 . VAL A 1 65  ? 2.370   -2.451  -1.955  1.00 6.15  ? 65   VAL A CG2 1 
ATOM   528 N  N   . TRP A 1 66  ? 6.007   -5.451  -1.214  1.00 7.23  ? 66   TRP A N   1 
ATOM   529 C  CA  . TRP A 1 66  ? 6.619   -6.698  -0.769  1.00 7.35  ? 66   TRP A CA  1 
ATOM   530 C  C   . TRP A 1 66  ? 6.597   -6.855  0.753   1.00 6.00  ? 66   TRP A C   1 
ATOM   531 O  O   . TRP A 1 66  ? 6.714   -5.900  1.498   1.00 8.11  ? 66   TRP A O   1 
ATOM   532 C  CB  . TRP A 1 66  ? 8.117   -6.789  -1.187  1.00 8.82  ? 66   TRP A CB  1 
ATOM   533 C  CG  . TRP A 1 66  ? 8.375   -6.716  -2.636  1.00 10.99 ? 66   TRP A CG  1 
ATOM   534 C  CD1 . TRP A 1 66  ? 8.257   -7.717  -3.552  1.00 15.00 ? 66   TRP A CD1 1 
ATOM   535 C  CD2 . TRP A 1 66  ? 8.861   -5.578  -3.352  1.00 15.95 ? 66   TRP A CD2 1 
ATOM   536 N  NE1 . TRP A 1 66  ? 8.587   -7.263  -4.814  1.00 16.53 ? 66   TRP A NE1 1 
ATOM   537 C  CE2 . TRP A 1 66  ? 8.989   -5.957  -4.711  1.00 16.40 ? 66   TRP A CE2 1 
ATOM   538 C  CE3 . TRP A 1 66  ? 9.211   -4.281  -2.974  1.00 17.00 ? 66   TRP A CE3 1 
ATOM   539 C  CZ2 . TRP A 1 66  ? 9.428   -5.073  -5.698  1.00 19.41 ? 66   TRP A CZ2 1 
ATOM   540 C  CZ3 . TRP A 1 66  ? 9.667   -3.407  -3.949  1.00 19.84 ? 66   TRP A CZ3 1 
ATOM   541 C  CH2 . TRP A 1 66  ? 9.760   -3.809  -5.301  1.00 20.05 ? 66   TRP A CH2 1 
ATOM   542 N  N   . LEU A 1 67  ? 6.496   -8.116  1.175   1.00 6.32  ? 67   LEU A N   1 
ATOM   543 C  CA  . LEU A 1 67  ? 6.598   -8.497  2.592   1.00 6.30  ? 67   LEU A CA  1 
ATOM   544 C  C   . LEU A 1 67  ? 8.037   -8.539  3.045   1.00 6.63  ? 67   LEU A C   1 
ATOM   545 O  O   . LEU A 1 67  ? 8.854   -9.249  2.447   1.00 6.88  ? 67   LEU A O   1 
ATOM   546 C  CB  . LEU A 1 67  ? 5.920   -9.855  2.801   1.00 6.18  ? 67   LEU A CB  1 
ATOM   547 C  CG  . LEU A 1 67  ? 5.858   -10.353 4.235   1.00 6.71  ? 67   LEU A CG  1 
ATOM   548 C  CD1 . LEU A 1 67  ? 4.919   -9.470  5.107   1.00 7.25  ? 67   LEU A CD1 1 
ATOM   549 C  CD2 . LEU A 1 67  ? 5.414   -11.809 4.246   1.00 7.66  ? 67   LEU A CD2 1 
ATOM   550 N  N   . ARG A 1 68  ? 8.353   -7.807  4.114   1.00 7.60  ? 68   ARG A N   1 
ATOM   551 C  CA  . ARG A 1 68  ? 9.739   -7.711  4.592   1.00 7.48  ? 68   ARG A CA  1 
ATOM   552 C  C   . ARG A 1 68  ? 10.074  -8.639  5.764   1.00 9.82  ? 68   ARG A C   1 
ATOM   553 O  O   . ARG A 1 68  ? 11.240  -8.877  6.045   1.00 9.96  ? 68   ARG A O   1 
ATOM   554 C  CB  . ARG A 1 68  ? 10.069  -6.301  5.060   1.00 7.27  ? 68   ARG A CB  1 
ATOM   555 C  CG  . ARG A 1 68  ? 9.746   -5.173  4.093   1.00 7.84  ? 68   ARG A CG  1 
ATOM   556 C  CD  . ARG A 1 68  ? 10.223  -3.853  4.640   1.00 6.98  ? 68   ARG A CD  1 
ATOM   557 N  NE  . ARG A 1 68  ? 11.688  -3.721  4.604   1.00 5.66  ? 68   ARG A NE  1 
ATOM   558 C  CZ  . ARG A 1 68  ? 12.381  -2.796  5.224   1.00 4.82  ? 68   ARG A CZ  1 
ATOM   559 N  NH1 . ARG A 1 68  ? 11.825  -1.960  6.075   1.00 5.83  ? 68   ARG A NH1 1 
ATOM   560 N  NH2 . ARG A 1 68  ? 13.714  -2.756  5.105   1.00 6.37  ? 68   ARG A NH2 1 
ATOM   561 N  N   . GLN A 1 69  ? 9.039   -9.105  6.466   1.00 11.30 ? 69   GLN A N   1 
ATOM   562 C  CA  . GLN A 1 69  ? 9.192   -9.899  7.689   1.00 12.44 ? 69   GLN A CA  1 
ATOM   563 C  C   . GLN A 1 69  ? 8.126   -10.964 7.701   1.00 11.70 ? 69   GLN A C   1 
ATOM   564 O  O   . GLN A 1 69  ? 7.054   -10.750 7.154   1.00 11.70 ? 69   GLN A O   1 
ATOM   565 C  CB  . GLN A 1 69  ? 8.977   -9.048  8.950   1.00 14.08 ? 69   GLN A CB  1 
ATOM   566 C  CG  . GLN A 1 69  ? 9.932   -7.905  9.130   1.00 17.35 ? 69   GLN A CG  1 
ATOM   567 C  CD  . GLN A 1 69  ? 9.620   -7.069  10.360  1.00 22.03 ? 69   GLN A CD  1 
ATOM   568 O  OE1 . GLN A 1 69  ? 8.647   -7.324  11.066  1.00 27.30 ? 69   GLN A OE1 1 
ATOM   569 N  NE2 . GLN A 1 69  ? 10.443  -6.067  10.618  1.00 24.52 ? 69   GLN A NE2 1 
ATOM   570 N  N   . PRO A 1 70  ? 8.386   -12.083 8.400   1.00 12.99 ? 70   PRO A N   1 
ATOM   571 C  CA  . PRO A 1 70  ? 7.333   -13.083 8.486   1.00 13.58 ? 70   PRO A CA  1 
ATOM   572 C  C   . PRO A 1 70  ? 6.055   -12.598 9.186   1.00 14.69 ? 70   PRO A C   1 
ATOM   573 O  O   . PRO A 1 70  ? 6.109   -11.825 10.166  1.00 14.84 ? 70   PRO A O   1 
ATOM   574 C  CB  . PRO A 1 70  ? 7.980   -14.206 9.309   1.00 13.34 ? 70   PRO A CB  1 
ATOM   575 C  CG  . PRO A 1 70  ? 9.451   -14.053 9.128   1.00 13.57 ? 70   PRO A CG  1 
ATOM   576 C  CD  . PRO A 1 70  ? 9.679   -12.576 8.911   1.00 12.70 ? 70   PRO A CD  1 
ATOM   577 N  N   . LEU A 1 71  ? 4.921   -13.053 8.661   1.00 16.22 ? 71   LEU A N   1 
ATOM   578 C  CA  . LEU A 1 71  ? 3.629   -12.852 9.276   1.00 17.06 ? 71   LEU A CA  1 
ATOM   579 C  C   . LEU A 1 71  ? 3.350   -14.020 10.203  1.00 18.32 ? 71   LEU A C   1 
ATOM   580 O  O   . LEU A 1 71  ? 3.927   -15.101 10.055  1.00 18.67 ? 71   LEU A O   1 
ATOM   581 C  CB  . LEU A 1 71  ? 2.547   -12.756 8.213   1.00 17.02 ? 71   LEU A CB  1 
ATOM   582 C  CG  . LEU A 1 71  ? 2.694   -11.562 7.262   1.00 17.35 ? 71   LEU A CG  1 
ATOM   583 C  CD1 . LEU A 1 71  ? 1.628   -11.608 6.168   1.00 18.36 ? 71   LEU A CD1 1 
ATOM   584 C  CD2 . LEU A 1 71  ? 2.647   -10.240 8.021   1.00 13.65 ? 71   LEU A CD2 1 
ATOM   585 N  N   . ASP A 1 72  ? 2.476   -13.794 11.172  1.00 19.39 ? 72   ASP A N   1 
ATOM   586 C  CA  . ASP A 1 72  ? 2.047   -14.868 12.052  1.00 20.16 ? 72   ASP A CA  1 
ATOM   587 C  C   . ASP A 1 72  ? 0.719   -14.525 12.705  1.00 20.49 ? 72   ASP A C   1 
ATOM   588 O  O   . ASP A 1 72  ? 0.663   -13.708 13.628  1.00 19.90 ? 72   ASP A O   1 
ATOM   589 C  CB  . ASP A 1 72  ? 3.112   -15.132 13.109  1.00 20.49 ? 72   ASP A CB  1 
ATOM   590 C  CG  . ASP A 1 72  ? 2.734   -16.264 14.031  1.00 21.01 ? 72   ASP A CG  1 
ATOM   591 O  OD1 . ASP A 1 72  ? 2.248   -17.301 13.515  1.00 21.13 ? 72   ASP A OD1 1 
ATOM   592 O  OD2 . ASP A 1 72  ? 2.914   -16.100 15.261  1.00 22.76 ? 72   ASP A OD2 1 
ATOM   593 N  N   . ARG A 1 73  ? -0.350  -15.149 12.217  1.00 21.37 ? 73   ARG A N   1 
ATOM   594 C  CA  . ARG A 1 73  ? -1.684  -14.856 12.720  1.00 22.51 ? 73   ARG A CA  1 
ATOM   595 C  C   . ARG A 1 73  ? -1.714  -14.914 14.261  1.00 23.18 ? 73   ARG A C   1 
ATOM   596 O  O   . ARG A 1 73  ? -2.404  -14.120 14.899  1.00 23.00 ? 73   ARG A O   1 
ATOM   597 C  CB  . ARG A 1 73  ? -2.739  -15.776 12.080  1.00 22.46 ? 73   ARG A CB  1 
ATOM   598 C  CG  . ARG A 1 73  ? -4.161  -15.450 12.526  1.00 23.66 ? 73   ARG A CG  1 
ATOM   599 C  CD  . ARG A 1 73  ? -5.233  -16.021 11.608  1.00 24.66 ? 73   ARG A CD  1 
ATOM   600 N  NE  . ARG A 1 73  ? -6.572  -15.682 12.106  1.00 25.74 ? 73   ARG A NE  1 
ATOM   601 C  CZ  . ARG A 1 73  ? -7.287  -14.602 11.762  1.00 26.61 ? 73   ARG A CZ  1 
ATOM   602 N  NH1 . ARG A 1 73  ? -6.828  -13.708 10.885  1.00 26.99 ? 73   ARG A NH1 1 
ATOM   603 N  NH2 . ARG A 1 73  ? -8.493  -14.418 12.303  1.00 26.50 ? 73   ARG A NH2 1 
ATOM   604 N  N   . GLU A 1 74  ? -0.929  -15.823 14.842  1.00 24.32 ? 74   GLU A N   1 
ATOM   605 C  CA  . GLU A 1 74  ? -0.823  -15.975 16.297  1.00 25.24 ? 74   GLU A CA  1 
ATOM   606 C  C   . GLU A 1 74  ? -0.369  -14.687 16.998  1.00 25.76 ? 74   GLU A C   1 
ATOM   607 O  O   . GLU A 1 74  ? -0.993  -14.265 17.974  1.00 25.88 ? 74   GLU A O   1 
ATOM   608 C  CB  . GLU A 1 74  ? 0.128   -17.138 16.646  1.00 25.52 ? 74   GLU A CB  1 
ATOM   609 C  CG  . GLU A 1 74  ? 0.004   -17.676 18.071  1.00 26.39 ? 74   GLU A CG  1 
ATOM   610 C  CD  . GLU A 1 74  ? -1.252  -18.504 18.292  1.00 27.65 ? 74   GLU A CD  1 
ATOM   611 O  OE1 . GLU A 1 74  ? -1.441  -19.022 19.418  1.00 28.69 ? 74   GLU A OE1 1 
ATOM   612 O  OE2 . GLU A 1 74  ? -2.050  -18.645 17.340  1.00 29.12 ? 74   GLU A OE2 1 
ATOM   613 N  N   . THR A 1 75  ? 0.703   -14.064 16.506  1.00 26.49 ? 75   THR A N   1 
ATOM   614 C  CA  . THR A 1 75  ? 1.239   -12.840 17.137  1.00 27.04 ? 75   THR A CA  1 
ATOM   615 C  C   . THR A 1 75  ? 0.439   -11.596 16.742  1.00 26.83 ? 75   THR A C   1 
ATOM   616 O  O   . THR A 1 75  ? 0.167   -10.732 17.579  1.00 26.67 ? 75   THR A O   1 
ATOM   617 C  CB  . THR A 1 75  ? 2.738   -12.594 16.793  1.00 27.62 ? 75   THR A CB  1 
ATOM   618 O  OG1 . THR A 1 75  ? 3.182   -11.380 17.416  1.00 29.48 ? 75   THR A OG1 1 
ATOM   619 C  CG2 . THR A 1 75  ? 2.954   -12.472 15.288  1.00 28.32 ? 75   THR A CG2 1 
ATOM   620 N  N   . LYS A 1 76  ? 0.087   -11.511 15.460  1.00 26.36 ? 76   LYS A N   1 
ATOM   621 C  CA  . LYS A 1 76  ? -0.702  -10.402 14.943  1.00 26.12 ? 76   LYS A CA  1 
ATOM   622 C  C   . LYS A 1 76  ? -1.460  -10.856 13.699  1.00 25.07 ? 76   LYS A C   1 
ATOM   623 O  O   . LYS A 1 76  ? -0.863  -11.200 12.679  1.00 24.94 ? 76   LYS A O   1 
ATOM   624 C  CB  . LYS A 1 76  ? 0.189   -9.202  14.643  1.00 26.56 ? 76   LYS A CB  1 
ATOM   625 C  CG  . LYS A 1 76  ? -0.577  -7.934  14.323  1.00 27.50 ? 76   LYS A CG  1 
ATOM   626 C  CD  . LYS A 1 76  ? 0.195   -6.699  14.745  1.00 29.83 ? 76   LYS A CD  1 
ATOM   627 C  CE  . LYS A 1 76  ? -0.577  -5.425  14.438  1.00 31.88 ? 76   LYS A CE  1 
ATOM   628 N  NZ  . LYS A 1 76  ? -0.065  -4.249  15.207  1.00 33.99 ? 76   LYS A NZ  1 
ATOM   629 N  N   . SER A 1 77  ? -2.781  -10.855 13.812  1.00 24.22 ? 77   SER A N   1 
ATOM   630 C  CA  . SER A 1 77  ? -3.665  -11.398 12.791  1.00 23.87 ? 77   SER A CA  1 
ATOM   631 C  C   . SER A 1 77  ? -4.117  -10.340 11.806  1.00 22.87 ? 77   SER A C   1 
ATOM   632 O  O   . SER A 1 77  ? -4.737  -10.680 10.803  1.00 22.34 ? 77   SER A O   1 
ATOM   633 C  CB  . SER A 1 77  ? -4.901  -12.034 13.448  1.00 24.07 ? 77   SER A CB  1 
ATOM   634 O  OG  . SER A 1 77  ? -5.675  -11.069 14.136  1.00 24.70 ? 77   SER A OG  1 
ATOM   635 N  N   . GLU A 1 78  ? -3.819  -9.074  12.114  1.00 22.29 ? 78   GLU A N   1 
ATOM   636 C  CA  . GLU A 1 78  ? -4.314  -7.914  11.361  1.00 22.39 ? 78   GLU A CA  1 
ATOM   637 C  C   . GLU A 1 78  ? -3.329  -6.752  11.486  1.00 21.62 ? 78   GLU A C   1 
ATOM   638 O  O   . GLU A 1 78  ? -2.654  -6.587  12.505  1.00 21.62 ? 78   GLU A O   1 
ATOM   639 C  CB  . GLU A 1 78  ? -5.690  -7.485  11.909  1.00 22.62 ? 78   GLU A CB  1 
ATOM   640 C  CG  . GLU A 1 78  ? -6.394  -6.317  11.168  1.00 25.47 ? 78   GLU A CG  1 
ATOM   641 C  CD  . GLU A 1 78  ? -7.615  -5.763  11.943  1.00 29.08 ? 78   GLU A CD  1 
ATOM   642 O  OE1 . GLU A 1 78  ? -7.435  -4.913  12.850  1.00 30.84 ? 78   GLU A OE1 1 
ATOM   643 O  OE2 . GLU A 1 78  ? -8.762  -6.161  11.636  1.00 29.29 ? 78   GLU A OE2 1 
ATOM   644 N  N   . PHE A 1 79  ? -3.240  -5.952  10.425  1.00 19.65 ? 79   PHE A N   1 
ATOM   645 C  CA  . PHE A 1 79  ? -2.514  -4.695  10.447  1.00 19.63 ? 79   PHE A CA  1 
ATOM   646 C  C   . PHE A 1 79  ? -3.436  -3.627  9.885   1.00 18.30 ? 79   PHE A C   1 
ATOM   647 O  O   . PHE A 1 79  ? -4.313  -3.924  9.080   1.00 19.77 ? 79   PHE A O   1 
ATOM   648 C  CB  . PHE A 1 79  ? -1.267  -4.768  9.559   1.00 18.75 ? 79   PHE A CB  1 
ATOM   649 C  CG  . PHE A 1 79  ? -0.204  -5.699  10.062  1.00 21.53 ? 79   PHE A CG  1 
ATOM   650 C  CD1 . PHE A 1 79  ? 0.895   -5.208  10.757  1.00 22.72 ? 79   PHE A CD1 1 
ATOM   651 C  CD2 . PHE A 1 79  ? -0.276  -7.060  9.805   1.00 22.18 ? 79   PHE A CD2 1 
ATOM   652 C  CE1 . PHE A 1 79  ? 1.888   -6.063  11.213  1.00 23.92 ? 79   PHE A CE1 1 
ATOM   653 C  CE2 . PHE A 1 79  ? 0.717   -7.914  10.251  1.00 23.07 ? 79   PHE A CE2 1 
ATOM   654 C  CZ  . PHE A 1 79  ? 1.797   -7.418  10.965  1.00 22.99 ? 79   PHE A CZ  1 
ATOM   655 N  N   . THR A 1 80  ? -3.276  -2.399  10.353  1.00 17.28 ? 80   THR A N   1 
ATOM   656 C  CA  . THR A 1 80  ? -3.849  -1.252  9.648   1.00 16.94 ? 80   THR A CA  1 
ATOM   657 C  C   . THR A 1 80  ? -2.673  -0.460  9.135   1.00 16.02 ? 80   THR A C   1 
ATOM   658 O  O   . THR A 1 80  ? -1.867  0.045   9.909   1.00 16.66 ? 80   THR A O   1 
ATOM   659 C  CB  . THR A 1 80  ? -4.726  -0.371  10.535  1.00 17.70 ? 80   THR A CB  1 
ATOM   660 O  OG1 . THR A 1 80  ? -5.726  -1.184  11.169  1.00 18.94 ? 80   THR A OG1 1 
ATOM   661 C  CG2 . THR A 1 80  ? -5.380  0.751   9.693   1.00 19.39 ? 80   THR A CG2 1 
ATOM   662 N  N   . VAL A 1 81  ? -2.564  -0.411  7.825   1.00 15.27 ? 81   VAL A N   1 
ATOM   663 C  CA  . VAL A 1 81  ? -1.413  0.220   7.169   1.00 14.68 ? 81   VAL A CA  1 
ATOM   664 C  C   . VAL A 1 81  ? -1.890  1.407   6.359   1.00 15.25 ? 81   VAL A C   1 
ATOM   665 O  O   . VAL A 1 81  ? -2.982  1.395   5.772   1.00 17.42 ? 81   VAL A O   1 
ATOM   666 C  CB  . VAL A 1 81  ? -0.715  -0.796  6.255   1.00 14.74 ? 81   VAL A CB  1 
ATOM   667 C  CG1 . VAL A 1 81  ? 0.322   -0.128  5.366   1.00 18.51 ? 81   VAL A CG1 1 
ATOM   668 C  CG2 . VAL A 1 81  ? -0.127  -1.962  7.099   1.00 14.26 ? 81   VAL A CG2 1 
ATOM   669 N  N   . GLU A 1 82  ? -1.089  2.456   6.320   1.00 13.20 ? 82   GLU A N   1 
ATOM   670 C  CA  . GLU A 1 82  ? -1.378  3.593   5.457   1.00 13.39 ? 82   GLU A CA  1 
ATOM   671 C  C   . GLU A 1 82  ? -0.492  3.553   4.213   1.00 12.74 ? 82   GLU A C   1 
ATOM   672 O  O   . GLU A 1 82  ? 0.742   3.509   4.304   1.00 14.62 ? 82   GLU A O   1 
ATOM   673 C  CB  . GLU A 1 82  ? -1.163  4.899   6.191   1.00 13.19 ? 82   GLU A CB  1 
ATOM   674 C  CG  . GLU A 1 82  ? -2.213  5.137   7.249   1.00 17.64 ? 82   GLU A CG  1 
ATOM   675 C  CD  . GLU A 1 82  ? -2.045  6.466   7.903   1.00 25.85 ? 82   GLU A CD  1 
ATOM   676 O  OE1 . GLU A 1 82  ? -1.093  6.618   8.712   1.00 30.77 ? 82   GLU A OE1 1 
ATOM   677 O  OE2 . GLU A 1 82  ? -2.861  7.360   7.601   1.00 29.36 ? 82   GLU A OE2 1 
ATOM   678 N  N   . PHE A 1 83  ? -1.126  3.530   3.059   1.00 11.72 ? 83   PHE A N   1 
ATOM   679 C  CA  . PHE A 1 83  ? -0.424  3.644   1.787   1.00 10.89 ? 83   PHE A CA  1 
ATOM   680 C  C   . PHE A 1 83  ? -0.663  5.025   1.218   1.00 11.01 ? 83   PHE A C   1 
ATOM   681 O  O   . PHE A 1 83  ? -1.730  5.604   1.451   1.00 11.65 ? 83   PHE A O   1 
ATOM   682 C  CB  . PHE A 1 83  ? -0.897  2.596   0.800   1.00 11.88 ? 83   PHE A CB  1 
ATOM   683 C  CG  . PHE A 1 83  ? -0.488  1.201   1.147   1.00 10.08 ? 83   PHE A CG  1 
ATOM   684 C  CD1 . PHE A 1 83  ? 0.852   0.863   1.215   1.00 10.95 ? 83   PHE A CD1 1 
ATOM   685 C  CD2 . PHE A 1 83  ? -1.431  0.202   1.341   1.00 13.15 ? 83   PHE A CD2 1 
ATOM   686 C  CE1 . PHE A 1 83  ? 1.230   -0.418  1.507   1.00 12.02 ? 83   PHE A CE1 1 
ATOM   687 C  CE2 . PHE A 1 83  ? -1.043  -1.115  1.613   1.00 12.51 ? 83   PHE A CE2 1 
ATOM   688 C  CZ  . PHE A 1 83  ? 0.293   -1.421  1.709   1.00 12.44 ? 83   PHE A CZ  1 
ATOM   689 N  N   . SER A 1 84  ? 0.332   5.549   0.504   1.00 10.00 ? 84   SER A N   1 
ATOM   690 C  CA  A SER A 1 84  ? 0.281   6.888   -0.048  0.50 10.38 ? 84   SER A CA  1 
ATOM   691 C  CA  B SER A 1 84  ? 0.224   6.877   -0.058  0.50 11.04 ? 84   SER A CA  1 
ATOM   692 C  C   . SER A 1 84  ? 0.534   6.910   -1.540  1.00 9.91  ? 84   SER A C   1 
ATOM   693 O  O   . SER A 1 84  ? 1.276   6.068   -2.072  1.00 9.60  ? 84   SER A O   1 
ATOM   694 C  CB  A SER A 1 84  ? 1.329   7.776   0.609   0.50 10.25 ? 84   SER A CB  1 
ATOM   695 C  CB  B SER A 1 84  ? 1.145   7.852   0.668   0.50 10.84 ? 84   SER A CB  1 
ATOM   696 O  OG  A SER A 1 84  ? 2.651   7.328   0.332   0.50 9.71  ? 84   SER A OG  1 
ATOM   697 O  OG  B SER A 1 84  ? 0.775   8.023   2.035   0.50 14.76 ? 84   SER A OG  1 
ATOM   698 N  N   . VAL A 1 85  ? -0.046  7.908   -2.211  1.00 9.57  ? 85   VAL A N   1 
ATOM   699 C  CA  . VAL A 1 85  ? 0.284   8.201   -3.599  1.00 9.89  ? 85   VAL A CA  1 
ATOM   700 C  C   . VAL A 1 85  ? 0.379   9.709   -3.759  1.00 9.42  ? 85   VAL A C   1 
ATOM   701 O  O   . VAL A 1 85  ? -0.432  10.451  -3.227  1.00 10.69 ? 85   VAL A O   1 
ATOM   702 C  CB  . VAL A 1 85  ? -0.704  7.564   -4.606  1.00 9.27  ? 85   VAL A CB  1 
ATOM   703 C  CG1 . VAL A 1 85  ? -2.140  8.103   -4.402  1.00 10.28 ? 85   VAL A CG1 1 
ATOM   704 C  CG2 . VAL A 1 85  ? -0.231  7.747   -6.042  1.00 9.90  ? 85   VAL A CG2 1 
ATOM   705 N  N   . SER A 1 86  ? 1.380   10.175  -4.485  1.00 10.21 ? 86   SER A N   1 
ATOM   706 C  CA  . SER A 1 86  ? 1.647   11.593  -4.662  1.00 10.27 ? 86   SER A CA  1 
ATOM   707 C  C   . SER A 1 86  ? 1.979   11.967  -6.084  1.00 9.96  ? 86   SER A C   1 
ATOM   708 O  O   . SER A 1 86  ? 2.680   11.211  -6.768  1.00 9.83  ? 86   SER A O   1 
ATOM   709 C  CB  . SER A 1 86  ? 2.840   11.947  -3.776  1.00 11.34 ? 86   SER A CB  1 
ATOM   710 O  OG  . SER A 1 86  ? 3.233   13.275  -3.935  1.00 15.17 ? 86   SER A OG  1 
ATOM   711 N  N   . ASP A 1 87  ? 1.592   13.182  -6.477  1.00 10.66 ? 87   ASP A N   1 
ATOM   712 C  CA  . ASP A 1 87  ? 2.045   13.761  -7.738  1.00 11.09 ? 87   ASP A CA  1 
ATOM   713 C  C   . ASP A 1 87  ? 3.058   14.860  -7.503  1.00 13.05 ? 87   ASP A C   1 
ATOM   714 O  O   . ASP A 1 87  ? 3.329   15.640  -8.413  1.00 15.08 ? 87   ASP A O   1 
ATOM   715 C  CB  . ASP A 1 87  ? 0.879   14.274  -8.630  1.00 11.24 ? 87   ASP A CB  1 
ATOM   716 C  CG  . ASP A 1 87  ? 0.112   15.407  -8.024  1.00 10.97 ? 87   ASP A CG  1 
ATOM   717 O  OD1 . ASP A 1 87  ? 0.456   15.887  -6.925  1.00 11.88 ? 87   ASP A OD1 1 
ATOM   718 O  OD2 . ASP A 1 87  ? -0.854  15.886  -8.695  1.00 10.66 ? 87   ASP A OD2 1 
ATOM   719 N  N   . HIS A 1 88  ? 3.608   14.914  -6.287  1.00 13.64 ? 88   HIS A N   1 
ATOM   720 C  CA  . HIS A 1 88  ? 4.589   15.920  -5.881  1.00 15.36 ? 88   HIS A CA  1 
ATOM   721 C  C   . HIS A 1 88  ? 3.970   17.291  -5.543  1.00 17.25 ? 88   HIS A C   1 
ATOM   722 O  O   . HIS A 1 88  ? 4.673   18.167  -5.051  1.00 19.22 ? 88   HIS A O   1 
ATOM   723 C  CB  . HIS A 1 88  ? 5.754   16.044  -6.893  1.00 15.14 ? 88   HIS A CB  1 
ATOM   724 C  CG  . HIS A 1 88  ? 6.410   14.733  -7.237  1.00 16.75 ? 88   HIS A CG  1 
ATOM   725 N  ND1 . HIS A 1 88  ? 7.128   13.997  -6.317  1.00 19.88 ? 88   HIS A ND1 1 
ATOM   726 C  CD2 . HIS A 1 88  ? 6.463   14.032  -8.397  1.00 19.10 ? 88   HIS A CD2 1 
ATOM   727 C  CE1 . HIS A 1 88  ? 7.583   12.895  -6.893  1.00 20.86 ? 88   HIS A CE1 1 
ATOM   728 N  NE2 . HIS A 1 88  ? 7.215   12.906  -8.162  1.00 20.13 ? 88   HIS A NE2 1 
ATOM   729 N  N   . GLN A 1 89  ? 2.682   17.500  -5.836  1.00 16.74 ? 89   GLN A N   1 
ATOM   730 C  CA  . GLN A 1 89  ? 1.932   18.689  -5.412  1.00 17.05 ? 89   GLN A CA  1 
ATOM   731 C  C   . GLN A 1 89  ? 1.085   18.340  -4.175  1.00 15.51 ? 89   GLN A C   1 
ATOM   732 O  O   . GLN A 1 89  ? 0.879   19.136  -3.249  1.00 16.80 ? 89   GLN A O   1 
ATOM   733 C  CB  . GLN A 1 89  ? 1.079   19.176  -6.596  1.00 18.63 ? 89   GLN A CB  1 
ATOM   734 C  CG  . GLN A 1 89  ? 1.973   19.665  -7.778  1.00 23.08 ? 89   GLN A CG  1 
ATOM   735 C  CD  . GLN A 1 89  ? 1.584   19.186  -9.204  1.00 28.78 ? 89   GLN A CD  1 
ATOM   736 O  OE1 . GLN A 1 89  ? 1.138   19.990  -10.040 1.00 31.09 ? 89   GLN A OE1 1 
ATOM   737 N  NE2 . GLN A 1 89  ? 1.809   17.899  -9.503  1.00 31.51 ? 89   GLN A NE2 1 
ATOM   738 N  N   . GLY A 1 90  ? 0.559   17.142  -4.173  1.00 13.62 ? 90   GLY A N   1 
ATOM   739 C  CA  . GLY A 1 90  ? -0.226  16.665  -3.063  1.00 12.90 ? 90   GLY A CA  1 
ATOM   740 C  C   . GLY A 1 90  ? -0.112  15.174  -2.896  1.00 12.33 ? 90   GLY A C   1 
ATOM   741 O  O   . GLY A 1 90  ? 0.338   14.475  -3.801  1.00 12.69 ? 90   GLY A O   1 
ATOM   742 N  N   . VAL A 1 91  ? -0.509  14.705  -1.722  1.00 11.74 ? 91   VAL A N   1 
ATOM   743 C  CA  . VAL A 1 91  ? -0.455  13.303  -1.343  1.00 11.66 ? 91   VAL A CA  1 
ATOM   744 C  C   . VAL A 1 91  ? -1.793  12.850  -0.805  1.00 11.08 ? 91   VAL A C   1 
ATOM   745 O  O   . VAL A 1 91  ? -2.428  13.569  -0.017  1.00 11.73 ? 91   VAL A O   1 
ATOM   746 C  CB  . VAL A 1 91  ? 0.570   13.066  -0.226  1.00 12.65 ? 91   VAL A CB  1 
ATOM   747 C  CG1 . VAL A 1 91  ? 0.793   11.576  0.012   1.00 12.50 ? 91   VAL A CG1 1 
ATOM   748 C  CG2 . VAL A 1 91  ? 1.872   13.769  -0.540  1.00 13.71 ? 91   VAL A CG2 1 
ATOM   749 N  N   . ILE A 1 92  ? -2.232  11.676  -1.242  1.00 9.98  ? 92   ILE A N   1 
ATOM   750 C  CA  . ILE A 1 92  ? -3.365  10.967  -0.658  1.00 10.04 ? 92   ILE A CA  1 
ATOM   751 C  C   . ILE A 1 92  ? -2.806  9.808   0.161   1.00 9.70  ? 92   ILE A C   1 
ATOM   752 O  O   . ILE A 1 92  ? -1.987  9.046   -0.325  1.00 9.94  ? 92   ILE A O   1 
ATOM   753 C  CB  . ILE A 1 92  ? -4.330  10.433  -1.774  1.00 10.71 ? 92   ILE A CB  1 
ATOM   754 C  CG1 . ILE A 1 92  ? -5.288  11.513  -2.245  1.00 13.44 ? 92   ILE A CG1 1 
ATOM   755 C  CG2 . ILE A 1 92  ? -5.164  9.242   -1.257  1.00 13.35 ? 92   ILE A CG2 1 
ATOM   756 C  CD1 . ILE A 1 92  ? -4.682  12.793  -2.663  1.00 14.79 ? 92   ILE A CD1 1 
ATOM   757 N  N   . THR A 1 93  ? -3.213  9.686   1.412   1.00 9.65  ? 93   THR A N   1 
ATOM   758 C  CA  . THR A 1 93  ? -2.821  8.582   2.280   1.00 10.71 ? 93   THR A CA  1 
ATOM   759 C  C   . THR A 1 93  ? -4.092  7.903   2.727   1.00 10.91 ? 93   THR A C   1 
ATOM   760 O  O   . THR A 1 93  ? -4.995  8.557   3.190   1.00 12.44 ? 93   THR A O   1 
ATOM   761 C  CB  . THR A 1 93  ? -2.067  9.100   3.498   1.00 12.01 ? 93   THR A CB  1 
ATOM   762 O  OG1 . THR A 1 93  ? -0.944  9.857   3.021   1.00 14.07 ? 93   THR A OG1 1 
ATOM   763 C  CG2 . THR A 1 93  ? -1.593  7.977   4.359   1.00 14.83 ? 93   THR A CG2 1 
ATOM   764 N  N   . ARG A 1 94  ? -4.176  6.591   2.570   1.00 10.72 ? 94   ARG A N   1 
ATOM   765 C  CA  . ARG A 1 94  ? -5.409  5.861   2.864   1.00 12.02 ? 94   ARG A CA  1 
ATOM   766 C  C   . ARG A 1 94  ? -5.098  4.667   3.723   1.00 11.90 ? 94   ARG A C   1 
ATOM   767 O  O   . ARG A 1 94  ? -4.112  3.964   3.459   1.00 11.19 ? 94   ARG A O   1 
ATOM   768 C  CB  . ARG A 1 94  ? -6.066  5.370   1.570   1.00 13.21 ? 94   ARG A CB  1 
ATOM   769 C  CG  . ARG A 1 94  ? -6.857  6.405   0.885   1.00 17.74 ? 94   ARG A CG  1 
ATOM   770 C  CD  . ARG A 1 94  ? -7.715  5.849   -0.213  1.00 19.27 ? 94   ARG A CD  1 
ATOM   771 N  NE  . ARG A 1 94  ? -8.895  5.153   0.255   1.00 17.82 ? 94   ARG A NE  1 
ATOM   772 C  CZ  . ARG A 1 94  ? -9.810  4.643   -0.566  1.00 20.86 ? 94   ARG A CZ  1 
ATOM   773 N  NH1 . ARG A 1 94  ? -9.668  4.753   -1.886  1.00 19.92 ? 94   ARG A NH1 1 
ATOM   774 N  NH2 . ARG A 1 94  ? -10.864 4.009   -0.072  1.00 22.81 ? 94   ARG A NH2 1 
ATOM   775 N  N   . LYS A 1 95  ? -5.948  4.395   4.702   1.00 12.71 ? 95   LYS A N   1 
ATOM   776 C  CA  . LYS A 1 95  ? -5.802  3.200   5.524   1.00 13.98 ? 95   LYS A CA  1 
ATOM   777 C  C   . LYS A 1 95  ? -6.339  1.952   4.827   1.00 14.98 ? 95   LYS A C   1 
ATOM   778 O  O   . LYS A 1 95  ? -7.399  1.979   4.181   1.00 16.16 ? 95   LYS A O   1 
ATOM   779 C  CB  . LYS A 1 95  ? -6.545  3.365   6.830   1.00 14.15 ? 95   LYS A CB  1 
ATOM   780 C  CG  . LYS A 1 95  ? -6.015  4.444   7.709   1.00 14.32 ? 95   LYS A CG  1 
ATOM   781 C  CD  . LYS A 1 95  ? -6.857  4.590   8.939   1.00 19.03 ? 95   LYS A CD  1 
ATOM   782 C  CE  . LYS A 1 95  ? -6.382  5.714   9.809   1.00 22.21 ? 95   LYS A CE  1 
ATOM   783 N  NZ  . LYS A 1 95  ? -7.341  5.951   10.943  1.00 24.53 ? 95   LYS A NZ  1 
ATOM   784 N  N   . VAL A 1 96  ? -5.613  0.854   4.970   1.00 14.95 ? 96   VAL A N   1 
ATOM   785 C  CA  A VAL A 1 96  ? -6.131  -0.425  4.514   0.50 15.74 ? 96   VAL A CA  1 
ATOM   786 C  CA  B VAL A 1 96  ? -6.025  -0.455  4.465   0.50 15.41 ? 96   VAL A CA  1 
ATOM   787 C  C   . VAL A 1 96  ? -5.969  -1.429  5.636   1.00 15.45 ? 96   VAL A C   1 
ATOM   788 O  O   . VAL A 1 96  ? -5.001  -1.405  6.394   1.00 15.33 ? 96   VAL A O   1 
ATOM   789 C  CB  A VAL A 1 96  ? -5.452  -0.928  3.223   0.50 16.26 ? 96   VAL A CB  1 
ATOM   790 C  CB  B VAL A 1 96  ? -5.046  -0.951  3.361   0.50 15.30 ? 96   VAL A CB  1 
ATOM   791 C  CG1 A VAL A 1 96  ? -3.973  -0.838  3.348   0.50 17.48 ? 96   VAL A CG1 1 
ATOM   792 C  CG1 B VAL A 1 96  ? -5.391  -2.384  2.906   0.50 16.80 ? 96   VAL A CG1 1 
ATOM   793 C  CG2 A VAL A 1 96  ? -5.916  -2.369  2.888   0.50 17.41 ? 96   VAL A CG2 1 
ATOM   794 C  CG2 B VAL A 1 96  ? -5.087  -0.005  2.185   0.50 15.98 ? 96   VAL A CG2 1 
ATOM   795 N  N   . ASN A 1 97  ? -6.992  -2.265  5.786   1.00 15.40 ? 97   ASN A N   1 
ATOM   796 C  CA  . ASN A 1 97  ? -6.968  -3.375  6.730   1.00 16.34 ? 97   ASN A CA  1 
ATOM   797 C  C   . ASN A 1 97  ? -6.305  -4.553  6.036   1.00 16.28 ? 97   ASN A C   1 
ATOM   798 O  O   . ASN A 1 97  ? -6.761  -4.982  4.984   1.00 16.86 ? 97   ASN A O   1 
ATOM   799 C  CB  . ASN A 1 97  ? -8.393  -3.745  7.165   1.00 17.26 ? 97   ASN A CB  1 
ATOM   800 C  CG  . ASN A 1 97  ? -8.429  -4.785  8.284   1.00 20.01 ? 97   ASN A CG  1 
ATOM   801 O  OD1 . ASN A 1 97  ? -8.942  -4.513  9.363   1.00 27.81 ? 97   ASN A OD1 1 
ATOM   802 N  ND2 . ASN A 1 97  ? -7.922  -5.980  8.024   1.00 23.56 ? 97   ASN A ND2 1 
ATOM   803 N  N   . ILE A 1 98  ? -5.192  -5.007  6.586   1.00 15.98 ? 98   ILE A N   1 
ATOM   804 C  CA  . ILE A 1 98  ? -4.536  -6.200  6.080   1.00 16.51 ? 98   ILE A CA  1 
ATOM   805 C  C   . ILE A 1 98  ? -4.890  -7.358  7.003   1.00 17.47 ? 98   ILE A C   1 
ATOM   806 O  O   . ILE A 1 98  ? -4.571  -7.339  8.178   1.00 18.35 ? 98   ILE A O   1 
ATOM   807 C  CB  . ILE A 1 98  ? -2.998  -6.010  5.954   1.00 16.58 ? 98   ILE A CB  1 
ATOM   808 C  CG1 . ILE A 1 98  ? -2.687  -4.884  4.956   1.00 17.89 ? 98   ILE A CG1 1 
ATOM   809 C  CG2 . ILE A 1 98  ? -2.331  -7.342  5.538   1.00 16.43 ? 98   ILE A CG2 1 
ATOM   810 C  CD1 . ILE A 1 98  ? -1.248  -4.598  4.690   1.00 20.69 ? 98   ILE A CD1 1 
ATOM   811 N  N   . GLN A 1 99  ? -5.576  -8.343  6.452   1.00 17.59 ? 99   GLN A N   1 
ATOM   812 C  CA  . GLN A 1 99  ? -5.930  -9.545  7.182   1.00 18.45 ? 99   GLN A CA  1 
ATOM   813 C  C   . GLN A 1 99  ? -4.876  -10.613 6.939   1.00 18.25 ? 99   GLN A C   1 
ATOM   814 O  O   . GLN A 1 99  ? -4.578  -10.914 5.786   1.00 17.72 ? 99   GLN A O   1 
ATOM   815 C  CB  . GLN A 1 99  ? -7.294  -10.030 6.703   1.00 19.01 ? 99   GLN A CB  1 
ATOM   816 C  CG  . GLN A 1 99  ? -8.463  -9.173  7.177   1.00 19.73 ? 99   GLN A CG  1 
ATOM   817 C  CD  . GLN A 1 99  ? -8.759  -9.349  8.665   1.00 21.50 ? 99   GLN A CD  1 
ATOM   818 O  OE1 . GLN A 1 99  ? -8.856  -10.474 9.169   1.00 24.58 ? 99   GLN A OE1 1 
ATOM   819 N  NE2 . GLN A 1 99  ? -8.922  -8.239  9.368   1.00 21.64 ? 99   GLN A NE2 1 
ATOM   820 N  N   . VAL A 1 100 ? -4.311  -11.163 8.020   1.00 18.45 ? 100  VAL A N   1 
ATOM   821 C  CA  . VAL A 1 100 ? -3.355  -12.281 7.930   1.00 19.13 ? 100  VAL A CA  1 
ATOM   822 C  C   . VAL A 1 100 ? -4.117  -13.602 8.005   1.00 20.32 ? 100  VAL A C   1 
ATOM   823 O  O   . VAL A 1 100 ? -4.669  -13.942 9.048   1.00 20.29 ? 100  VAL A O   1 
ATOM   824 C  CB  . VAL A 1 100 ? -2.254  -12.217 9.026   1.00 19.22 ? 100  VAL A CB  1 
ATOM   825 C  CG1 . VAL A 1 100 ? -1.191  -13.292 8.780   1.00 19.63 ? 100  VAL A CG1 1 
ATOM   826 C  CG2 . VAL A 1 100 ? -1.598  -10.834 9.054   1.00 19.19 ? 100  VAL A CG2 1 
ATOM   827 N  N   . GLY A 1 101 ? -4.165  -14.323 6.885   1.00 21.66 ? 101  GLY A N   1 
ATOM   828 C  CA  . GLY A 1 101 ? -5.013  -15.510 6.758   1.00 22.66 ? 101  GLY A CA  1 
ATOM   829 C  C   . GLY A 1 101 ? -4.322  -16.811 7.134   1.00 23.89 ? 101  GLY A C   1 
ATOM   830 O  O   . GLY A 1 101 ? -3.143  -16.998 6.855   1.00 23.53 ? 101  GLY A O   1 
ATOM   831 N  N   . ASP A 1 102 ? -5.077  -17.713 7.759   1.00 25.36 ? 102  ASP A N   1 
ATOM   832 C  CA  . ASP A 1 102 ? -4.619  -19.070 8.037   1.00 26.75 ? 102  ASP A CA  1 
ATOM   833 C  C   . ASP A 1 102 ? -5.253  -20.009 7.005   1.00 27.18 ? 102  ASP A C   1 
ATOM   834 O  O   . ASP A 1 102 ? -4.885  -19.984 5.825   1.00 28.26 ? 102  ASP A O   1 
ATOM   835 C  CB  . ASP A 1 102 ? -4.997  -19.470 9.466   1.00 27.11 ? 102  ASP A CB  1 
ATOM   836 C  CG  . ASP A 1 102 ? -4.395  -20.809 9.892   1.00 28.55 ? 102  ASP A CG  1 
ATOM   837 O  OD1 . ASP A 1 102 ? -3.739  -21.490 9.063   1.00 29.89 ? 102  ASP A OD1 1 
ATOM   838 O  OD2 . ASP A 1 102 ? -4.584  -21.180 11.073  1.00 32.18 ? 102  ASP A OD2 1 
ATOM   839 O  OXT . ASP A 1 102 ? -6.153  -20.803 7.297   1.00 28.38 ? 102  ASP A OXT 1 
HETATM 840 CA CA  . CA  B 2 .   ? -1.959  15.814  -10.811 1.00 14.07 ? 1103 CA  A CA  1 
HETATM 841 O  O   . HOH C 3 .   ? -0.847  30.802  -11.733 1.00 34.54 ? 2001 HOH A O   1 
HETATM 842 O  O   . HOH C 3 .   ? -4.543  33.324  -10.695 1.00 10.62 ? 2002 HOH A O   1 
HETATM 843 O  O   . HOH C 3 .   ? -0.351  32.026  -8.812  1.00 20.51 ? 2003 HOH A O   1 
HETATM 844 O  O   . HOH C 3 .   ? -9.560  13.732  -10.370 1.00 30.16 ? 2004 HOH A O   1 
HETATM 845 O  O   . HOH C 3 .   ? -6.108  23.185  -9.892  1.00 26.27 ? 2005 HOH A O   1 
HETATM 846 O  O   . HOH C 3 .   ? -2.685  20.432  -6.443  1.00 26.70 ? 2006 HOH A O   1 
HETATM 847 O  O   . HOH C 3 .   ? -11.413 17.360  -13.424 1.00 19.18 ? 2007 HOH A O   1 
HETATM 848 O  O   . HOH C 3 .   ? -6.780  -7.727  -3.372  1.00 27.60 ? 2008 HOH A O   1 
HETATM 849 O  O   . HOH C 3 .   ? -16.540 -7.359  1.805   1.00 17.31 ? 2009 HOH A O   1 
HETATM 850 O  O   . HOH C 3 .   ? -7.682  17.225  -6.678  1.00 23.74 ? 2010 HOH A O   1 
HETATM 851 O  O   . HOH C 3 .   ? -6.592  12.565  -10.488 1.00 19.46 ? 2011 HOH A O   1 
HETATM 852 O  O   . HOH C 3 .   ? -8.412  14.021  -7.060  1.00 31.68 ? 2012 HOH A O   1 
HETATM 853 O  O   . HOH C 3 .   ? -7.767  12.499  -4.820  1.00 22.05 ? 2013 HOH A O   1 
HETATM 854 O  O   . HOH C 3 .   ? -8.018  7.453   -2.999  1.00 11.09 ? 2014 HOH A O   1 
HETATM 855 O  O   . HOH C 3 .   ? -10.450 6.449   -4.727  1.00 31.66 ? 2015 HOH A O   1 
HETATM 856 O  O   . HOH C 3 .   ? -11.674 1.501   -8.263  1.00 37.10 ? 2016 HOH A O   1 
HETATM 857 O  O   . HOH C 3 .   ? -5.554  2.914   -11.791 1.00 31.35 ? 2017 HOH A O   1 
HETATM 858 O  O   . HOH C 3 .   ? -7.927  -0.886  -9.813  1.00 31.30 ? 2018 HOH A O   1 
HETATM 859 O  O   . HOH C 3 .   ? -5.964  -4.353  -6.765  1.00 27.50 ? 2019 HOH A O   1 
HETATM 860 O  O   . HOH C 3 .   ? 0.523   0.007   -12.864 1.00 28.16 ? 2020 HOH A O   1 
HETATM 861 O  O   . HOH C 3 .   ? 1.124   4.986   -11.645 1.00 25.77 ? 2021 HOH A O   1 
HETATM 862 O  O   . HOH C 3 .   ? -12.963 9.685   -15.703 1.00 33.85 ? 2022 HOH A O   1 
HETATM 863 O  O   . HOH C 3 .   ? -8.136  -4.885  -5.216  1.00 29.53 ? 2023 HOH A O   1 
HETATM 864 O  O   . HOH C 3 .   ? -9.297  2.822   2.477   1.00 23.73 ? 2024 HOH A O   1 
HETATM 865 O  O   . HOH C 3 .   ? 1.968   10.949  -20.452 1.00 45.29 ? 2025 HOH A O   1 
HETATM 866 O  O   . HOH C 3 .   ? 1.462   6.959   -13.699 1.00 32.80 ? 2026 HOH A O   1 
HETATM 867 O  O   . HOH C 3 .   ? 6.341   15.485  -12.071 1.00 37.59 ? 2027 HOH A O   1 
HETATM 868 O  O   . HOH C 3 .   ? 6.345   7.604   -13.478 1.00 45.35 ? 2028 HOH A O   1 
HETATM 869 O  O   . HOH C 3 .   ? -9.320  -1.882  3.712   1.00 22.79 ? 2029 HOH A O   1 
HETATM 870 O  O   . HOH C 3 .   ? -15.301 -10.585 2.362   1.00 25.95 ? 2030 HOH A O   1 
HETATM 871 O  O   . HOH C 3 .   ? -11.316 -12.927 1.048   1.00 26.64 ? 2031 HOH A O   1 
HETATM 872 O  O   . HOH C 3 .   ? 2.951   7.117   11.193  1.00 39.73 ? 2032 HOH A O   1 
HETATM 873 O  O   . HOH C 3 .   ? -7.014  -9.401  -0.837  1.00 26.51 ? 2033 HOH A O   1 
HETATM 874 O  O   . HOH C 3 .   ? 13.478  -0.373  12.541  1.00 32.06 ? 2034 HOH A O   1 
HETATM 875 O  O   . HOH C 3 .   ? -2.131  -14.622 0.052   1.00 20.88 ? 2035 HOH A O   1 
HETATM 876 O  O   . HOH C 3 .   ? 3.468   2.931   -13.930 1.00 42.11 ? 2036 HOH A O   1 
HETATM 877 O  O   . HOH C 3 .   ? 10.455  10.962  -8.335  1.00 41.05 ? 2037 HOH A O   1 
HETATM 878 O  O   . HOH C 3 .   ? 8.323   -6.041  -9.507  1.00 32.88 ? 2038 HOH A O   1 
HETATM 879 O  O   . HOH C 3 .   ? 4.978   -14.906 6.364   1.00 10.11 ? 2039 HOH A O   1 
HETATM 880 O  O   . HOH C 3 .   ? 7.425   -16.250 6.470   1.00 19.47 ? 2040 HOH A O   1 
HETATM 881 O  O   . HOH C 3 .   ? 11.056  -16.457 1.839   0.50 16.52 ? 2041 HOH A O   1 
HETATM 882 O  O   . HOH C 3 .   ? 11.711  -9.061  -3.123  1.00 40.32 ? 2042 HOH A O   1 
HETATM 883 O  O   . HOH C 3 .   ? 9.366   -11.778 -5.224  1.00 35.75 ? 2043 HOH A O   1 
HETATM 884 O  O   . HOH C 3 .   ? 5.975   -16.009 -2.846  0.50 20.57 ? 2044 HOH A O   1 
HETATM 885 O  O   . HOH C 3 .   ? 6.408   -12.570 -5.324  1.00 24.41 ? 2045 HOH A O   1 
HETATM 886 O  O   . HOH C 3 .   ? 3.151   -13.174 -4.654  1.00 35.85 ? 2046 HOH A O   1 
HETATM 887 O  O   . HOH C 3 .   ? 4.909   10.784  -1.014  1.00 31.15 ? 2047 HOH A O   1 
HETATM 888 O  O   . HOH C 3 .   ? -1.737  -10.739 -0.874  1.00 27.26 ? 2048 HOH A O   1 
HETATM 889 O  O   . HOH C 3 .   ? -4.065  -7.360  -4.508  1.00 18.39 ? 2049 HOH A O   1 
HETATM 890 O  O   . HOH C 3 .   ? 8.823   12.528  -12.169 1.00 34.99 ? 2050 HOH A O   1 
HETATM 891 O  O   . HOH C 3 .   ? -2.893  -4.861  -8.031  1.00 17.02 ? 2051 HOH A O   1 
HETATM 892 O  O   . HOH C 3 .   ? -0.483  -3.464  -13.216 1.00 39.14 ? 2052 HOH A O   1 
HETATM 893 O  O   . HOH C 3 .   ? 0.811   1.027   -10.248 1.00 16.01 ? 2053 HOH A O   1 
HETATM 894 O  O   . HOH C 3 .   ? -3.227  2.266   -12.783 1.00 28.17 ? 2054 HOH A O   1 
HETATM 895 O  O   . HOH C 3 .   ? -2.611  5.678   -13.898 1.00 25.27 ? 2055 HOH A O   1 
HETATM 896 O  O   . HOH C 3 .   ? -0.923  2.980   -11.069 1.00 15.60 ? 2056 HOH A O   1 
HETATM 897 O  O   . HOH C 3 .   ? -5.834  7.682   -19.644 1.00 42.01 ? 2057 HOH A O   1 
HETATM 898 O  O   . HOH C 3 .   ? -2.438  8.389   -14.114 1.00 15.50 ? 2058 HOH A O   1 
HETATM 899 O  O   . HOH C 3 .   ? -11.201 9.094   -17.413 1.00 29.40 ? 2059 HOH A O   1 
HETATM 900 O  O   . HOH C 3 .   ? -5.543  15.945  -18.354 1.00 7.20  ? 2060 HOH A O   1 
HETATM 901 O  O   . HOH C 3 .   ? 2.558   12.279  -18.461 1.00 25.23 ? 2061 HOH A O   1 
HETATM 902 O  O   . HOH C 3 .   ? -0.021  9.362   -14.231 1.00 15.66 ? 2062 HOH A O   1 
HETATM 903 O  O   . HOH C 3 .   ? 3.215   18.491  -14.320 1.00 44.61 ? 2063 HOH A O   1 
HETATM 904 O  O   . HOH C 3 .   ? 1.364   15.686  -16.641 1.00 12.07 ? 2064 HOH A O   1 
HETATM 905 O  O   . HOH C 3 .   ? 4.153   14.553  -10.916 1.00 17.13 ? 2065 HOH A O   1 
HETATM 906 O  O   . HOH C 3 .   ? 7.249   8.167   -10.491 1.00 25.70 ? 2066 HOH A O   1 
HETATM 907 O  O   . HOH C 3 .   ? 3.738   7.438   -12.776 1.00 18.91 ? 2067 HOH A O   1 
HETATM 908 O  O   . HOH C 3 .   ? 8.110   3.945   -1.879  1.00 19.53 ? 2068 HOH A O   1 
HETATM 909 O  O   . HOH C 3 .   ? 7.756   7.342   -2.104  1.00 38.20 ? 2069 HOH A O   1 
HETATM 910 O  O   . HOH C 3 .   ? 7.437   4.005   1.196   1.00 15.66 ? 2070 HOH A O   1 
HETATM 911 O  O   . HOH C 3 .   ? 6.388   7.309   3.527   1.00 43.02 ? 2071 HOH A O   1 
HETATM 912 O  O   . HOH C 3 .   ? 0.517   2.788   8.712   1.00 22.46 ? 2072 HOH A O   1 
HETATM 913 O  O   . HOH C 3 .   ? 1.669   6.008   3.395   1.00 43.53 ? 2073 HOH A O   1 
HETATM 914 O  O   . HOH C 3 .   ? 10.017  1.585   10.302  1.00 16.29 ? 2074 HOH A O   1 
HETATM 915 O  O   . HOH C 3 .   ? 4.181   5.260   13.225  1.00 20.96 ? 2075 HOH A O   1 
HETATM 916 O  O   . HOH C 3 .   ? 0.794   -0.969  10.781  1.00 22.36 ? 2076 HOH A O   1 
HETATM 917 O  O   . HOH C 3 .   ? 3.601   2.135   13.834  1.00 23.92 ? 2077 HOH A O   1 
HETATM 918 O  O   . HOH C 3 .   ? 4.496   -4.882  15.101  1.00 37.08 ? 2078 HOH A O   1 
HETATM 919 O  O   . HOH C 3 .   ? 2.165   1.534   10.879  1.00 16.79 ? 2079 HOH A O   1 
HETATM 920 O  O   . HOH C 3 .   ? 12.235  -4.940  8.064   1.00 24.58 ? 2080 HOH A O   1 
HETATM 921 O  O   . HOH C 3 .   ? 11.386  1.300   12.683  1.00 23.97 ? 2081 HOH A O   1 
HETATM 922 O  O   . HOH C 3 .   ? 9.047   0.160   3.758   1.00 11.91 ? 2082 HOH A O   1 
HETATM 923 O  O   . HOH C 3 .   ? 11.327  -2.302  -10.162 1.00 39.94 ? 2083 HOH A O   1 
HETATM 924 O  O   . HOH C 3 .   ? 3.971   5.588   -10.718 1.00 18.89 ? 2084 HOH A O   1 
HETATM 925 O  O   . HOH C 3 .   ? 10.685  7.517   -7.816  1.00 32.65 ? 2085 HOH A O   1 
HETATM 926 O  O   . HOH C 3 .   ? 2.735   2.420   -11.529 1.00 32.60 ? 2086 HOH A O   1 
HETATM 927 O  O   . HOH C 3 .   ? 12.072  2.780   -8.857  1.00 31.94 ? 2087 HOH A O   1 
HETATM 928 O  O   . HOH C 3 .   ? 8.304   -3.433  -9.370  1.00 18.66 ? 2088 HOH A O   1 
HETATM 929 O  O   . HOH C 3 .   ? 8.804   -9.244  -6.767  1.00 41.92 ? 2089 HOH A O   1 
HETATM 930 O  O   . HOH C 3 .   ? 13.358  -8.030  4.971   1.00 19.51 ? 2090 HOH A O   1 
HETATM 931 O  O   . HOH C 3 .   ? 12.868  -10.163 7.621   1.00 41.18 ? 2091 HOH A O   1 
HETATM 932 O  O   . HOH C 3 .   ? 8.091   -10.978 11.973  1.00 30.95 ? 2092 HOH A O   1 
HETATM 933 O  O   . HOH C 3 .   ? 3.266   -19.367 14.807  1.00 17.67 ? 2093 HOH A O   1 
HETATM 934 O  O   . HOH C 3 .   ? 1.241   -18.129 21.360  1.00 31.53 ? 2094 HOH A O   1 
HETATM 935 O  O   . HOH C 3 .   ? 1.885   -11.031 11.809  1.00 14.93 ? 2095 HOH A O   1 
HETATM 936 O  O   . HOH C 3 .   ? -5.225  -3.621  12.598  1.00 32.31 ? 2096 HOH A O   1 
HETATM 937 O  O   . HOH C 3 .   ? -1.543  -2.311  12.715  1.00 25.00 ? 2097 HOH A O   1 
HETATM 938 O  O   . HOH C 3 .   ? -5.086  7.696   6.525   1.00 25.89 ? 2098 HOH A O   1 
HETATM 939 O  O   . HOH C 3 .   ? 3.625   8.661   -1.876  1.00 17.69 ? 2099 HOH A O   1 
HETATM 940 O  O   . HOH C 3 .   ? 3.876   8.156   2.601   1.00 38.79 ? 2100 HOH A O   1 
HETATM 941 O  O   . HOH C 3 .   ? 3.328   16.285  -2.638  1.00 38.11 ? 2101 HOH A O   1 
HETATM 942 O  O   . HOH C 3 .   ? 8.007   10.886  -10.028 1.00 26.03 ? 2102 HOH A O   1 
HETATM 943 O  O   . HOH C 3 .   ? -1.765  12.460  2.819   0.50 10.07 ? 2103 HOH A O   1 
HETATM 944 O  O   . HOH C 3 .   ? -3.235  -19.363 13.501  1.00 30.07 ? 2104 HOH A O   1 
HETATM 945 O  O   . HOH C 3 .   ? -5.383  -22.085 4.185   1.00 38.90 ? 2105 HOH A O   1 
# 
loop_
_pdbx_poly_seq_scheme.asym_id 
_pdbx_poly_seq_scheme.entity_id 
_pdbx_poly_seq_scheme.seq_id 
_pdbx_poly_seq_scheme.mon_id 
_pdbx_poly_seq_scheme.ndb_seq_num 
_pdbx_poly_seq_scheme.pdb_seq_num 
_pdbx_poly_seq_scheme.auth_seq_num 
_pdbx_poly_seq_scheme.pdb_mon_id 
_pdbx_poly_seq_scheme.auth_mon_id 
_pdbx_poly_seq_scheme.pdb_strand_id 
_pdbx_poly_seq_scheme.pdb_ins_code 
_pdbx_poly_seq_scheme.hetero 
A 1 1   MET 1   1   1   MET MET A . n 
A 1 2   GLN 2   2   2   GLN GLN A . n 
A 1 3   VAL 3   3   3   VAL VAL A . n 
A 1 4   ASN 4   4   4   ASN ASN A . n 
A 1 5   ARG 5   5   5   ARG ARG A . n 
A 1 6   LEU 6   6   6   LEU LEU A . n 
A 1 7   PRO 7   7   7   PRO PRO A . n 
A 1 8   PHE 8   8   8   PHE PHE A . n 
A 1 9   PHE 9   9   9   PHE PHE A . n 
A 1 10  THR 10  10  10  THR THR A . n 
A 1 11  ASN 11  11  11  ASN ASN A . n 
A 1 12  HIS 12  12  12  HIS HIS A . n 
A 1 13  PHE 13  13  13  PHE PHE A . n 
A 1 14  PHE 14  14  14  PHE PHE A . n 
A 1 15  ASP 15  15  15  ASP ASP A . n 
A 1 16  THR 16  16  16  THR THR A . n 
A 1 17  TYR 17  17  17  TYR TYR A . n 
A 1 18  LEU 18  18  18  LEU LEU A . n 
A 1 19  LEU 19  19  19  LEU LEU A . n 
A 1 20  ILE 20  20  20  ILE ILE A . n 
A 1 21  SER 21  21  21  SER SER A . n 
A 1 22  GLU 22  22  22  GLU GLU A . n 
A 1 23  ASP 23  23  23  ASP ASP A . n 
A 1 24  THR 24  24  24  THR THR A . n 
A 1 25  PRO 25  25  25  PRO PRO A . n 
A 1 26  VAL 26  26  26  VAL VAL A . n 
A 1 27  GLY 27  27  27  GLY GLY A . n 
A 1 28  SER 28  28  28  SER SER A . n 
A 1 29  SER 29  29  29  SER SER A . n 
A 1 30  VAL 30  30  30  VAL VAL A . n 
A 1 31  THR 31  31  31  THR THR A . n 
A 1 32  GLN 32  32  32  GLN GLN A . n 
A 1 33  LEU 33  33  33  LEU LEU A . n 
A 1 34  LEU 34  34  34  LEU LEU A . n 
A 1 35  ALA 35  35  35  ALA ALA A . n 
A 1 36  ARG 36  36  36  ARG ARG A . n 
A 1 37  ASP 37  37  37  ASP ASP A . n 
A 1 38  MET 38  38  38  MET MET A . n 
A 1 39  ASP 39  39  39  ASP ASP A . n 
A 1 40  ASN 40  40  40  ASN ASN A . n 
A 1 41  ASP 41  41  41  ASP ASP A . n 
A 1 42  PRO 42  42  42  PRO PRO A . n 
A 1 43  LEU 43  43  43  LEU LEU A . n 
A 1 44  VAL 44  44  44  VAL VAL A . n 
A 1 45  PHE 45  45  45  PHE PHE A . n 
A 1 46  GLY 46  46  46  GLY GLY A . n 
A 1 47  VAL 47  47  47  VAL VAL A . n 
A 1 48  SER 48  48  48  SER SER A . n 
A 1 49  GLY 49  49  49  GLY GLY A . n 
A 1 50  GLU 50  50  50  GLU GLU A . n 
A 1 51  GLU 51  51  51  GLU GLU A . n 
A 1 52  ALA 52  52  52  ALA ALA A . n 
A 1 53  SER 53  53  53  SER SER A . n 
A 1 54  ARG 54  54  54  ARG ARG A . n 
A 1 55  PHE 55  55  55  PHE PHE A . n 
A 1 56  PHE 56  56  56  PHE PHE A . n 
A 1 57  ALA 57  57  57  ALA ALA A . n 
A 1 58  VAL 58  58  58  VAL VAL A . n 
A 1 59  GLU 59  59  59  GLU GLU A . n 
A 1 60  PRO 60  60  60  PRO PRO A . n 
A 1 61  ASP 61  61  61  ASP ASP A . n 
A 1 62  THR 62  62  62  THR THR A . n 
A 1 63  GLY 63  63  63  GLY GLY A . n 
A 1 64  VAL 64  64  64  VAL VAL A . n 
A 1 65  VAL 65  65  65  VAL VAL A . n 
A 1 66  TRP 66  66  66  TRP TRP A . n 
A 1 67  LEU 67  67  67  LEU LEU A . n 
A 1 68  ARG 68  68  68  ARG ARG A . n 
A 1 69  GLN 69  69  69  GLN GLN A . n 
A 1 70  PRO 70  70  70  PRO PRO A . n 
A 1 71  LEU 71  71  71  LEU LEU A . n 
A 1 72  ASP 72  72  72  ASP ASP A . n 
A 1 73  ARG 73  73  73  ARG ARG A . n 
A 1 74  GLU 74  74  74  GLU GLU A . n 
A 1 75  THR 75  75  75  THR THR A . n 
A 1 76  LYS 76  76  76  LYS LYS A . n 
A 1 77  SER 77  77  77  SER SER A . n 
A 1 78  GLU 78  78  78  GLU GLU A . n 
A 1 79  PHE 79  79  79  PHE PHE A . n 
A 1 80  THR 80  80  80  THR THR A . n 
A 1 81  VAL 81  81  81  VAL VAL A . n 
A 1 82  GLU 82  82  82  GLU GLU A . n 
A 1 83  PHE 83  83  83  PHE PHE A . n 
A 1 84  SER 84  84  84  SER SER A . n 
A 1 85  VAL 85  85  85  VAL VAL A . n 
A 1 86  SER 86  86  86  SER SER A . n 
A 1 87  ASP 87  87  87  ASP ASP A . n 
A 1 88  HIS 88  88  88  HIS HIS A . n 
A 1 89  GLN 89  89  89  GLN GLN A . n 
A 1 90  GLY 90  90  90  GLY GLY A . n 
A 1 91  VAL 91  91  91  VAL VAL A . n 
A 1 92  ILE 92  92  92  ILE ILE A . n 
A 1 93  THR 93  93  93  THR THR A . n 
A 1 94  ARG 94  94  94  ARG ARG A . n 
A 1 95  LYS 95  95  95  LYS LYS A . n 
A 1 96  VAL 96  96  96  VAL VAL A . n 
A 1 97  ASN 97  97  97  ASN ASN A . n 
A 1 98  ILE 98  98  98  ILE ILE A . n 
A 1 99  GLN 99  99  99  GLN GLN A . n 
A 1 100 VAL 100 100 100 VAL VAL A . n 
A 1 101 GLY 101 101 101 GLY GLY A . n 
A 1 102 ASP 102 102 102 ASP ASP A . n 
# 
loop_
_pdbx_nonpoly_scheme.asym_id 
_pdbx_nonpoly_scheme.entity_id 
_pdbx_nonpoly_scheme.mon_id 
_pdbx_nonpoly_scheme.ndb_seq_num 
_pdbx_nonpoly_scheme.pdb_seq_num 
_pdbx_nonpoly_scheme.auth_seq_num 
_pdbx_nonpoly_scheme.pdb_mon_id 
_pdbx_nonpoly_scheme.auth_mon_id 
_pdbx_nonpoly_scheme.pdb_strand_id 
_pdbx_nonpoly_scheme.pdb_ins_code 
B 2 CA  1   1103 1103 CA  CA  A . 
C 3 HOH 1   2001 2001 HOH HOH A . 
C 3 HOH 2   2002 2002 HOH HOH A . 
C 3 HOH 3   2003 2003 HOH HOH A . 
C 3 HOH 4   2004 2004 HOH HOH A . 
C 3 HOH 5   2005 2005 HOH HOH A . 
C 3 HOH 6   2006 2006 HOH HOH A . 
C 3 HOH 7   2007 2007 HOH HOH A . 
C 3 HOH 8   2008 2008 HOH HOH A . 
C 3 HOH 9   2009 2009 HOH HOH A . 
C 3 HOH 10  2010 2010 HOH HOH A . 
C 3 HOH 11  2011 2011 HOH HOH A . 
C 3 HOH 12  2012 2012 HOH HOH A . 
C 3 HOH 13  2013 2013 HOH HOH A . 
C 3 HOH 14  2014 2014 HOH HOH A . 
C 3 HOH 15  2015 2015 HOH HOH A . 
C 3 HOH 16  2016 2016 HOH HOH A . 
C 3 HOH 17  2017 2017 HOH HOH A . 
C 3 HOH 18  2018 2018 HOH HOH A . 
C 3 HOH 19  2019 2019 HOH HOH A . 
C 3 HOH 20  2020 2020 HOH HOH A . 
C 3 HOH 21  2021 2021 HOH HOH A . 
C 3 HOH 22  2022 2022 HOH HOH A . 
C 3 HOH 23  2023 2023 HOH HOH A . 
C 3 HOH 24  2024 2024 HOH HOH A . 
C 3 HOH 25  2025 2025 HOH HOH A . 
C 3 HOH 26  2026 2026 HOH HOH A . 
C 3 HOH 27  2027 2027 HOH HOH A . 
C 3 HOH 28  2028 2028 HOH HOH A . 
C 3 HOH 29  2029 2029 HOH HOH A . 
C 3 HOH 30  2030 2030 HOH HOH A . 
C 3 HOH 31  2031 2031 HOH HOH A . 
C 3 HOH 32  2032 2032 HOH HOH A . 
C 3 HOH 33  2033 2033 HOH HOH A . 
C 3 HOH 34  2034 2034 HOH HOH A . 
C 3 HOH 35  2035 2035 HOH HOH A . 
C 3 HOH 36  2036 2036 HOH HOH A . 
C 3 HOH 37  2037 2037 HOH HOH A . 
C 3 HOH 38  2038 2038 HOH HOH A . 
C 3 HOH 39  2039 2039 HOH HOH A . 
C 3 HOH 40  2040 2040 HOH HOH A . 
C 3 HOH 41  2041 2041 HOH HOH A . 
C 3 HOH 42  2042 2042 HOH HOH A . 
C 3 HOH 43  2043 2043 HOH HOH A . 
C 3 HOH 44  2044 2044 HOH HOH A . 
C 3 HOH 45  2045 2045 HOH HOH A . 
C 3 HOH 46  2046 2046 HOH HOH A . 
C 3 HOH 47  2047 2047 HOH HOH A . 
C 3 HOH 48  2048 2048 HOH HOH A . 
C 3 HOH 49  2049 2049 HOH HOH A . 
C 3 HOH 50  2050 2050 HOH HOH A . 
C 3 HOH 51  2051 2051 HOH HOH A . 
C 3 HOH 52  2052 2052 HOH HOH A . 
C 3 HOH 53  2053 2053 HOH HOH A . 
C 3 HOH 54  2054 2054 HOH HOH A . 
C 3 HOH 55  2055 2055 HOH HOH A . 
C 3 HOH 56  2056 2056 HOH HOH A . 
C 3 HOH 57  2057 2057 HOH HOH A . 
C 3 HOH 58  2058 2058 HOH HOH A . 
C 3 HOH 59  2059 2059 HOH HOH A . 
C 3 HOH 60  2060 2060 HOH HOH A . 
C 3 HOH 61  2061 2061 HOH HOH A . 
C 3 HOH 62  2062 2062 HOH HOH A . 
C 3 HOH 63  2063 2063 HOH HOH A . 
C 3 HOH 64  2064 2064 HOH HOH A . 
C 3 HOH 65  2065 2065 HOH HOH A . 
C 3 HOH 66  2066 2066 HOH HOH A . 
C 3 HOH 67  2067 2067 HOH HOH A . 
C 3 HOH 68  2068 2068 HOH HOH A . 
C 3 HOH 69  2069 2069 HOH HOH A . 
C 3 HOH 70  2070 2070 HOH HOH A . 
C 3 HOH 71  2071 2071 HOH HOH A . 
C 3 HOH 72  2072 2072 HOH HOH A . 
C 3 HOH 73  2073 2073 HOH HOH A . 
C 3 HOH 74  2074 2074 HOH HOH A . 
C 3 HOH 75  2075 2075 HOH HOH A . 
C 3 HOH 76  2076 2076 HOH HOH A . 
C 3 HOH 77  2077 2077 HOH HOH A . 
C 3 HOH 78  2078 2078 HOH HOH A . 
C 3 HOH 79  2079 2079 HOH HOH A . 
C 3 HOH 80  2080 2080 HOH HOH A . 
C 3 HOH 81  2081 2081 HOH HOH A . 
C 3 HOH 82  2082 2082 HOH HOH A . 
C 3 HOH 83  2083 2083 HOH HOH A . 
C 3 HOH 84  2084 2084 HOH HOH A . 
C 3 HOH 85  2085 2085 HOH HOH A . 
C 3 HOH 86  2086 2086 HOH HOH A . 
C 3 HOH 87  2087 2087 HOH HOH A . 
C 3 HOH 88  2088 2088 HOH HOH A . 
C 3 HOH 89  2089 2089 HOH HOH A . 
C 3 HOH 90  2090 2090 HOH HOH A . 
C 3 HOH 91  2091 2091 HOH HOH A . 
C 3 HOH 92  2092 2092 HOH HOH A . 
C 3 HOH 93  2093 2093 HOH HOH A . 
C 3 HOH 94  2094 2094 HOH HOH A . 
C 3 HOH 95  2095 2095 HOH HOH A . 
C 3 HOH 96  2096 2096 HOH HOH A . 
C 3 HOH 97  2097 2097 HOH HOH A . 
C 3 HOH 98  2098 2098 HOH HOH A . 
C 3 HOH 99  2099 2099 HOH HOH A . 
C 3 HOH 100 2100 2100 HOH HOH A . 
C 3 HOH 101 2101 2101 HOH HOH A . 
C 3 HOH 102 2102 2102 HOH HOH A . 
C 3 HOH 103 2103 2103 HOH HOH A . 
C 3 HOH 104 2104 2104 HOH HOH A . 
C 3 HOH 105 2105 2105 HOH HOH A . 
# 
_pdbx_struct_assembly.id                   1 
_pdbx_struct_assembly.details              author_and_software_defined_assembly 
_pdbx_struct_assembly.method_details       PISA 
_pdbx_struct_assembly.oligomeric_details   monomeric 
_pdbx_struct_assembly.oligomeric_count     1 
# 
_pdbx_struct_assembly_gen.assembly_id       1 
_pdbx_struct_assembly_gen.oper_expression   1 
_pdbx_struct_assembly_gen.asym_id_list      A,B,C 
# 
_pdbx_struct_oper_list.id                   1 
_pdbx_struct_oper_list.type                 'identity operation' 
_pdbx_struct_oper_list.name                 1_555 
_pdbx_struct_oper_list.symmetry_operation   x,y,z 
_pdbx_struct_oper_list.matrix[1][1]         1.0000000000 
_pdbx_struct_oper_list.matrix[1][2]         0.0000000000 
_pdbx_struct_oper_list.matrix[1][3]         0.0000000000 
_pdbx_struct_oper_list.vector[1]            0.0000000000 
_pdbx_struct_oper_list.matrix[2][1]         0.0000000000 
_pdbx_struct_oper_list.matrix[2][2]         1.0000000000 
_pdbx_struct_oper_list.matrix[2][3]         0.0000000000 
_pdbx_struct_oper_list.vector[2]            0.0000000000 
_pdbx_struct_oper_list.matrix[3][1]         0.0000000000 
_pdbx_struct_oper_list.matrix[3][2]         0.0000000000 
_pdbx_struct_oper_list.matrix[3][3]         1.0000000000 
_pdbx_struct_oper_list.vector[3]            0.0000000000 
# 
loop_
_pdbx_struct_special_symmetry.id 
_pdbx_struct_special_symmetry.PDB_model_num 
_pdbx_struct_special_symmetry.auth_asym_id 
_pdbx_struct_special_symmetry.auth_comp_id 
_pdbx_struct_special_symmetry.auth_seq_id 
_pdbx_struct_special_symmetry.PDB_ins_code 
_pdbx_struct_special_symmetry.label_asym_id 
_pdbx_struct_special_symmetry.label_comp_id 
_pdbx_struct_special_symmetry.label_seq_id 
1 1 A HOH 2044 ? C HOH . 
2 1 A HOH 2103 ? C HOH . 
# 
loop_
_pdbx_struct_conn_angle.id 
_pdbx_struct_conn_angle.ptnr1_label_atom_id 
_pdbx_struct_conn_angle.ptnr1_label_alt_id 
_pdbx_struct_conn_angle.ptnr1_label_asym_id 
_pdbx_struct_conn_angle.ptnr1_label_comp_id 
_pdbx_struct_conn_angle.ptnr1_label_seq_id 
_pdbx_struct_conn_angle.ptnr1_auth_atom_id 
_pdbx_struct_conn_angle.ptnr1_auth_asym_id 
_pdbx_struct_conn_angle.ptnr1_auth_comp_id 
_pdbx_struct_conn_angle.ptnr1_auth_seq_id 
_pdbx_struct_conn_angle.ptnr1_PDB_ins_code 
_pdbx_struct_conn_angle.ptnr1_symmetry 
_pdbx_struct_conn_angle.ptnr2_label_atom_id 
_pdbx_struct_conn_angle.ptnr2_label_alt_id 
_pdbx_struct_conn_angle.ptnr2_label_asym_id 
_pdbx_struct_conn_angle.ptnr2_label_comp_id 
_pdbx_struct_conn_angle.ptnr2_label_seq_id 
_pdbx_struct_conn_angle.ptnr2_auth_atom_id 
_pdbx_struct_conn_angle.ptnr2_auth_asym_id 
_pdbx_struct_conn_angle.ptnr2_auth_comp_id 
_pdbx_struct_conn_angle.ptnr2_auth_seq_id 
_pdbx_struct_conn_angle.ptnr2_PDB_ins_code 
_pdbx_struct_conn_angle.ptnr2_symmetry 
_pdbx_struct_conn_angle.ptnr3_label_atom_id 
_pdbx_struct_conn_angle.ptnr3_label_alt_id 
_pdbx_struct_conn_angle.ptnr3_label_asym_id 
_pdbx_struct_conn_angle.ptnr3_label_comp_id 
_pdbx_struct_conn_angle.ptnr3_label_seq_id 
_pdbx_struct_conn_angle.ptnr3_auth_atom_id 
_pdbx_struct_conn_angle.ptnr3_auth_asym_id 
_pdbx_struct_conn_angle.ptnr3_auth_comp_id 
_pdbx_struct_conn_angle.ptnr3_auth_seq_id 
_pdbx_struct_conn_angle.ptnr3_PDB_ins_code 
_pdbx_struct_conn_angle.ptnr3_symmetry 
_pdbx_struct_conn_angle.value 
_pdbx_struct_conn_angle.value_esd 
1  OD1 ? A ASN 4  ? A ASN 4  ? 1_555 CA ? B CA . ? A CA 1103 ? 1_555 O   ? A ARG 5  ? A ARG 5  ? 1_555 89.6  ? 
2  OD1 ? A ASN 4  ? A ASN 4  ? 1_555 CA ? B CA . ? A CA 1103 ? 1_555 OD1 ? A ASP 37 ? A ASP 37 ? 1_555 160.3 ? 
3  O   ? A ARG 5  ? A ARG 5  ? 1_555 CA ? B CA . ? A CA 1103 ? 1_555 OD1 ? A ASP 37 ? A ASP 37 ? 1_555 87.5  ? 
4  OD1 ? A ASN 4  ? A ASN 4  ? 1_555 CA ? B CA . ? A CA 1103 ? 1_555 OD2 ? A ASP 37 ? A ASP 37 ? 1_555 147.7 ? 
5  O   ? A ARG 5  ? A ARG 5  ? 1_555 CA ? B CA . ? A CA 1103 ? 1_555 OD2 ? A ASP 37 ? A ASP 37 ? 1_555 103.7 ? 
6  OD1 ? A ASP 37 ? A ASP 37 ? 1_555 CA ? B CA . ? A CA 1103 ? 1_555 OD2 ? A ASP 37 ? A ASP 37 ? 1_555 51.4  ? 
7  OD1 ? A ASN 4  ? A ASN 4  ? 1_555 CA ? B CA . ? A CA 1103 ? 1_555 OD2 ? A ASP 39 ? A ASP 39 ? 1_555 74.3  ? 
8  O   ? A ARG 5  ? A ARG 5  ? 1_555 CA ? B CA . ? A CA 1103 ? 1_555 OD2 ? A ASP 39 ? A ASP 39 ? 1_555 78.8  ? 
9  OD1 ? A ASP 37 ? A ASP 37 ? 1_555 CA ? B CA . ? A CA 1103 ? 1_555 OD2 ? A ASP 39 ? A ASP 39 ? 1_555 124.0 ? 
10 OD2 ? A ASP 37 ? A ASP 37 ? 1_555 CA ? B CA . ? A CA 1103 ? 1_555 OD2 ? A ASP 39 ? A ASP 39 ? 1_555 79.5  ? 
11 OD1 ? A ASN 4  ? A ASN 4  ? 1_555 CA ? B CA . ? A CA 1103 ? 1_555 OD2 ? A ASP 41 ? A ASP 41 ? 1_555 77.3  ? 
12 O   ? A ARG 5  ? A ARG 5  ? 1_555 CA ? B CA . ? A CA 1103 ? 1_555 OD2 ? A ASP 41 ? A ASP 41 ? 1_555 165.2 ? 
13 OD1 ? A ASP 37 ? A ASP 37 ? 1_555 CA ? B CA . ? A CA 1103 ? 1_555 OD2 ? A ASP 41 ? A ASP 41 ? 1_555 107.1 ? 
14 OD2 ? A ASP 37 ? A ASP 37 ? 1_555 CA ? B CA . ? A CA 1103 ? 1_555 OD2 ? A ASP 41 ? A ASP 41 ? 1_555 84.5  ? 
15 OD2 ? A ASP 39 ? A ASP 39 ? 1_555 CA ? B CA . ? A CA 1103 ? 1_555 OD2 ? A ASP 41 ? A ASP 41 ? 1_555 90.8  ? 
16 OD1 ? A ASN 4  ? A ASN 4  ? 1_555 CA ? B CA . ? A CA 1103 ? 1_555 OD2 ? A ASP 87 ? A ASP 87 ? 1_555 78.5  ? 
17 O   ? A ARG 5  ? A ARG 5  ? 1_555 CA ? B CA . ? A CA 1103 ? 1_555 OD2 ? A ASP 87 ? A ASP 87 ? 1_555 85.1  ? 
18 OD1 ? A ASP 37 ? A ASP 37 ? 1_555 CA ? B CA . ? A CA 1103 ? 1_555 OD2 ? A ASP 87 ? A ASP 87 ? 1_555 81.9  ? 
19 OD2 ? A ASP 37 ? A ASP 37 ? 1_555 CA ? B CA . ? A CA 1103 ? 1_555 OD2 ? A ASP 87 ? A ASP 87 ? 1_555 131.2 ? 
20 OD2 ? A ASP 39 ? A ASP 39 ? 1_555 CA ? B CA . ? A CA 1103 ? 1_555 OD2 ? A ASP 87 ? A ASP 87 ? 1_555 148.3 ? 
21 OD2 ? A ASP 41 ? A ASP 41 ? 1_555 CA ? B CA . ? A CA 1103 ? 1_555 OD2 ? A ASP 87 ? A ASP 87 ? 1_555 99.0  ? 
# 
loop_
_pdbx_audit_revision_history.ordinal 
_pdbx_audit_revision_history.data_content_type 
_pdbx_audit_revision_history.major_revision 
_pdbx_audit_revision_history.minor_revision 
_pdbx_audit_revision_history.revision_date 
1 'Structure model' 1 0 2010-04-21 
2 'Structure model' 1 1 2011-07-13 
3 'Structure model' 1 2 2012-06-06 
4 'Structure model' 1 3 2023-12-13 
# 
_pdbx_audit_revision_details.ordinal             1 
_pdbx_audit_revision_details.revision_ordinal    1 
_pdbx_audit_revision_details.data_content_type   'Structure model' 
_pdbx_audit_revision_details.provider            repository 
_pdbx_audit_revision_details.type                'Initial release' 
_pdbx_audit_revision_details.description         ? 
_pdbx_audit_revision_details.details             ? 
# 
loop_
_pdbx_audit_revision_group.ordinal 
_pdbx_audit_revision_group.revision_ordinal 
_pdbx_audit_revision_group.data_content_type 
_pdbx_audit_revision_group.group 
1 2 'Structure model' Advisory                    
2 2 'Structure model' 'Version format compliance' 
3 3 'Structure model' Other                       
4 4 'Structure model' 'Data collection'           
5 4 'Structure model' 'Database references'       
6 4 'Structure model' 'Derived calculations'      
7 4 'Structure model' Other                       
8 4 'Structure model' 'Refinement description'    
# 
loop_
_pdbx_audit_revision_category.ordinal 
_pdbx_audit_revision_category.revision_ordinal 
_pdbx_audit_revision_category.data_content_type 
_pdbx_audit_revision_category.category 
1 4 'Structure model' chem_comp_atom                
2 4 'Structure model' chem_comp_bond                
3 4 'Structure model' database_2                    
4 4 'Structure model' pdbx_database_status          
5 4 'Structure model' pdbx_initial_refinement_model 
6 4 'Structure model' pdbx_struct_conn_angle        
7 4 'Structure model' pdbx_struct_special_symmetry  
8 4 'Structure model' struct_conn                   
9 4 'Structure model' struct_site                   
# 
loop_
_pdbx_audit_revision_item.ordinal 
_pdbx_audit_revision_item.revision_ordinal 
_pdbx_audit_revision_item.data_content_type 
_pdbx_audit_revision_item.item 
1  4 'Structure model' '_database_2.pdbx_DOI'                        
2  4 'Structure model' '_database_2.pdbx_database_accession'         
3  4 'Structure model' '_pdbx_database_status.status_code_sf'        
4  4 'Structure model' '_pdbx_struct_conn_angle.ptnr1_auth_comp_id'  
5  4 'Structure model' '_pdbx_struct_conn_angle.ptnr1_auth_seq_id'   
6  4 'Structure model' '_pdbx_struct_conn_angle.ptnr1_label_atom_id' 
7  4 'Structure model' '_pdbx_struct_conn_angle.ptnr1_label_comp_id' 
8  4 'Structure model' '_pdbx_struct_conn_angle.ptnr1_label_seq_id'  
9  4 'Structure model' '_pdbx_struct_conn_angle.ptnr3_auth_comp_id'  
10 4 'Structure model' '_pdbx_struct_conn_angle.ptnr3_auth_seq_id'   
11 4 'Structure model' '_pdbx_struct_conn_angle.ptnr3_label_atom_id' 
12 4 'Structure model' '_pdbx_struct_conn_angle.ptnr3_label_comp_id' 
13 4 'Structure model' '_pdbx_struct_conn_angle.ptnr3_label_seq_id'  
14 4 'Structure model' '_pdbx_struct_conn_angle.value'               
15 4 'Structure model' '_struct_conn.pdbx_dist_value'                
16 4 'Structure model' '_struct_conn.ptnr1_auth_comp_id'             
17 4 'Structure model' '_struct_conn.ptnr1_auth_seq_id'              
18 4 'Structure model' '_struct_conn.ptnr1_label_asym_id'            
19 4 'Structure model' '_struct_conn.ptnr1_label_atom_id'            
20 4 'Structure model' '_struct_conn.ptnr1_label_comp_id'            
21 4 'Structure model' '_struct_conn.ptnr1_label_seq_id'             
22 4 'Structure model' '_struct_conn.ptnr2_auth_comp_id'             
23 4 'Structure model' '_struct_conn.ptnr2_auth_seq_id'              
24 4 'Structure model' '_struct_conn.ptnr2_label_asym_id'            
25 4 'Structure model' '_struct_conn.ptnr2_label_atom_id'            
26 4 'Structure model' '_struct_conn.ptnr2_label_comp_id'            
27 4 'Structure model' '_struct_conn.ptnr2_label_seq_id'             
28 4 'Structure model' '_struct_site.pdbx_auth_asym_id'              
29 4 'Structure model' '_struct_site.pdbx_auth_comp_id'              
30 4 'Structure model' '_struct_site.pdbx_auth_seq_id'               
# 
loop_
_pdbx_refine_tls.pdbx_refine_id 
_pdbx_refine_tls.id 
_pdbx_refine_tls.details 
_pdbx_refine_tls.method 
_pdbx_refine_tls.origin_x 
_pdbx_refine_tls.origin_y 
_pdbx_refine_tls.origin_z 
_pdbx_refine_tls.T[1][1] 
_pdbx_refine_tls.T[2][2] 
_pdbx_refine_tls.T[3][3] 
_pdbx_refine_tls.T[1][2] 
_pdbx_refine_tls.T[1][3] 
_pdbx_refine_tls.T[2][3] 
_pdbx_refine_tls.L[1][1] 
_pdbx_refine_tls.L[2][2] 
_pdbx_refine_tls.L[3][3] 
_pdbx_refine_tls.L[1][2] 
_pdbx_refine_tls.L[1][3] 
_pdbx_refine_tls.L[2][3] 
_pdbx_refine_tls.S[1][1] 
_pdbx_refine_tls.S[1][2] 
_pdbx_refine_tls.S[1][3] 
_pdbx_refine_tls.S[2][1] 
_pdbx_refine_tls.S[2][2] 
_pdbx_refine_tls.S[2][3] 
_pdbx_refine_tls.S[3][1] 
_pdbx_refine_tls.S[3][2] 
_pdbx_refine_tls.S[3][3] 
'X-RAY DIFFRACTION' 1 ? refined -5.9894 10.9932 -7.7044 0.0445 0.0789 0.0460 0.0200  0.0035  0.0177  1.1696 3.1964 1.1151 -0.4490 0.1569  -1.4624 0.0405  0.0125  -0.1774 0.0227  0.1151  0.2552 -0.0970 -0.2168 -0.1556 
'X-RAY DIFFRACTION' 2 ? refined -5.3648 -9.2507 2.5879  0.1743 0.1957 0.2371 -0.0183 0.0199  0.0087  2.4600 0.7845 0.5564 0.3959  0.0373  0.1635  0.0090  -0.1405 -0.3373 0.0141  0.0503  0.1999 0.2270  -0.0339 -0.0593 
'X-RAY DIFFRACTION' 3 ? refined 0.1061  -0.5823 -7.3931 0.0278 0.0411 0.0617 0.0002  -0.0348 -0.0205 2.1875 6.1241 2.7965 -3.2017 1.5951  -3.4290 0.1675  0.0975  -0.3436 -0.2626 0.0750  0.4596 0.1325  -0.0492 -0.2424 
'X-RAY DIFFRACTION' 4 ? refined 3.7838  6.4462  -2.0801 0.0018 0.0544 0.0279 -0.0039 0.0034  -0.0018 0.8778 5.0110 7.3839 -2.0732 1.9560  -5.1914 -0.0083 0.0090  -0.0308 0.0293  -0.0303 0.0651 -0.0608 0.0502  0.0386  
'X-RAY DIFFRACTION' 5 ? refined 7.2808  -1.2326 2.6688  0.0201 0.0270 0.0285 0.0051  0.0104  -0.0175 2.4457 4.5248 3.8265 -1.2606 0.3746  -1.5711 0.0669  -0.0313 0.0092  0.1373  -0.0600 0.1113 0.1315  0.2298  -0.0069 
'X-RAY DIFFRACTION' 6 ? refined 4.9014  -9.1011 4.8790  0.1960 0.0689 0.1590 0.0413  -0.0398 -0.0324 1.8153 6.8117 0.0443 -0.6114 -0.0334 0.3042  0.0858  -0.1114 -0.2693 0.6635  -0.0494 0.5341 0.0835  0.0351  -0.0364 
'X-RAY DIFFRACTION' 7 ? refined -0.2526 2.2532  4.2786  0.0208 0.0314 0.0394 0.0143  0.0223  0.0315  1.3471 8.1144 6.6924 0.4166  -1.7128 -4.7247 -0.1046 -0.1951 -0.2145 0.2022  -0.0549 0.1373 0.1257  0.2212  0.1594  
'X-RAY DIFFRACTION' 8 ? refined -4.9801 -0.5258 4.2326  0.0427 0.0471 0.1315 0.0262  0.0704  0.0627  0.9332 8.5184 4.0018 1.1426  -1.2729 -3.7684 -0.1551 -0.0104 -0.1868 0.1254  0.3262  0.4465 0.0438  -0.3063 -0.1711  
# 
loop_
_pdbx_refine_tls_group.pdbx_refine_id 
_pdbx_refine_tls_group.id 
_pdbx_refine_tls_group.refine_tls_id 
_pdbx_refine_tls_group.beg_auth_asym_id 
_pdbx_refine_tls_group.beg_auth_seq_id 
_pdbx_refine_tls_group.beg_label_asym_id 
_pdbx_refine_tls_group.beg_label_seq_id 
_pdbx_refine_tls_group.end_auth_asym_id 
_pdbx_refine_tls_group.end_auth_seq_id 
_pdbx_refine_tls_group.end_label_asym_id 
_pdbx_refine_tls_group.end_label_seq_id 
_pdbx_refine_tls_group.selection 
_pdbx_refine_tls_group.selection_details 
'X-RAY DIFFRACTION' 1 1 A 1  ? ? A 13  ? ? ? ? 
'X-RAY DIFFRACTION' 2 2 A 14 ? ? A 24  ? ? ? ? 
'X-RAY DIFFRACTION' 3 3 A 25 ? ? A 39  ? ? ? ? 
'X-RAY DIFFRACTION' 4 4 A 40 ? ? A 51  ? ? ? ? 
'X-RAY DIFFRACTION' 5 5 A 52 ? ? A 61  ? ? ? ? 
'X-RAY DIFFRACTION' 6 6 A 62 ? ? A 74  ? ? ? ? 
'X-RAY DIFFRACTION' 7 7 A 75 ? ? A 89  ? ? ? ? 
'X-RAY DIFFRACTION' 8 8 A 90 ? ? A 102 ? ? ? ? 
# 
loop_
_software.name 
_software.classification 
_software.version 
_software.citation_id 
_software.pdbx_ordinal 
REFMAC   refinement       5.5.0070 ? 1 
HKL-2000 'data reduction' .        ? 2 
HKL-2000 'data scaling'   .        ? 3 
PHASER   phasing          .        ? 4 
# 
_pdbx_entry_details.entry_id                 2WBX 
_pdbx_entry_details.compound_details         ? 
_pdbx_entry_details.source_details           ? 
_pdbx_entry_details.nonpolymer_details       ? 
_pdbx_entry_details.sequence_details         
;N-TERMINAL METHIONINE IS A CLONING ARTIFACT. PROTEIN WAS
CLONED WITH AN ADDITIONAL C-TERMINAL HIS-TAG WHICH IS NOT
SEEN IN ELECTRON DENSITY AND WAS OMITTED IN THE SEQUENCE.
;
_pdbx_entry_details.has_ligand_of_interest   ? 
# 
loop_
_pdbx_validate_torsion.id 
_pdbx_validate_torsion.PDB_model_num 
_pdbx_validate_torsion.auth_comp_id 
_pdbx_validate_torsion.auth_asym_id 
_pdbx_validate_torsion.auth_seq_id 
_pdbx_validate_torsion.PDB_ins_code 
_pdbx_validate_torsion.label_alt_id 
_pdbx_validate_torsion.phi 
_pdbx_validate_torsion.psi 
1 1 THR A 16 ? ? -124.02 -101.87 
2 1 HIS A 88 ? ? 78.25   -9.93   
# 
loop_
_chem_comp_atom.comp_id 
_chem_comp_atom.atom_id 
_chem_comp_atom.type_symbol 
_chem_comp_atom.pdbx_aromatic_flag 
_chem_comp_atom.pdbx_stereo_config 
_chem_comp_atom.pdbx_ordinal 
ALA N    N  N N 1   
ALA CA   C  N S 2   
ALA C    C  N N 3   
ALA O    O  N N 4   
ALA CB   C  N N 5   
ALA OXT  O  N N 6   
ALA H    H  N N 7   
ALA H2   H  N N 8   
ALA HA   H  N N 9   
ALA HB1  H  N N 10  
ALA HB2  H  N N 11  
ALA HB3  H  N N 12  
ALA HXT  H  N N 13  
ARG N    N  N N 14  
ARG CA   C  N S 15  
ARG C    C  N N 16  
ARG O    O  N N 17  
ARG CB   C  N N 18  
ARG CG   C  N N 19  
ARG CD   C  N N 20  
ARG NE   N  N N 21  
ARG CZ   C  N N 22  
ARG NH1  N  N N 23  
ARG NH2  N  N N 24  
ARG OXT  O  N N 25  
ARG H    H  N N 26  
ARG H2   H  N N 27  
ARG HA   H  N N 28  
ARG HB2  H  N N 29  
ARG HB3  H  N N 30  
ARG HG2  H  N N 31  
ARG HG3  H  N N 32  
ARG HD2  H  N N 33  
ARG HD3  H  N N 34  
ARG HE   H  N N 35  
ARG HH11 H  N N 36  
ARG HH12 H  N N 37  
ARG HH21 H  N N 38  
ARG HH22 H  N N 39  
ARG HXT  H  N N 40  
ASN N    N  N N 41  
ASN CA   C  N S 42  
ASN C    C  N N 43  
ASN O    O  N N 44  
ASN CB   C  N N 45  
ASN CG   C  N N 46  
ASN OD1  O  N N 47  
ASN ND2  N  N N 48  
ASN OXT  O  N N 49  
ASN H    H  N N 50  
ASN H2   H  N N 51  
ASN HA   H  N N 52  
ASN HB2  H  N N 53  
ASN HB3  H  N N 54  
ASN HD21 H  N N 55  
ASN HD22 H  N N 56  
ASN HXT  H  N N 57  
ASP N    N  N N 58  
ASP CA   C  N S 59  
ASP C    C  N N 60  
ASP O    O  N N 61  
ASP CB   C  N N 62  
ASP CG   C  N N 63  
ASP OD1  O  N N 64  
ASP OD2  O  N N 65  
ASP OXT  O  N N 66  
ASP H    H  N N 67  
ASP H2   H  N N 68  
ASP HA   H  N N 69  
ASP HB2  H  N N 70  
ASP HB3  H  N N 71  
ASP HD2  H  N N 72  
ASP HXT  H  N N 73  
CA  CA   CA N N 74  
GLN N    N  N N 75  
GLN CA   C  N S 76  
GLN C    C  N N 77  
GLN O    O  N N 78  
GLN CB   C  N N 79  
GLN CG   C  N N 80  
GLN CD   C  N N 81  
GLN OE1  O  N N 82  
GLN NE2  N  N N 83  
GLN OXT  O  N N 84  
GLN H    H  N N 85  
GLN H2   H  N N 86  
GLN HA   H  N N 87  
GLN HB2  H  N N 88  
GLN HB3  H  N N 89  
GLN HG2  H  N N 90  
GLN HG3  H  N N 91  
GLN HE21 H  N N 92  
GLN HE22 H  N N 93  
GLN HXT  H  N N 94  
GLU N    N  N N 95  
GLU CA   C  N S 96  
GLU C    C  N N 97  
GLU O    O  N N 98  
GLU CB   C  N N 99  
GLU CG   C  N N 100 
GLU CD   C  N N 101 
GLU OE1  O  N N 102 
GLU OE2  O  N N 103 
GLU OXT  O  N N 104 
GLU H    H  N N 105 
GLU H2   H  N N 106 
GLU HA   H  N N 107 
GLU HB2  H  N N 108 
GLU HB3  H  N N 109 
GLU HG2  H  N N 110 
GLU HG3  H  N N 111 
GLU HE2  H  N N 112 
GLU HXT  H  N N 113 
GLY N    N  N N 114 
GLY CA   C  N N 115 
GLY C    C  N N 116 
GLY O    O  N N 117 
GLY OXT  O  N N 118 
GLY H    H  N N 119 
GLY H2   H  N N 120 
GLY HA2  H  N N 121 
GLY HA3  H  N N 122 
GLY HXT  H  N N 123 
HIS N    N  N N 124 
HIS CA   C  N S 125 
HIS C    C  N N 126 
HIS O    O  N N 127 
HIS CB   C  N N 128 
HIS CG   C  Y N 129 
HIS ND1  N  Y N 130 
HIS CD2  C  Y N 131 
HIS CE1  C  Y N 132 
HIS NE2  N  Y N 133 
HIS OXT  O  N N 134 
HIS H    H  N N 135 
HIS H2   H  N N 136 
HIS HA   H  N N 137 
HIS HB2  H  N N 138 
HIS HB3  H  N N 139 
HIS HD1  H  N N 140 
HIS HD2  H  N N 141 
HIS HE1  H  N N 142 
HIS HE2  H  N N 143 
HIS HXT  H  N N 144 
HOH O    O  N N 145 
HOH H1   H  N N 146 
HOH H2   H  N N 147 
ILE N    N  N N 148 
ILE CA   C  N S 149 
ILE C    C  N N 150 
ILE O    O  N N 151 
ILE CB   C  N S 152 
ILE CG1  C  N N 153 
ILE CG2  C  N N 154 
ILE CD1  C  N N 155 
ILE OXT  O  N N 156 
ILE H    H  N N 157 
ILE H2   H  N N 158 
ILE HA   H  N N 159 
ILE HB   H  N N 160 
ILE HG12 H  N N 161 
ILE HG13 H  N N 162 
ILE HG21 H  N N 163 
ILE HG22 H  N N 164 
ILE HG23 H  N N 165 
ILE HD11 H  N N 166 
ILE HD12 H  N N 167 
ILE HD13 H  N N 168 
ILE HXT  H  N N 169 
LEU N    N  N N 170 
LEU CA   C  N S 171 
LEU C    C  N N 172 
LEU O    O  N N 173 
LEU CB   C  N N 174 
LEU CG   C  N N 175 
LEU CD1  C  N N 176 
LEU CD2  C  N N 177 
LEU OXT  O  N N 178 
LEU H    H  N N 179 
LEU H2   H  N N 180 
LEU HA   H  N N 181 
LEU HB2  H  N N 182 
LEU HB3  H  N N 183 
LEU HG   H  N N 184 
LEU HD11 H  N N 185 
LEU HD12 H  N N 186 
LEU HD13 H  N N 187 
LEU HD21 H  N N 188 
LEU HD22 H  N N 189 
LEU HD23 H  N N 190 
LEU HXT  H  N N 191 
LYS N    N  N N 192 
LYS CA   C  N S 193 
LYS C    C  N N 194 
LYS O    O  N N 195 
LYS CB   C  N N 196 
LYS CG   C  N N 197 
LYS CD   C  N N 198 
LYS CE   C  N N 199 
LYS NZ   N  N N 200 
LYS OXT  O  N N 201 
LYS H    H  N N 202 
LYS H2   H  N N 203 
LYS HA   H  N N 204 
LYS HB2  H  N N 205 
LYS HB3  H  N N 206 
LYS HG2  H  N N 207 
LYS HG3  H  N N 208 
LYS HD2  H  N N 209 
LYS HD3  H  N N 210 
LYS HE2  H  N N 211 
LYS HE3  H  N N 212 
LYS HZ1  H  N N 213 
LYS HZ2  H  N N 214 
LYS HZ3  H  N N 215 
LYS HXT  H  N N 216 
MET N    N  N N 217 
MET CA   C  N S 218 
MET C    C  N N 219 
MET O    O  N N 220 
MET CB   C  N N 221 
MET CG   C  N N 222 
MET SD   S  N N 223 
MET CE   C  N N 224 
MET OXT  O  N N 225 
MET H    H  N N 226 
MET H2   H  N N 227 
MET HA   H  N N 228 
MET HB2  H  N N 229 
MET HB3  H  N N 230 
MET HG2  H  N N 231 
MET HG3  H  N N 232 
MET HE1  H  N N 233 
MET HE2  H  N N 234 
MET HE3  H  N N 235 
MET HXT  H  N N 236 
PHE N    N  N N 237 
PHE CA   C  N S 238 
PHE C    C  N N 239 
PHE O    O  N N 240 
PHE CB   C  N N 241 
PHE CG   C  Y N 242 
PHE CD1  C  Y N 243 
PHE CD2  C  Y N 244 
PHE CE1  C  Y N 245 
PHE CE2  C  Y N 246 
PHE CZ   C  Y N 247 
PHE OXT  O  N N 248 
PHE H    H  N N 249 
PHE H2   H  N N 250 
PHE HA   H  N N 251 
PHE HB2  H  N N 252 
PHE HB3  H  N N 253 
PHE HD1  H  N N 254 
PHE HD2  H  N N 255 
PHE HE1  H  N N 256 
PHE HE2  H  N N 257 
PHE HZ   H  N N 258 
PHE HXT  H  N N 259 
PRO N    N  N N 260 
PRO CA   C  N S 261 
PRO C    C  N N 262 
PRO O    O  N N 263 
PRO CB   C  N N 264 
PRO CG   C  N N 265 
PRO CD   C  N N 266 
PRO OXT  O  N N 267 
PRO H    H  N N 268 
PRO HA   H  N N 269 
PRO HB2  H  N N 270 
PRO HB3  H  N N 271 
PRO HG2  H  N N 272 
PRO HG3  H  N N 273 
PRO HD2  H  N N 274 
PRO HD3  H  N N 275 
PRO HXT  H  N N 276 
SER N    N  N N 277 
SER CA   C  N S 278 
SER C    C  N N 279 
SER O    O  N N 280 
SER CB   C  N N 281 
SER OG   O  N N 282 
SER OXT  O  N N 283 
SER H    H  N N 284 
SER H2   H  N N 285 
SER HA   H  N N 286 
SER HB2  H  N N 287 
SER HB3  H  N N 288 
SER HG   H  N N 289 
SER HXT  H  N N 290 
THR N    N  N N 291 
THR CA   C  N S 292 
THR C    C  N N 293 
THR O    O  N N 294 
THR CB   C  N R 295 
THR OG1  O  N N 296 
THR CG2  C  N N 297 
THR OXT  O  N N 298 
THR H    H  N N 299 
THR H2   H  N N 300 
THR HA   H  N N 301 
THR HB   H  N N 302 
THR HG1  H  N N 303 
THR HG21 H  N N 304 
THR HG22 H  N N 305 
THR HG23 H  N N 306 
THR HXT  H  N N 307 
TRP N    N  N N 308 
TRP CA   C  N S 309 
TRP C    C  N N 310 
TRP O    O  N N 311 
TRP CB   C  N N 312 
TRP CG   C  Y N 313 
TRP CD1  C  Y N 314 
TRP CD2  C  Y N 315 
TRP NE1  N  Y N 316 
TRP CE2  C  Y N 317 
TRP CE3  C  Y N 318 
TRP CZ2  C  Y N 319 
TRP CZ3  C  Y N 320 
TRP CH2  C  Y N 321 
TRP OXT  O  N N 322 
TRP H    H  N N 323 
TRP H2   H  N N 324 
TRP HA   H  N N 325 
TRP HB2  H  N N 326 
TRP HB3  H  N N 327 
TRP HD1  H  N N 328 
TRP HE1  H  N N 329 
TRP HE3  H  N N 330 
TRP HZ2  H  N N 331 
TRP HZ3  H  N N 332 
TRP HH2  H  N N 333 
TRP HXT  H  N N 334 
TYR N    N  N N 335 
TYR CA   C  N S 336 
TYR C    C  N N 337 
TYR O    O  N N 338 
TYR CB   C  N N 339 
TYR CG   C  Y N 340 
TYR CD1  C  Y N 341 
TYR CD2  C  Y N 342 
TYR CE1  C  Y N 343 
TYR CE2  C  Y N 344 
TYR CZ   C  Y N 345 
TYR OH   O  N N 346 
TYR OXT  O  N N 347 
TYR H    H  N N 348 
TYR H2   H  N N 349 
TYR HA   H  N N 350 
TYR HB2  H  N N 351 
TYR HB3  H  N N 352 
TYR HD1  H  N N 353 
TYR HD2  H  N N 354 
TYR HE1  H  N N 355 
TYR HE2  H  N N 356 
TYR HH   H  N N 357 
TYR HXT  H  N N 358 
VAL N    N  N N 359 
VAL CA   C  N S 360 
VAL C    C  N N 361 
VAL O    O  N N 362 
VAL CB   C  N N 363 
VAL CG1  C  N N 364 
VAL CG2  C  N N 365 
VAL OXT  O  N N 366 
VAL H    H  N N 367 
VAL H2   H  N N 368 
VAL HA   H  N N 369 
VAL HB   H  N N 370 
VAL HG11 H  N N 371 
VAL HG12 H  N N 372 
VAL HG13 H  N N 373 
VAL HG21 H  N N 374 
VAL HG22 H  N N 375 
VAL HG23 H  N N 376 
VAL HXT  H  N N 377 
# 
loop_
_chem_comp_bond.comp_id 
_chem_comp_bond.atom_id_1 
_chem_comp_bond.atom_id_2 
_chem_comp_bond.value_order 
_chem_comp_bond.pdbx_aromatic_flag 
_chem_comp_bond.pdbx_stereo_config 
_chem_comp_bond.pdbx_ordinal 
ALA N   CA   sing N N 1   
ALA N   H    sing N N 2   
ALA N   H2   sing N N 3   
ALA CA  C    sing N N 4   
ALA CA  CB   sing N N 5   
ALA CA  HA   sing N N 6   
ALA C   O    doub N N 7   
ALA C   OXT  sing N N 8   
ALA CB  HB1  sing N N 9   
ALA CB  HB2  sing N N 10  
ALA CB  HB3  sing N N 11  
ALA OXT HXT  sing N N 12  
ARG N   CA   sing N N 13  
ARG N   H    sing N N 14  
ARG N   H2   sing N N 15  
ARG CA  C    sing N N 16  
ARG CA  CB   sing N N 17  
ARG CA  HA   sing N N 18  
ARG C   O    doub N N 19  
ARG C   OXT  sing N N 20  
ARG CB  CG   sing N N 21  
ARG CB  HB2  sing N N 22  
ARG CB  HB3  sing N N 23  
ARG CG  CD   sing N N 24  
ARG CG  HG2  sing N N 25  
ARG CG  HG3  sing N N 26  
ARG CD  NE   sing N N 27  
ARG CD  HD2  sing N N 28  
ARG CD  HD3  sing N N 29  
ARG NE  CZ   sing N N 30  
ARG NE  HE   sing N N 31  
ARG CZ  NH1  sing N N 32  
ARG CZ  NH2  doub N N 33  
ARG NH1 HH11 sing N N 34  
ARG NH1 HH12 sing N N 35  
ARG NH2 HH21 sing N N 36  
ARG NH2 HH22 sing N N 37  
ARG OXT HXT  sing N N 38  
ASN N   CA   sing N N 39  
ASN N   H    sing N N 40  
ASN N   H2   sing N N 41  
ASN CA  C    sing N N 42  
ASN CA  CB   sing N N 43  
ASN CA  HA   sing N N 44  
ASN C   O    doub N N 45  
ASN C   OXT  sing N N 46  
ASN CB  CG   sing N N 47  
ASN CB  HB2  sing N N 48  
ASN CB  HB3  sing N N 49  
ASN CG  OD1  doub N N 50  
ASN CG  ND2  sing N N 51  
ASN ND2 HD21 sing N N 52  
ASN ND2 HD22 sing N N 53  
ASN OXT HXT  sing N N 54  
ASP N   CA   sing N N 55  
ASP N   H    sing N N 56  
ASP N   H2   sing N N 57  
ASP CA  C    sing N N 58  
ASP CA  CB   sing N N 59  
ASP CA  HA   sing N N 60  
ASP C   O    doub N N 61  
ASP C   OXT  sing N N 62  
ASP CB  CG   sing N N 63  
ASP CB  HB2  sing N N 64  
ASP CB  HB3  sing N N 65  
ASP CG  OD1  doub N N 66  
ASP CG  OD2  sing N N 67  
ASP OD2 HD2  sing N N 68  
ASP OXT HXT  sing N N 69  
GLN N   CA   sing N N 70  
GLN N   H    sing N N 71  
GLN N   H2   sing N N 72  
GLN CA  C    sing N N 73  
GLN CA  CB   sing N N 74  
GLN CA  HA   sing N N 75  
GLN C   O    doub N N 76  
GLN C   OXT  sing N N 77  
GLN CB  CG   sing N N 78  
GLN CB  HB2  sing N N 79  
GLN CB  HB3  sing N N 80  
GLN CG  CD   sing N N 81  
GLN CG  HG2  sing N N 82  
GLN CG  HG3  sing N N 83  
GLN CD  OE1  doub N N 84  
GLN CD  NE2  sing N N 85  
GLN NE2 HE21 sing N N 86  
GLN NE2 HE22 sing N N 87  
GLN OXT HXT  sing N N 88  
GLU N   CA   sing N N 89  
GLU N   H    sing N N 90  
GLU N   H2   sing N N 91  
GLU CA  C    sing N N 92  
GLU CA  CB   sing N N 93  
GLU CA  HA   sing N N 94  
GLU C   O    doub N N 95  
GLU C   OXT  sing N N 96  
GLU CB  CG   sing N N 97  
GLU CB  HB2  sing N N 98  
GLU CB  HB3  sing N N 99  
GLU CG  CD   sing N N 100 
GLU CG  HG2  sing N N 101 
GLU CG  HG3  sing N N 102 
GLU CD  OE1  doub N N 103 
GLU CD  OE2  sing N N 104 
GLU OE2 HE2  sing N N 105 
GLU OXT HXT  sing N N 106 
GLY N   CA   sing N N 107 
GLY N   H    sing N N 108 
GLY N   H2   sing N N 109 
GLY CA  C    sing N N 110 
GLY CA  HA2  sing N N 111 
GLY CA  HA3  sing N N 112 
GLY C   O    doub N N 113 
GLY C   OXT  sing N N 114 
GLY OXT HXT  sing N N 115 
HIS N   CA   sing N N 116 
HIS N   H    sing N N 117 
HIS N   H2   sing N N 118 
HIS CA  C    sing N N 119 
HIS CA  CB   sing N N 120 
HIS CA  HA   sing N N 121 
HIS C   O    doub N N 122 
HIS C   OXT  sing N N 123 
HIS CB  CG   sing N N 124 
HIS CB  HB2  sing N N 125 
HIS CB  HB3  sing N N 126 
HIS CG  ND1  sing Y N 127 
HIS CG  CD2  doub Y N 128 
HIS ND1 CE1  doub Y N 129 
HIS ND1 HD1  sing N N 130 
HIS CD2 NE2  sing Y N 131 
HIS CD2 HD2  sing N N 132 
HIS CE1 NE2  sing Y N 133 
HIS CE1 HE1  sing N N 134 
HIS NE2 HE2  sing N N 135 
HIS OXT HXT  sing N N 136 
HOH O   H1   sing N N 137 
HOH O   H2   sing N N 138 
ILE N   CA   sing N N 139 
ILE N   H    sing N N 140 
ILE N   H2   sing N N 141 
ILE CA  C    sing N N 142 
ILE CA  CB   sing N N 143 
ILE CA  HA   sing N N 144 
ILE C   O    doub N N 145 
ILE C   OXT  sing N N 146 
ILE CB  CG1  sing N N 147 
ILE CB  CG2  sing N N 148 
ILE CB  HB   sing N N 149 
ILE CG1 CD1  sing N N 150 
ILE CG1 HG12 sing N N 151 
ILE CG1 HG13 sing N N 152 
ILE CG2 HG21 sing N N 153 
ILE CG2 HG22 sing N N 154 
ILE CG2 HG23 sing N N 155 
ILE CD1 HD11 sing N N 156 
ILE CD1 HD12 sing N N 157 
ILE CD1 HD13 sing N N 158 
ILE OXT HXT  sing N N 159 
LEU N   CA   sing N N 160 
LEU N   H    sing N N 161 
LEU N   H2   sing N N 162 
LEU CA  C    sing N N 163 
LEU CA  CB   sing N N 164 
LEU CA  HA   sing N N 165 
LEU C   O    doub N N 166 
LEU C   OXT  sing N N 167 
LEU CB  CG   sing N N 168 
LEU CB  HB2  sing N N 169 
LEU CB  HB3  sing N N 170 
LEU CG  CD1  sing N N 171 
LEU CG  CD2  sing N N 172 
LEU CG  HG   sing N N 173 
LEU CD1 HD11 sing N N 174 
LEU CD1 HD12 sing N N 175 
LEU CD1 HD13 sing N N 176 
LEU CD2 HD21 sing N N 177 
LEU CD2 HD22 sing N N 178 
LEU CD2 HD23 sing N N 179 
LEU OXT HXT  sing N N 180 
LYS N   CA   sing N N 181 
LYS N   H    sing N N 182 
LYS N   H2   sing N N 183 
LYS CA  C    sing N N 184 
LYS CA  CB   sing N N 185 
LYS CA  HA   sing N N 186 
LYS C   O    doub N N 187 
LYS C   OXT  sing N N 188 
LYS CB  CG   sing N N 189 
LYS CB  HB2  sing N N 190 
LYS CB  HB3  sing N N 191 
LYS CG  CD   sing N N 192 
LYS CG  HG2  sing N N 193 
LYS CG  HG3  sing N N 194 
LYS CD  CE   sing N N 195 
LYS CD  HD2  sing N N 196 
LYS CD  HD3  sing N N 197 
LYS CE  NZ   sing N N 198 
LYS CE  HE2  sing N N 199 
LYS CE  HE3  sing N N 200 
LYS NZ  HZ1  sing N N 201 
LYS NZ  HZ2  sing N N 202 
LYS NZ  HZ3  sing N N 203 
LYS OXT HXT  sing N N 204 
MET N   CA   sing N N 205 
MET N   H    sing N N 206 
MET N   H2   sing N N 207 
MET CA  C    sing N N 208 
MET CA  CB   sing N N 209 
MET CA  HA   sing N N 210 
MET C   O    doub N N 211 
MET C   OXT  sing N N 212 
MET CB  CG   sing N N 213 
MET CB  HB2  sing N N 214 
MET CB  HB3  sing N N 215 
MET CG  SD   sing N N 216 
MET CG  HG2  sing N N 217 
MET CG  HG3  sing N N 218 
MET SD  CE   sing N N 219 
MET CE  HE1  sing N N 220 
MET CE  HE2  sing N N 221 
MET CE  HE3  sing N N 222 
MET OXT HXT  sing N N 223 
PHE N   CA   sing N N 224 
PHE N   H    sing N N 225 
PHE N   H2   sing N N 226 
PHE CA  C    sing N N 227 
PHE CA  CB   sing N N 228 
PHE CA  HA   sing N N 229 
PHE C   O    doub N N 230 
PHE C   OXT  sing N N 231 
PHE CB  CG   sing N N 232 
PHE CB  HB2  sing N N 233 
PHE CB  HB3  sing N N 234 
PHE CG  CD1  doub Y N 235 
PHE CG  CD2  sing Y N 236 
PHE CD1 CE1  sing Y N 237 
PHE CD1 HD1  sing N N 238 
PHE CD2 CE2  doub Y N 239 
PHE CD2 HD2  sing N N 240 
PHE CE1 CZ   doub Y N 241 
PHE CE1 HE1  sing N N 242 
PHE CE2 CZ   sing Y N 243 
PHE CE2 HE2  sing N N 244 
PHE CZ  HZ   sing N N 245 
PHE OXT HXT  sing N N 246 
PRO N   CA   sing N N 247 
PRO N   CD   sing N N 248 
PRO N   H    sing N N 249 
PRO CA  C    sing N N 250 
PRO CA  CB   sing N N 251 
PRO CA  HA   sing N N 252 
PRO C   O    doub N N 253 
PRO C   OXT  sing N N 254 
PRO CB  CG   sing N N 255 
PRO CB  HB2  sing N N 256 
PRO CB  HB3  sing N N 257 
PRO CG  CD   sing N N 258 
PRO CG  HG2  sing N N 259 
PRO CG  HG3  sing N N 260 
PRO CD  HD2  sing N N 261 
PRO CD  HD3  sing N N 262 
PRO OXT HXT  sing N N 263 
SER N   CA   sing N N 264 
SER N   H    sing N N 265 
SER N   H2   sing N N 266 
SER CA  C    sing N N 267 
SER CA  CB   sing N N 268 
SER CA  HA   sing N N 269 
SER C   O    doub N N 270 
SER C   OXT  sing N N 271 
SER CB  OG   sing N N 272 
SER CB  HB2  sing N N 273 
SER CB  HB3  sing N N 274 
SER OG  HG   sing N N 275 
SER OXT HXT  sing N N 276 
THR N   CA   sing N N 277 
THR N   H    sing N N 278 
THR N   H2   sing N N 279 
THR CA  C    sing N N 280 
THR CA  CB   sing N N 281 
THR CA  HA   sing N N 282 
THR C   O    doub N N 283 
THR C   OXT  sing N N 284 
THR CB  OG1  sing N N 285 
THR CB  CG2  sing N N 286 
THR CB  HB   sing N N 287 
THR OG1 HG1  sing N N 288 
THR CG2 HG21 sing N N 289 
THR CG2 HG22 sing N N 290 
THR CG2 HG23 sing N N 291 
THR OXT HXT  sing N N 292 
TRP N   CA   sing N N 293 
TRP N   H    sing N N 294 
TRP N   H2   sing N N 295 
TRP CA  C    sing N N 296 
TRP CA  CB   sing N N 297 
TRP CA  HA   sing N N 298 
TRP C   O    doub N N 299 
TRP C   OXT  sing N N 300 
TRP CB  CG   sing N N 301 
TRP CB  HB2  sing N N 302 
TRP CB  HB3  sing N N 303 
TRP CG  CD1  doub Y N 304 
TRP CG  CD2  sing Y N 305 
TRP CD1 NE1  sing Y N 306 
TRP CD1 HD1  sing N N 307 
TRP CD2 CE2  doub Y N 308 
TRP CD2 CE3  sing Y N 309 
TRP NE1 CE2  sing Y N 310 
TRP NE1 HE1  sing N N 311 
TRP CE2 CZ2  sing Y N 312 
TRP CE3 CZ3  doub Y N 313 
TRP CE3 HE3  sing N N 314 
TRP CZ2 CH2  doub Y N 315 
TRP CZ2 HZ2  sing N N 316 
TRP CZ3 CH2  sing Y N 317 
TRP CZ3 HZ3  sing N N 318 
TRP CH2 HH2  sing N N 319 
TRP OXT HXT  sing N N 320 
TYR N   CA   sing N N 321 
TYR N   H    sing N N 322 
TYR N   H2   sing N N 323 
TYR CA  C    sing N N 324 
TYR CA  CB   sing N N 325 
TYR CA  HA   sing N N 326 
TYR C   O    doub N N 327 
TYR C   OXT  sing N N 328 
TYR CB  CG   sing N N 329 
TYR CB  HB2  sing N N 330 
TYR CB  HB3  sing N N 331 
TYR CG  CD1  doub Y N 332 
TYR CG  CD2  sing Y N 333 
TYR CD1 CE1  sing Y N 334 
TYR CD1 HD1  sing N N 335 
TYR CD2 CE2  doub Y N 336 
TYR CD2 HD2  sing N N 337 
TYR CE1 CZ   doub Y N 338 
TYR CE1 HE1  sing N N 339 
TYR CE2 CZ   sing Y N 340 
TYR CE2 HE2  sing N N 341 
TYR CZ  OH   sing N N 342 
TYR OH  HH   sing N N 343 
TYR OXT HXT  sing N N 344 
VAL N   CA   sing N N 345 
VAL N   H    sing N N 346 
VAL N   H2   sing N N 347 
VAL CA  C    sing N N 348 
VAL CA  CB   sing N N 349 
VAL CA  HA   sing N N 350 
VAL C   O    doub N N 351 
VAL C   OXT  sing N N 352 
VAL CB  CG1  sing N N 353 
VAL CB  CG2  sing N N 354 
VAL CB  HB   sing N N 355 
VAL CG1 HG11 sing N N 356 
VAL CG1 HG12 sing N N 357 
VAL CG1 HG13 sing N N 358 
VAL CG2 HG21 sing N N 359 
VAL CG2 HG22 sing N N 360 
VAL CG2 HG23 sing N N 361 
VAL OXT HXT  sing N N 362 
# 
loop_
_pdbx_entity_nonpoly.entity_id 
_pdbx_entity_nonpoly.name 
_pdbx_entity_nonpoly.comp_id 
2 'CALCIUM ION' CA  
3 water         HOH 
# 
_pdbx_initial_refinement_model.id               1 
_pdbx_initial_refinement_model.entity_id_list   ? 
_pdbx_initial_refinement_model.type             'experimental model' 
_pdbx_initial_refinement_model.source_name      PDB 
_pdbx_initial_refinement_model.accession_code   1FF5 
_pdbx_initial_refinement_model.details          'PDB ENTRY 1FF5' 
# 
